data_6HUG
#
_entry.id   6HUG
#
loop_
_entity.id
_entity.type
_entity.pdbx_description
1 polymer 'Gamma-aminobutyric acid receptor subunit alpha-1'
2 polymer 'Gamma-aminobutyric acid receptor subunit beta-3'
3 polymer 'Gamma-aminobutyric acid receptor subunit gamma-2'
4 polymer 'Megabody Mb38'
5 branched alpha-D-mannopyranose-(1-2)-alpha-D-mannopyranose-(1-2)-alpha-D-mannopyranose-(1-3)-[alpha-D-mannopyranose-(1-3)-[alpha-D-mannopyranose-(1-6)]alpha-D-mannopyranose-(1-6)]beta-D-mannopyranose-(1-4)-2-acetamido-2-deoxy-beta-D-glucopyranose-(1-4)-2-acetamido-2-deoxy-beta-D-glucopyranose
6 branched 2-acetamido-2-deoxy-beta-D-glucopyranose-(1-4)-2-acetamido-2-deoxy-beta-D-glucopyranose
7 branched alpha-D-mannopyranose-(1-3)-alpha-D-mannopyranose-(1-6)-[alpha-D-mannopyranose-(1-3)]beta-D-mannopyranose-(1-4)-2-acetamido-2-deoxy-beta-D-glucopyranose-(1-4)-2-acetamido-2-deoxy-beta-D-glucopyranose
8 branched alpha-D-mannopyranose-(1-3)-[alpha-D-mannopyranose-(1-6)]beta-D-mannopyranose-(1-4)-2-acetamido-2-deoxy-beta-D-glucopyranose-(1-4)-2-acetamido-2-deoxy-beta-D-glucopyranose
9 non-polymer '[(2R)-2-octanoyloxy-3-[oxidanyl-[(1R,2R,3S,4R,5R,6S)-2,3,6-tris(oxidanyl)-4,5-diphosphonooxy-cyclohexyl]oxy-phosphoryl]oxy-propyl] octanoate'
10 non-polymer '(1aR,2aR,3S,6R,6aS,8aS,8bR,9R)-2a-hydroxy-8b-methyl-9-(prop-1-en-2-yl)hexahydro-3,6-methano-1,5,7-trioxacyclopenta[ij]c yclopropa[a]azulene-4,8(3H)-dione'
#
loop_
_entity_poly.entity_id
_entity_poly.type
_entity_poly.pdbx_seq_one_letter_code
_entity_poly.pdbx_strand_id
1 'polypeptide(L)'
;DYKDDDDKQPSLQDELKDNTTVFTRILDRLLDGYDNRLRPGLGERVTEVKTDIFVTSFGPVSDHDMEYTIDVFFRQSWKD
ERLKFKGPMTVLRLNNLMASKIWTPDTFFHNGKKSVAHNMTMPNKLLRITEDGTLLYTMRLTVRAECPMHLEDFPMDAHA
CPLKFGSYAYTRAEVVYEWTREPARSVVVAEDGSRLNQYDLLGQTVDSGIVQSSTGEYVVMTTHFHLKRKIGYFVIQTYL
PCIMTVILSQVSFWLNRESVPARTVFGVTTVLTMTTLSISARNSLPKVAYATAMDWFIAVCYAFVFSALIEFATVNYFTK
RGYAWDGKSVVPEKPKKVKDPLIKKNNTYAPTATSYTPNLARGDPGLATIAKSATIEPKEVKPETKPPEPKKTFNSVSKI
DRLSRIAFPLLFGIFNLVYWATYLNREPQLKAPTPHQ
;
A,D
2 'polypeptide(L)'
;MCSGLLELLLPIWLSWTLGTRGSEPRSVNDPGNMSFVKETVDKLLKGYDIRLRPDFGGPPVCVGMNIDIASIDMVSEVNM
DYTLTMYFQQYWRDKRLAYSGIPLNLTLDNRVADQLWVPDTYFLNDKKSFVHGVTVKNRMIRLHPDGTVLYGLRITTTAA
CMMDLRRYPLDEQNCTLEIESYGYTTDDIEFYWRGGDKAVTGVERIELPQFSIVEHRLVSRNVVFATGAYPRLSLSFRLK
RNIGYFILQTYMPSILITILSWVSFWINYDASAARVALGITTVLTMTTINTHLRETLPKIPYVKAIDMYLMGCFVFVFLA
LLEYAFVNYIFFGRGPQRQKKLAEKTAKAKNDRSKSESNRVDAHGNILLTSLEVHNEMNEVSGGIGDTRNSAISFDNSGI
QYRKQSMPREGHGRFLGDRSLPHKKTHLRRRSSQLKIKIPDLTDVNAIDRWSRIVFPFTFSLFNLVYWLYYVN
;
B,E
3 'polypeptide(L)'
;MSSPNIWSTGSSVYSTPVFSQKMTVWILLLLSLYPGFTSQKSDDDYEDYASNKTWVLTPKVPEGDVTVILNNLLEGYDNK
LRPDIGVKPTLIHTDMYVNSIGPVNAINMEYTIDIFFAQTWYDRRLKFNSTIKVLRLNSNMVGKIWIPDTFFRNSKKADA
HWITTPNRMLRIWNDGRVLYTLRLTIDAECQLQLHNFPMDEHSCPLEFSSYGYPREEIVYQWKRSSVEVGDTRSWRLYQF
SFVGLRNTTEVVKTTSGDYVVMSVYFDLSRRMGYFTIQTYIPCTLIVVLSWVSFWINKDAVPARTSLGITTVLTMTTLST
IARKSLPKVSYVTAMDLFVSVCFIFVFSALVEYGTLHYFVSNRKPSKDKDKKKKNPLLRMFSFKAPTIDIRPRSATIQMN
NATHLQERDEEYGYECLDGKDCASFFCCFEDCRTGAWRHGRIHIRIAKMDSYARIFFPTAFCLFNLVYWVSYLYLGGSGG
SGGSGKTETSQVAPA
;
C
4 'polypeptide(L)'
;QVQLQESGGGLVQTKTTTSVIDTTNDAQNLLTQAQTIVNTLKDYCPILIAKSSSSNGGTNNANTPSWQTAGGGKNSCATF
GAEFSAASDMINNAQKIVQETQQLSANQPKNITQPHNLNLNSPSSLTALAQKMLKNAQSQAEILKLANQVESDFNKLSSG
HLKDYIGKCDASAISSANMTMQNQKNNWGNGCAGVEETQSLLKTSAADFNNQTPQINQAQNLANTLIQELGNNPFRASGG
GSGGGGSGKLSDTYEQLSRLLTNDNGTNSKTSAQAINQAVNNLNERAKTLAGGTTNSPAYQATLLALRSVLGLWNSMGYA
VICGGYTKSPGENNQKDFHYTDENGNGTTINCGGSTNSNGTHSYNGTNTLKADKNVSLSIEQYEKIHEAYQILSKALKQA
GLAPLNSKGEKLEAHVTTSKYGSLRVSCAASGRTFTTYIMAWFRQAPGKEREFLAAMDQGRIQYYGDSVRGRFTISRDYA
KNSVDLQLDGLRPEDTAVYYCAAGAGFWGLRTASSYHYWGQGTQVTVSSHHHHHHEPEA
;
G
#
loop_
_chem_comp.id
_chem_comp.type
_chem_comp.name
_chem_comp.formula
BMA D-saccharide, beta linking beta-D-mannopyranose 'C6 H12 O6'
MAN D-saccharide, alpha linking alpha-D-mannopyranose 'C6 H12 O6'
NAG D-saccharide, beta linking 2-acetamido-2-deoxy-beta-D-glucopyranose 'C8 H15 N O6'
PIO non-polymer '[(2R)-2-octanoyloxy-3-[oxidanyl-[(1R,2R,3S,4R,5R,6S)-2,3,6-tris(oxidanyl)-4,5-diphosphonooxy-cyclohexyl]oxy-phosphoryl]oxy-propyl] octanoate' 'C25 H49 O19 P3'
RI5 non-polymer '(1aR,2aR,3S,6R,6aS,8aS,8bR,9R)-2a-hydroxy-8b-methyl-9-(prop-1-en-2-yl)hexahydro-3,6-methano-1,5,7-trioxacyclopenta[ij]c yclopropa[a]azulene-4,8(3H)-dione' 'C15 H16 O6'
#
# COMPACT_ATOMS: atom_id res chain seq x y z
N ASP A 18 -23.68 -41.19 32.38
CA ASP A 18 -25.11 -41.16 32.14
C ASP A 18 -25.50 -39.78 31.62
N ASN A 19 -24.94 -38.73 32.24
CA ASN A 19 -25.19 -37.37 31.79
C ASN A 19 -24.57 -37.11 30.43
N THR A 20 -23.43 -37.74 30.14
CA THR A 20 -22.82 -37.58 28.83
C THR A 20 -23.57 -38.36 27.76
N THR A 21 -24.28 -39.43 28.14
CA THR A 21 -25.09 -40.17 27.16
C THR A 21 -26.34 -39.39 26.80
N VAL A 22 -26.98 -38.77 27.79
CA VAL A 22 -28.16 -37.94 27.53
C VAL A 22 -27.78 -36.70 26.72
N PHE A 23 -26.58 -36.17 26.95
CA PHE A 23 -26.11 -35.00 26.20
C PHE A 23 -25.90 -35.32 24.73
N THR A 24 -25.32 -36.48 24.42
CA THR A 24 -25.13 -36.87 23.03
C THR A 24 -26.44 -37.26 22.37
N ARG A 25 -27.41 -37.78 23.14
CA ARG A 25 -28.71 -38.10 22.57
C ARG A 25 -29.49 -36.85 22.19
N ILE A 26 -29.33 -35.77 22.97
CA ILE A 26 -29.98 -34.51 22.61
C ILE A 26 -29.34 -33.91 21.37
N LEU A 27 -28.01 -34.01 21.24
CA LEU A 27 -27.31 -33.46 20.08
C LEU A 27 -27.65 -34.22 18.81
N ASP A 28 -27.84 -35.54 18.91
CA ASP A 28 -28.15 -36.33 17.73
C ASP A 28 -29.57 -36.09 17.25
N ARG A 29 -30.48 -35.70 18.14
CA ARG A 29 -31.89 -35.58 17.81
C ARG A 29 -32.36 -34.13 17.70
N LEU A 30 -31.45 -33.16 17.71
CA LEU A 30 -31.82 -31.78 17.43
C LEU A 30 -32.26 -31.61 15.98
N LEU A 31 -31.42 -32.07 15.05
CA LEU A 31 -31.54 -31.69 13.65
C LEU A 31 -32.32 -32.71 12.82
N ASP A 32 -32.95 -33.68 13.46
CA ASP A 32 -33.85 -34.58 12.73
C ASP A 32 -35.12 -33.84 12.37
N GLY A 33 -35.44 -33.82 11.07
CA GLY A 33 -36.57 -33.05 10.61
C GLY A 33 -36.33 -31.55 10.58
N TYR A 34 -35.08 -31.13 10.59
CA TYR A 34 -34.73 -29.71 10.55
C TYR A 34 -34.30 -29.33 9.14
N ASP A 35 -34.73 -28.15 8.70
CA ASP A 35 -34.37 -27.63 7.38
C ASP A 35 -33.74 -26.27 7.58
N ASN A 36 -32.43 -26.18 7.33
CA ASN A 36 -31.69 -24.93 7.47
C ASN A 36 -31.84 -23.99 6.29
N ARG A 37 -32.55 -24.41 5.25
CA ARG A 37 -32.75 -23.57 4.07
C ARG A 37 -33.85 -22.52 4.27
N LEU A 38 -34.63 -22.61 5.33
CA LEU A 38 -35.80 -21.75 5.48
C LEU A 38 -35.81 -21.10 6.86
N ARG A 39 -36.29 -19.86 6.87
CA ARG A 39 -36.32 -19.01 8.06
C ARG A 39 -37.28 -19.60 9.10
N PRO A 40 -36.97 -19.45 10.40
CA PRO A 40 -37.93 -19.85 11.44
C PRO A 40 -39.20 -19.03 11.40
N GLY A 41 -40.31 -19.70 11.10
CA GLY A 41 -41.57 -19.02 10.87
C GLY A 41 -41.57 -18.32 9.54
N LEU A 42 -41.38 -19.07 8.45
CA LEU A 42 -41.30 -18.47 7.13
C LEU A 42 -42.65 -17.99 6.62
N GLY A 43 -43.74 -18.57 7.12
CA GLY A 43 -45.06 -18.08 6.79
C GLY A 43 -45.87 -17.72 8.03
N GLU A 44 -45.19 -17.51 9.15
CA GLU A 44 -45.85 -17.27 10.42
C GLU A 44 -45.61 -15.87 10.95
N ARG A 45 -44.36 -15.45 11.13
CA ARG A 45 -44.06 -14.19 11.77
C ARG A 45 -42.67 -13.73 11.35
N VAL A 46 -42.32 -12.51 11.74
CA VAL A 46 -41.00 -11.98 11.46
C VAL A 46 -40.00 -12.51 12.48
N THR A 47 -38.73 -12.50 12.10
CA THR A 47 -37.65 -13.01 12.94
C THR A 47 -36.95 -11.84 13.62
N GLU A 48 -37.16 -11.70 14.93
CA GLU A 48 -36.54 -10.62 15.70
C GLU A 48 -35.18 -11.08 16.16
N VAL A 49 -34.14 -10.67 15.45
CA VAL A 49 -32.75 -10.97 15.82
C VAL A 49 -32.22 -9.78 16.60
N LYS A 50 -31.95 -9.98 17.89
CA LYS A 50 -31.45 -8.92 18.75
C LYS A 50 -29.91 -8.96 18.73
N THR A 51 -29.30 -7.85 18.37
CA THR A 51 -27.86 -7.78 18.15
C THR A 51 -27.17 -7.00 19.28
N ASP A 52 -25.84 -7.13 19.30
CA ASP A 52 -25.02 -6.64 20.40
C ASP A 52 -23.57 -6.63 19.94
N ILE A 53 -22.88 -5.50 20.12
CA ILE A 53 -21.51 -5.32 19.66
C ILE A 53 -20.65 -4.90 20.84
N PHE A 54 -19.54 -5.59 21.04
CA PHE A 54 -18.49 -5.16 21.95
C PHE A 54 -17.23 -4.87 21.15
N VAL A 55 -16.78 -3.63 21.17
CA VAL A 55 -15.65 -3.17 20.37
C VAL A 55 -14.38 -3.29 21.19
N THR A 56 -13.42 -4.08 20.71
CA THR A 56 -12.16 -4.26 21.42
C THR A 56 -11.05 -3.35 20.93
N SER A 57 -11.07 -2.96 19.65
CA SER A 57 -10.07 -2.04 19.13
C SER A 57 -10.66 -1.30 17.94
N PHE A 58 -10.89 -0.01 18.09
CA PHE A 58 -11.21 0.87 16.96
C PHE A 58 -9.89 1.20 16.30
N GLY A 59 -9.51 0.39 15.31
CA GLY A 59 -8.16 0.38 14.80
C GLY A 59 -7.80 1.54 13.90
N PRO A 60 -6.80 1.34 13.04
CA PRO A 60 -6.18 2.46 12.31
C PRO A 60 -7.10 3.05 11.25
N VAL A 61 -7.38 4.33 11.37
CA VAL A 61 -8.18 5.06 10.40
C VAL A 61 -7.23 5.60 9.33
N SER A 62 -7.42 5.17 8.09
CA SER A 62 -6.58 5.61 6.97
C SER A 62 -7.30 6.72 6.24
N ASP A 63 -6.67 7.90 6.18
CA ASP A 63 -7.23 9.01 5.43
C ASP A 63 -7.05 8.84 3.93
N HIS A 64 -6.04 8.08 3.51
CA HIS A 64 -5.79 7.90 2.08
C HIS A 64 -6.84 7.00 1.45
N ASP A 65 -7.11 5.85 2.06
CA ASP A 65 -8.12 4.93 1.56
C ASP A 65 -9.52 5.30 2.01
N MET A 66 -9.65 6.27 2.93
CA MET A 66 -10.91 6.73 3.52
C MET A 66 -11.69 5.57 4.15
N GLU A 67 -11.01 4.87 5.06
CA GLU A 67 -11.52 3.65 5.66
C GLU A 67 -11.09 3.60 7.12
N TYR A 68 -11.57 2.58 7.83
CA TYR A 68 -11.13 2.32 9.20
C TYR A 68 -11.30 0.84 9.47
N THR A 69 -10.53 0.36 10.45
CA THR A 69 -10.57 -1.03 10.88
C THR A 69 -11.15 -1.09 12.28
N ILE A 70 -11.96 -2.10 12.56
CA ILE A 70 -12.54 -2.30 13.88
C ILE A 70 -12.59 -3.79 14.20
N ASP A 71 -12.24 -4.14 15.44
CA ASP A 71 -12.38 -5.50 15.95
C ASP A 71 -13.57 -5.54 16.88
N VAL A 72 -14.52 -6.44 16.62
CA VAL A 72 -15.75 -6.52 17.38
C VAL A 72 -15.97 -7.95 17.87
N PHE A 73 -16.68 -8.07 18.99
CA PHE A 73 -17.40 -9.28 19.35
C PHE A 73 -18.85 -9.05 18.99
N PHE A 74 -19.33 -9.76 17.98
CA PHE A 74 -20.60 -9.48 17.36
C PHE A 74 -21.61 -10.53 17.80
N ARG A 75 -22.46 -10.16 18.75
CA ARG A 75 -23.40 -11.08 19.38
C ARG A 75 -24.76 -10.97 18.71
N GLN A 76 -25.37 -12.12 18.43
CA GLN A 76 -26.72 -12.17 17.88
C GLN A 76 -27.55 -13.16 18.68
N SER A 77 -28.84 -12.86 18.80
CA SER A 77 -29.77 -13.69 19.55
C SER A 77 -31.13 -13.68 18.89
N TRP A 78 -31.68 -14.87 18.64
CA TRP A 78 -33.00 -15.00 18.04
C TRP A 78 -33.59 -16.31 18.52
N LYS A 79 -34.89 -16.47 18.30
CA LYS A 79 -35.62 -17.64 18.77
C LYS A 79 -35.94 -18.56 17.60
N ASP A 80 -35.50 -19.81 17.69
CA ASP A 80 -35.87 -20.85 16.73
C ASP A 80 -36.64 -21.91 17.50
N GLU A 81 -37.93 -22.04 17.18
CA GLU A 81 -38.82 -22.94 17.91
C GLU A 81 -38.53 -24.40 17.61
N ARG A 82 -37.90 -24.70 16.46
CA ARG A 82 -37.61 -26.06 16.06
C ARG A 82 -36.46 -26.69 16.85
N LEU A 83 -35.72 -25.91 17.63
CA LEU A 83 -34.57 -26.39 18.38
C LEU A 83 -34.84 -26.46 19.87
N LYS A 84 -36.09 -26.61 20.28
CA LYS A 84 -36.41 -26.83 21.68
C LYS A 84 -35.99 -28.24 22.09
N PHE A 85 -35.64 -28.40 23.36
CA PHE A 85 -35.23 -29.71 23.86
C PHE A 85 -35.65 -29.84 25.31
N LYS A 86 -35.54 -31.07 25.82
CA LYS A 86 -35.74 -31.38 27.22
C LYS A 86 -34.56 -32.20 27.72
N GLY A 87 -34.03 -31.83 28.87
CA GLY A 87 -32.89 -32.52 29.44
C GLY A 87 -32.50 -31.98 30.79
N PRO A 88 -31.40 -32.49 31.35
CA PRO A 88 -30.94 -31.97 32.65
C PRO A 88 -30.37 -30.57 32.56
N MET A 89 -29.63 -30.28 31.50
CA MET A 89 -29.04 -28.96 31.32
C MET A 89 -30.09 -27.96 30.85
N THR A 90 -29.73 -26.68 30.93
CA THR A 90 -30.57 -25.60 30.43
C THR A 90 -29.95 -24.85 29.27
N VAL A 91 -28.71 -25.19 28.89
CA VAL A 91 -28.04 -24.54 27.77
C VAL A 91 -27.12 -25.55 27.10
N LEU A 92 -27.13 -25.57 25.78
CA LEU A 92 -26.26 -26.41 24.98
C LEU A 92 -25.10 -25.60 24.42
N ARG A 93 -24.03 -26.31 24.05
CA ARG A 93 -22.90 -25.73 23.33
C ARG A 93 -22.64 -26.61 22.12
N LEU A 94 -22.49 -25.98 20.96
CA LEU A 94 -22.49 -26.72 19.70
C LEU A 94 -21.13 -26.67 19.03
N ASN A 95 -20.82 -27.75 18.32
CA ASN A 95 -19.67 -27.83 17.45
C ASN A 95 -19.87 -26.89 16.25
N ASN A 96 -18.77 -26.58 15.56
CA ASN A 96 -18.89 -25.82 14.32
C ASN A 96 -19.57 -26.64 13.23
N LEU A 97 -19.44 -27.96 13.28
CA LEU A 97 -20.15 -28.82 12.34
C LEU A 97 -21.66 -28.76 12.55
N MET A 98 -22.10 -28.66 13.81
CA MET A 98 -23.51 -28.55 14.08
C MET A 98 -24.03 -27.12 13.91
N ALA A 99 -23.18 -26.13 14.14
CA ALA A 99 -23.60 -24.74 13.96
C ALA A 99 -23.75 -24.36 12.49
N SER A 100 -23.07 -25.08 11.59
CA SER A 100 -23.20 -24.84 10.16
C SER A 100 -24.39 -25.55 9.54
N LYS A 101 -25.13 -26.34 10.32
CA LYS A 101 -26.32 -27.03 9.85
C LYS A 101 -27.59 -26.38 10.36
N ILE A 102 -27.48 -25.21 10.98
CA ILE A 102 -28.59 -24.49 11.58
C ILE A 102 -28.70 -23.14 10.88
N TRP A 103 -29.94 -22.67 10.69
CA TRP A 103 -30.17 -21.33 10.14
C TRP A 103 -29.53 -20.27 11.02
N THR A 104 -28.82 -19.35 10.38
CA THR A 104 -28.13 -18.25 11.01
C THR A 104 -28.39 -17.07 10.07
N PRO A 105 -28.79 -15.91 10.59
CA PRO A 105 -29.13 -14.79 9.70
C PRO A 105 -27.91 -14.25 8.96
N ASP A 106 -28.14 -13.85 7.71
CA ASP A 106 -27.09 -13.42 6.81
C ASP A 106 -26.74 -11.94 7.01
N THR A 107 -26.17 -11.65 8.17
CA THR A 107 -25.74 -10.30 8.48
C THR A 107 -24.48 -9.96 7.71
N PHE A 108 -24.53 -8.89 6.93
CA PHE A 108 -23.37 -8.36 6.25
C PHE A 108 -23.23 -6.90 6.64
N PHE A 109 -22.05 -6.34 6.39
CA PHE A 109 -21.78 -4.93 6.68
C PHE A 109 -21.94 -4.14 5.40
N HIS A 110 -22.81 -3.14 5.42
CA HIS A 110 -23.15 -2.38 4.21
C HIS A 110 -21.97 -1.62 3.64
N ASN A 111 -21.05 -1.16 4.50
CA ASN A 111 -19.89 -0.42 4.05
C ASN A 111 -18.57 -1.15 4.32
N GLY A 112 -18.62 -2.46 4.51
CA GLY A 112 -17.39 -3.20 4.73
C GLY A 112 -16.63 -3.39 3.43
N LYS A 113 -15.32 -3.19 3.47
CA LYS A 113 -14.47 -3.33 2.29
C LYS A 113 -13.89 -4.73 2.17
N LYS A 114 -13.17 -5.17 3.20
CA LYS A 114 -12.64 -6.54 3.23
C LYS A 114 -12.52 -6.91 4.70
N SER A 115 -13.50 -7.64 5.20
CA SER A 115 -13.59 -8.00 6.60
C SER A 115 -13.25 -9.47 6.80
N VAL A 116 -12.76 -9.79 8.01
CA VAL A 116 -12.15 -11.08 8.31
C VAL A 116 -12.91 -11.72 9.46
N ALA A 117 -13.34 -12.96 9.27
CA ALA A 117 -13.83 -13.78 10.36
C ALA A 117 -12.68 -14.64 10.86
N HIS A 118 -12.33 -14.50 12.14
CA HIS A 118 -11.14 -15.11 12.69
C HIS A 118 -11.36 -16.58 13.03
N ASN A 119 -10.33 -17.41 12.81
CA ASN A 119 -10.44 -18.82 13.14
C ASN A 119 -9.16 -19.38 13.74
N MET A 120 -8.41 -18.57 14.48
CA MET A 120 -7.21 -19.04 15.18
C MET A 120 -7.55 -19.20 16.65
N THR A 121 -7.33 -20.41 17.20
CA THR A 121 -6.82 -21.57 16.48
C THR A 121 -7.99 -22.42 16.00
N MET A 122 -9.11 -22.26 16.67
CA MET A 122 -10.40 -22.78 16.28
C MET A 122 -11.28 -21.63 15.78
N PRO A 123 -12.32 -21.91 14.99
CA PRO A 123 -13.22 -20.82 14.54
C PRO A 123 -13.95 -20.16 15.70
N ASN A 124 -13.82 -18.83 15.77
CA ASN A 124 -14.29 -18.05 16.91
C ASN A 124 -15.79 -17.79 16.77
N LYS A 125 -16.55 -18.87 16.88
CA LYS A 125 -18.00 -18.85 16.79
C LYS A 125 -18.54 -19.69 17.94
N LEU A 126 -19.66 -19.27 18.52
CA LEU A 126 -20.22 -19.96 19.66
C LEU A 126 -21.74 -19.90 19.57
N LEU A 127 -22.36 -21.03 19.24
CA LEU A 127 -23.81 -21.11 19.10
C LEU A 127 -24.37 -21.89 20.29
N ARG A 128 -25.24 -21.24 21.06
CA ARG A 128 -25.82 -21.82 22.26
C ARG A 128 -27.33 -21.94 22.09
N ILE A 129 -27.90 -23.02 22.63
CA ILE A 129 -29.34 -23.27 22.59
C ILE A 129 -29.84 -23.36 24.03
N THR A 130 -30.77 -22.50 24.40
CA THR A 130 -31.46 -22.65 25.67
C THR A 130 -32.64 -23.59 25.50
N GLU A 131 -33.35 -23.87 26.60
CA GLU A 131 -34.37 -24.91 26.60
C GLU A 131 -35.62 -24.52 25.83
N ASP A 132 -35.84 -23.23 25.58
CA ASP A 132 -36.96 -22.78 24.76
C ASP A 132 -36.54 -22.45 23.33
N GLY A 133 -35.32 -22.81 22.95
CA GLY A 133 -34.88 -22.58 21.58
C GLY A 133 -34.35 -21.20 21.28
N THR A 134 -33.99 -20.43 22.30
CA THR A 134 -33.41 -19.10 22.09
C THR A 134 -31.95 -19.26 21.74
N LEU A 135 -31.62 -19.07 20.46
CA LEU A 135 -30.26 -19.18 20.00
C LEU A 135 -29.45 -17.94 20.39
N LEU A 136 -28.18 -18.16 20.71
CA LEU A 136 -27.22 -17.08 20.97
C LEU A 136 -25.96 -17.38 20.17
N TYR A 137 -25.49 -16.40 19.42
CA TYR A 137 -24.46 -16.64 18.41
C TYR A 137 -23.47 -15.49 18.40
N THR A 138 -22.25 -15.73 18.89
CA THR A 138 -21.22 -14.72 19.00
C THR A 138 -20.12 -14.98 17.98
N MET A 139 -19.55 -13.91 17.43
CA MET A 139 -18.46 -14.03 16.49
C MET A 139 -17.40 -12.99 16.78
N ARG A 140 -16.15 -13.33 16.55
CA ARG A 140 -15.08 -12.37 16.74
C ARG A 140 -14.78 -11.96 15.32
N LEU A 141 -14.92 -10.68 15.02
CA LEU A 141 -14.75 -10.19 13.67
C LEU A 141 -13.74 -9.06 13.62
N THR A 142 -13.11 -8.90 12.46
CA THR A 142 -12.34 -7.71 12.10
C THR A 142 -12.97 -7.11 10.86
N VAL A 143 -13.48 -5.89 10.97
CA VAL A 143 -14.26 -5.27 9.91
C VAL A 143 -13.50 -4.04 9.41
N ARG A 144 -13.09 -4.06 8.15
CA ARG A 144 -12.49 -2.89 7.53
C ARG A 144 -13.58 -2.16 6.76
N ALA A 145 -14.13 -1.12 7.36
CA ALA A 145 -15.31 -0.44 6.82
C ALA A 145 -14.93 0.87 6.16
N GLU A 146 -15.88 1.42 5.41
CA GLU A 146 -15.66 2.61 4.60
C GLU A 146 -16.16 3.84 5.34
N CYS A 147 -15.28 4.79 5.58
CA CYS A 147 -15.64 6.05 6.23
C CYS A 147 -15.45 7.20 5.26
N PRO A 148 -16.51 7.71 4.64
CA PRO A 148 -16.38 8.91 3.81
C PRO A 148 -16.12 10.14 4.66
N MET A 149 -15.21 10.99 4.18
CA MET A 149 -14.71 12.13 4.94
C MET A 149 -14.90 13.41 4.16
N HIS A 150 -15.09 14.50 4.90
CA HIS A 150 -15.20 15.85 4.35
C HIS A 150 -13.92 16.56 4.77
N LEU A 151 -12.90 16.53 3.92
CA LEU A 151 -11.61 17.11 4.23
C LEU A 151 -11.53 18.59 3.85
N GLU A 152 -12.65 19.30 3.91
CA GLU A 152 -12.67 20.73 3.59
C GLU A 152 -11.96 21.56 4.65
N ASP A 153 -11.86 21.08 5.88
CA ASP A 153 -11.24 21.80 6.97
C ASP A 153 -10.04 21.04 7.52
N PHE A 154 -9.22 20.47 6.63
CA PHE A 154 -8.03 19.75 7.07
C PHE A 154 -6.99 20.71 7.62
N PRO A 155 -6.47 20.48 8.83
CA PRO A 155 -6.68 19.34 9.71
C PRO A 155 -7.67 19.59 10.85
N MET A 156 -8.34 20.73 10.84
CA MET A 156 -9.22 21.13 11.93
C MET A 156 -10.66 20.69 11.69
N ASP A 157 -10.84 19.42 11.36
CA ASP A 157 -12.13 18.87 10.98
C ASP A 157 -12.51 17.71 11.88
N ALA A 158 -13.75 17.25 11.71
CA ALA A 158 -14.31 16.18 12.52
C ALA A 158 -15.42 15.52 11.71
N HIS A 159 -15.51 14.21 11.81
CA HIS A 159 -16.47 13.46 11.02
C HIS A 159 -16.86 12.18 11.74
N ALA A 160 -17.99 11.63 11.32
CA ALA A 160 -18.55 10.42 11.93
C ALA A 160 -18.37 9.25 10.99
N CYS A 161 -17.71 8.19 11.46
CA CYS A 161 -17.50 6.99 10.66
C CYS A 161 -18.60 5.98 10.95
N PRO A 162 -19.43 5.63 9.99
CA PRO A 162 -20.54 4.70 10.27
C PRO A 162 -20.10 3.25 10.25
N LEU A 163 -20.81 2.43 11.02
CA LEU A 163 -20.70 0.98 10.97
C LEU A 163 -22.11 0.43 10.84
N LYS A 164 -22.48 0.02 9.64
CA LYS A 164 -23.87 -0.26 9.30
C LYS A 164 -24.00 -1.69 8.84
N PHE A 165 -24.91 -2.45 9.46
CA PHE A 165 -25.09 -3.84 9.11
C PHE A 165 -26.57 -4.18 9.03
N GLY A 166 -26.86 -5.30 8.38
CA GLY A 166 -28.24 -5.73 8.19
C GLY A 166 -28.26 -7.06 7.48
N SER A 167 -29.47 -7.55 7.23
CA SER A 167 -29.64 -8.80 6.51
C SER A 167 -29.48 -8.59 5.02
N TYR A 168 -28.94 -9.60 4.33
CA TYR A 168 -28.69 -9.47 2.90
C TYR A 168 -29.89 -9.88 2.07
N ALA A 169 -30.48 -11.03 2.36
CA ALA A 169 -31.55 -11.59 1.56
C ALA A 169 -32.94 -11.28 2.09
N TYR A 170 -33.06 -11.08 3.40
CA TYR A 170 -34.36 -11.04 4.05
C TYR A 170 -34.82 -9.60 4.26
N THR A 171 -36.09 -9.34 3.94
CA THR A 171 -36.63 -7.99 3.95
C THR A 171 -37.15 -7.64 5.35
N ARG A 172 -37.87 -6.52 5.46
CA ARG A 172 -38.47 -6.14 6.74
C ARG A 172 -39.58 -7.08 7.16
N ALA A 173 -40.30 -7.65 6.21
CA ALA A 173 -41.38 -8.57 6.52
C ALA A 173 -40.90 -9.97 6.86
N GLU A 174 -39.59 -10.20 6.84
CA GLU A 174 -39.01 -11.50 7.14
C GLU A 174 -38.08 -11.47 8.35
N VAL A 175 -37.07 -10.60 8.36
CA VAL A 175 -36.12 -10.52 9.46
C VAL A 175 -36.01 -9.06 9.90
N VAL A 176 -36.25 -8.82 11.19
CA VAL A 176 -36.14 -7.51 11.80
C VAL A 176 -35.02 -7.56 12.83
N TYR A 177 -34.09 -6.60 12.76
CA TYR A 177 -33.01 -6.51 13.74
C TYR A 177 -33.37 -5.55 14.86
N GLU A 178 -32.85 -5.85 16.05
CA GLU A 178 -33.02 -5.03 17.24
C GLU A 178 -31.69 -5.02 17.99
N TRP A 179 -31.68 -4.33 19.13
CA TRP A 179 -30.55 -4.36 20.04
C TRP A 179 -30.95 -5.08 21.33
N THR A 180 -29.98 -5.70 21.99
CA THR A 180 -30.27 -6.52 23.17
C THR A 180 -30.44 -5.71 24.44
N ARG A 181 -30.30 -4.39 24.38
CA ARG A 181 -30.33 -3.53 25.54
C ARG A 181 -30.95 -2.20 25.11
N GLU A 182 -30.69 -1.16 25.87
CA GLU A 182 -30.90 0.19 25.35
C GLU A 182 -29.93 0.43 24.20
N PRO A 183 -30.32 1.21 23.20
CA PRO A 183 -29.44 1.39 22.03
C PRO A 183 -28.11 2.06 22.33
N ALA A 184 -28.09 3.06 23.21
CA ALA A 184 -26.83 3.70 23.58
C ALA A 184 -25.94 2.78 24.41
N ARG A 185 -26.55 1.84 25.13
CA ARG A 185 -25.80 0.87 25.93
C ARG A 185 -25.50 -0.42 25.19
N SER A 186 -25.85 -0.50 23.90
CA SER A 186 -25.72 -1.76 23.16
C SER A 186 -24.37 -1.91 22.49
N VAL A 187 -23.74 -0.83 22.07
CA VAL A 187 -22.39 -0.88 21.51
C VAL A 187 -21.44 -0.40 22.59
N VAL A 188 -20.61 -1.30 23.09
CA VAL A 188 -19.71 -1.03 24.21
C VAL A 188 -18.29 -1.07 23.67
N VAL A 189 -17.63 0.07 23.67
CA VAL A 189 -16.22 0.16 23.31
C VAL A 189 -15.40 -0.10 24.57
N ALA A 190 -14.36 -0.92 24.45
CA ALA A 190 -13.51 -1.23 25.59
C ALA A 190 -12.72 0.00 26.03
N GLU A 191 -12.34 0.01 27.31
CA GLU A 191 -11.63 1.16 27.87
C GLU A 191 -10.20 1.25 27.36
N ASP A 192 -9.60 0.12 27.01
CA ASP A 192 -8.30 0.10 26.36
C ASP A 192 -8.40 0.17 24.84
N GLY A 193 -9.62 0.22 24.29
CA GLY A 193 -9.83 0.14 22.87
C GLY A 193 -9.99 1.46 22.14
N SER A 194 -8.94 2.28 22.11
CA SER A 194 -8.96 3.52 21.32
C SER A 194 -8.06 3.40 20.11
N ARG A 195 -6.77 3.08 20.31
CA ARG A 195 -5.86 2.55 19.29
C ARG A 195 -5.68 3.48 18.09
N LEU A 196 -5.77 4.79 18.34
CA LEU A 196 -5.61 5.81 17.31
C LEU A 196 -4.42 6.70 17.64
N ASN A 197 -3.58 6.96 16.64
CA ASN A 197 -2.45 7.85 16.84
C ASN A 197 -2.73 9.26 16.30
N GLN A 198 -3.66 9.38 15.36
CA GLN A 198 -3.98 10.68 14.77
C GLN A 198 -5.40 11.23 14.98
N TYR A 199 -6.25 10.46 15.65
CA TYR A 199 -7.63 10.87 15.88
C TYR A 199 -8.02 10.68 17.33
N ASP A 200 -9.07 11.35 17.77
CA ASP A 200 -9.49 11.22 19.16
C ASP A 200 -10.94 10.76 19.16
N LEU A 201 -11.16 9.51 19.56
CA LEU A 201 -12.50 8.90 19.57
C LEU A 201 -13.31 9.54 20.68
N LEU A 202 -14.27 10.40 20.30
CA LEU A 202 -15.02 11.17 21.28
C LEU A 202 -16.20 10.39 21.82
N GLY A 203 -16.85 9.58 20.99
CA GLY A 203 -18.01 8.84 21.43
C GLY A 203 -18.73 8.24 20.24
N GLN A 204 -19.68 7.37 20.55
CA GLN A 204 -20.45 6.69 19.53
C GLN A 204 -21.93 7.07 19.62
N THR A 205 -22.64 6.86 18.50
CA THR A 205 -24.07 7.14 18.42
C THR A 205 -24.72 5.98 17.70
N VAL A 206 -25.66 5.31 18.37
CA VAL A 206 -26.29 4.10 17.86
C VAL A 206 -27.71 4.44 17.41
N ASP A 207 -28.04 4.07 16.18
CA ASP A 207 -29.34 4.37 15.59
C ASP A 207 -29.75 3.17 14.75
N SER A 208 -30.86 3.31 14.02
CA SER A 208 -31.35 2.24 13.15
C SER A 208 -32.10 2.86 11.99
N GLY A 209 -32.02 2.22 10.83
CA GLY A 209 -32.60 2.78 9.62
C GLY A 209 -33.22 1.77 8.68
N ILE A 210 -33.61 2.23 7.49
CA ILE A 210 -34.30 1.43 6.47
C ILE A 210 -33.76 1.83 5.11
N VAL A 211 -33.31 0.84 4.32
CA VAL A 211 -32.99 1.09 2.91
C VAL A 211 -34.19 0.74 2.05
N GLN A 212 -34.24 1.36 0.88
CA GLN A 212 -35.08 0.89 -0.22
C GLN A 212 -34.12 0.45 -1.33
N SER A 213 -33.83 -0.84 -1.38
CA SER A 213 -33.00 -1.38 -2.45
C SER A 213 -33.89 -1.73 -3.65
N SER A 214 -33.29 -2.35 -4.66
CA SER A 214 -34.08 -2.86 -5.77
C SER A 214 -34.87 -4.11 -5.38
N THR A 215 -34.43 -4.81 -4.33
CA THR A 215 -35.08 -6.02 -3.88
C THR A 215 -36.16 -5.77 -2.84
N GLY A 216 -36.02 -4.76 -2.00
CA GLY A 216 -37.04 -4.42 -1.03
C GLY A 216 -36.43 -3.74 0.19
N GLU A 217 -37.29 -3.51 1.18
CA GLU A 217 -36.92 -2.76 2.38
C GLU A 217 -36.18 -3.67 3.37
N TYR A 218 -35.00 -3.24 3.80
CA TYR A 218 -34.20 -3.97 4.77
C TYR A 218 -34.06 -3.12 6.03
N VAL A 219 -33.88 -3.80 7.17
CA VAL A 219 -33.61 -3.11 8.44
C VAL A 219 -32.10 -2.98 8.59
N VAL A 220 -31.62 -1.75 8.77
CA VAL A 220 -30.19 -1.47 8.82
C VAL A 220 -29.87 -0.91 10.21
N MET A 221 -29.19 -1.71 11.03
CA MET A 221 -28.60 -1.20 12.25
C MET A 221 -27.43 -0.29 11.90
N THR A 222 -27.20 0.71 12.75
CA THR A 222 -26.20 1.72 12.43
C THR A 222 -25.52 2.20 13.70
N THR A 223 -24.19 2.18 13.71
CA THR A 223 -23.39 2.76 14.77
C THR A 223 -22.42 3.77 14.15
N HIS A 224 -22.50 5.01 14.60
CA HIS A 224 -21.58 6.05 14.16
C HIS A 224 -20.47 6.25 15.18
N PHE A 225 -19.34 6.76 14.70
CA PHE A 225 -18.10 6.86 15.48
C PHE A 225 -17.53 8.25 15.26
N HIS A 226 -17.62 9.10 16.29
CA HIS A 226 -17.34 10.52 16.12
C HIS A 226 -15.88 10.80 16.44
N LEU A 227 -15.13 11.20 15.42
CA LEU A 227 -13.69 11.37 15.48
C LEU A 227 -13.32 12.84 15.31
N LYS A 228 -12.25 13.25 15.98
CA LYS A 228 -11.71 14.60 15.83
C LYS A 228 -10.20 14.51 15.69
N ARG A 229 -9.65 15.23 14.72
CA ARG A 229 -8.23 15.13 14.44
C ARG A 229 -7.42 16.02 15.37
N LYS A 230 -6.36 15.46 15.94
CA LYS A 230 -5.38 16.25 16.67
C LYS A 230 -4.62 17.15 15.71
N ILE A 231 -4.51 18.43 16.04
CA ILE A 231 -3.85 19.40 15.18
C ILE A 231 -2.52 19.87 15.75
N GLY A 232 -2.06 19.24 16.83
CA GLY A 232 -0.78 19.65 17.42
C GLY A 232 0.40 19.33 16.54
N TYR A 233 0.30 18.25 15.76
CA TYR A 233 1.37 17.88 14.83
C TYR A 233 1.48 18.89 13.69
N PHE A 234 0.35 19.40 13.23
CA PHE A 234 0.35 20.24 12.04
C PHE A 234 0.78 21.66 12.36
N VAL A 235 0.59 22.12 13.59
CA VAL A 235 1.09 23.43 13.99
C VAL A 235 2.61 23.44 14.02
N ILE A 236 3.21 22.38 14.58
CA ILE A 236 4.66 22.35 14.73
C ILE A 236 5.34 22.03 13.39
N GLN A 237 4.79 21.09 12.62
CA GLN A 237 5.44 20.74 11.36
C GLN A 237 5.15 21.74 10.26
N THR A 238 3.88 22.13 10.08
CA THR A 238 3.48 22.92 8.94
C THR A 238 3.26 24.39 9.26
N TYR A 239 2.41 24.71 10.25
CA TYR A 239 1.96 26.09 10.45
C TYR A 239 3.09 26.99 10.97
N LEU A 240 3.78 26.58 12.02
CA LEU A 240 4.83 27.43 12.59
C LEU A 240 6.05 27.67 11.71
N PRO A 241 6.60 26.70 10.94
CA PRO A 241 7.63 27.08 9.98
C PRO A 241 7.12 27.94 8.84
N CYS A 242 5.85 27.78 8.44
CA CYS A 242 5.30 28.68 7.42
C CYS A 242 5.09 30.08 7.97
N ILE A 243 4.68 30.19 9.24
CA ILE A 243 4.55 31.51 9.87
C ILE A 243 5.91 32.18 10.01
N MET A 244 6.92 31.44 10.48
CA MET A 244 8.23 32.03 10.74
C MET A 244 8.96 32.41 9.45
N THR A 245 8.65 31.74 8.34
CA THR A 245 9.26 32.12 7.06
C THR A 245 8.64 33.42 6.54
N VAL A 246 7.32 33.58 6.71
CA VAL A 246 6.66 34.83 6.33
C VAL A 246 7.09 35.97 7.25
N ILE A 247 7.34 35.67 8.53
CA ILE A 247 7.92 36.66 9.44
C ILE A 247 9.31 37.09 8.95
N LEU A 248 10.10 36.13 8.45
CA LEU A 248 11.43 36.46 7.92
C LEU A 248 11.36 37.38 6.71
N SER A 249 10.50 37.04 5.73
CA SER A 249 10.40 37.82 4.49
C SER A 249 9.96 39.26 4.73
N GLN A 250 9.28 39.51 5.84
CA GLN A 250 8.96 40.88 6.25
C GLN A 250 10.09 41.52 7.04
N VAL A 251 10.90 40.72 7.75
CA VAL A 251 12.03 41.21 8.52
C VAL A 251 13.12 41.82 7.63
N SER A 252 13.21 41.40 6.37
CA SER A 252 14.15 41.99 5.42
C SER A 252 13.81 43.43 5.04
N PHE A 253 12.66 43.97 5.47
CA PHE A 253 12.34 45.37 5.22
C PHE A 253 13.15 46.30 6.10
N TRP A 254 13.54 45.84 7.29
CA TRP A 254 14.33 46.65 8.21
C TRP A 254 15.81 46.69 7.84
N LEU A 255 16.24 46.04 6.77
CA LEU A 255 17.61 46.19 6.32
C LEU A 255 17.73 47.49 5.52
N ASN A 256 18.97 47.93 5.30
CA ASN A 256 19.16 49.09 4.46
C ASN A 256 18.92 48.74 3.00
N ARG A 257 18.66 49.77 2.19
CA ARG A 257 18.28 49.55 0.81
C ARG A 257 19.47 49.33 -0.09
N GLU A 258 20.68 49.64 0.37
CA GLU A 258 21.90 49.38 -0.38
C GLU A 258 22.41 47.96 -0.21
N SER A 259 21.73 47.14 0.58
CA SER A 259 22.03 45.70 0.66
C SER A 259 21.27 45.00 -0.47
N VAL A 260 21.68 45.31 -1.69
CA VAL A 260 21.06 44.79 -2.91
C VAL A 260 21.36 43.31 -3.10
N PRO A 261 22.58 42.78 -2.88
CA PRO A 261 22.69 41.31 -2.87
C PRO A 261 22.03 40.66 -1.68
N ALA A 262 22.05 41.28 -0.50
CA ALA A 262 21.57 40.63 0.72
C ALA A 262 20.05 40.45 0.69
N ARG A 263 19.32 41.48 0.28
CA ARG A 263 17.86 41.38 0.27
C ARG A 263 17.37 40.54 -0.91
N THR A 264 18.18 40.42 -1.97
CA THR A 264 17.88 39.49 -3.04
C THR A 264 18.02 38.05 -2.57
N VAL A 265 19.17 37.72 -1.97
CA VAL A 265 19.44 36.40 -1.40
C VAL A 265 18.39 36.04 -0.35
N PHE A 266 17.97 37.04 0.44
CA PHE A 266 16.92 36.84 1.42
C PHE A 266 15.60 36.50 0.75
N GLY A 267 15.28 37.21 -0.34
CA GLY A 267 13.95 37.09 -0.94
C GLY A 267 13.69 35.75 -1.61
N VAL A 268 14.61 35.32 -2.48
CA VAL A 268 14.34 34.16 -3.34
C VAL A 268 14.39 32.87 -2.54
N THR A 269 15.20 32.83 -1.49
CA THR A 269 15.40 31.60 -0.74
C THR A 269 14.26 31.34 0.24
N THR A 270 13.65 32.40 0.76
CA THR A 270 12.44 32.22 1.55
C THR A 270 11.28 31.75 0.68
N VAL A 271 11.30 32.06 -0.61
CA VAL A 271 10.38 31.42 -1.54
C VAL A 271 10.73 29.93 -1.69
N LEU A 272 12.03 29.63 -1.73
CA LEU A 272 12.45 28.23 -1.82
C LEU A 272 12.21 27.50 -0.51
N THR A 273 12.28 28.20 0.62
CA THR A 273 11.92 27.61 1.90
C THR A 273 10.42 27.34 1.98
N MET A 274 9.61 28.27 1.48
CA MET A 274 8.16 28.03 1.40
C MET A 274 7.82 26.96 0.38
N THR A 275 8.63 26.82 -0.67
CA THR A 275 8.43 25.74 -1.63
C THR A 275 8.67 24.38 -0.99
N THR A 276 9.71 24.28 -0.16
CA THR A 276 10.02 23.02 0.53
C THR A 276 8.95 22.69 1.58
N LEU A 277 8.44 23.70 2.28
CA LEU A 277 7.37 23.48 3.24
C LEU A 277 6.05 23.13 2.53
N SER A 278 5.86 23.62 1.31
CA SER A 278 4.62 23.35 0.58
C SER A 278 4.53 21.89 0.15
N ILE A 279 5.63 21.34 -0.39
CA ILE A 279 5.60 20.00 -0.95
C ILE A 279 5.54 18.95 0.16
N SER A 280 6.15 19.23 1.31
CA SER A 280 6.16 18.25 2.40
C SER A 280 4.80 18.16 3.07
N ALA A 281 4.12 19.30 3.20
CA ALA A 281 2.80 19.31 3.83
C ALA A 281 1.76 18.58 2.99
N ARG A 282 1.89 18.67 1.66
CA ARG A 282 0.95 17.99 0.78
C ARG A 282 1.17 16.48 0.79
N ASN A 283 2.43 16.04 0.93
CA ASN A 283 2.76 14.62 0.89
C ASN A 283 2.11 13.85 2.04
N SER A 284 1.95 14.47 3.19
CA SER A 284 1.29 13.82 4.32
C SER A 284 -0.20 14.15 4.32
N LEU A 285 -0.85 13.83 3.20
CA LEU A 285 -2.24 14.17 2.95
C LEU A 285 -2.73 13.38 1.73
N PRO A 286 -3.95 12.89 1.76
CA PRO A 286 -4.51 12.22 0.58
C PRO A 286 -4.90 13.19 -0.53
N LYS A 287 -5.09 12.59 -1.71
CA LYS A 287 -5.19 13.33 -2.98
C LYS A 287 -6.63 13.78 -3.22
N VAL A 288 -7.04 14.81 -2.47
CA VAL A 288 -8.31 15.46 -2.74
C VAL A 288 -8.16 16.38 -3.95
N ALA A 289 -9.31 16.76 -4.51
CA ALA A 289 -9.36 17.58 -5.71
C ALA A 289 -9.96 18.95 -5.44
N TYR A 290 -9.67 19.51 -4.26
CA TYR A 290 -10.09 20.86 -3.92
C TYR A 290 -9.12 21.39 -2.86
N ALA A 291 -9.48 22.53 -2.28
CA ALA A 291 -8.61 23.23 -1.35
C ALA A 291 -8.99 22.87 0.08
N THR A 292 -8.05 22.29 0.81
CA THR A 292 -8.24 22.08 2.23
C THR A 292 -7.93 23.38 2.97
N ALA A 293 -8.17 23.37 4.28
CA ALA A 293 -7.90 24.54 5.10
C ALA A 293 -6.40 24.81 5.18
N MET A 294 -5.58 23.76 5.18
CA MET A 294 -4.12 23.95 5.15
C MET A 294 -3.66 24.43 3.78
N ASP A 295 -4.34 24.00 2.72
CA ASP A 295 -3.96 24.43 1.37
C ASP A 295 -4.20 25.93 1.16
N TRP A 296 -5.24 26.48 1.80
CA TRP A 296 -5.44 27.92 1.74
C TRP A 296 -4.32 28.65 2.48
N PHE A 297 -3.94 28.16 3.66
CA PHE A 297 -2.95 28.85 4.49
C PHE A 297 -1.58 28.89 3.83
N ILE A 298 -1.18 27.78 3.20
CA ILE A 298 0.12 27.73 2.54
C ILE A 298 0.13 28.63 1.31
N ALA A 299 -0.97 28.63 0.54
CA ALA A 299 -1.03 29.43 -0.68
C ALA A 299 -1.06 30.93 -0.39
N VAL A 300 -1.70 31.33 0.71
CA VAL A 300 -1.70 32.75 1.09
C VAL A 300 -0.35 33.14 1.67
N CYS A 301 0.26 32.26 2.48
CA CYS A 301 1.60 32.52 3.02
C CYS A 301 2.65 32.52 1.91
N TYR A 302 2.42 31.75 0.85
CA TYR A 302 3.28 31.82 -0.32
C TYR A 302 3.14 33.14 -1.05
N ALA A 303 1.96 33.77 -0.95
CA ALA A 303 1.75 35.06 -1.61
C ALA A 303 2.44 36.20 -0.88
N PHE A 304 2.56 36.11 0.45
CA PHE A 304 3.28 37.15 1.20
C PHE A 304 4.77 37.11 0.88
N VAL A 305 5.35 35.91 0.78
CA VAL A 305 6.77 35.78 0.49
C VAL A 305 7.05 36.17 -0.96
N PHE A 306 6.08 35.92 -1.86
CA PHE A 306 6.15 36.45 -3.22
C PHE A 306 6.09 37.97 -3.23
N SER A 307 5.18 38.55 -2.45
CA SER A 307 5.01 40.00 -2.43
C SER A 307 6.17 40.72 -1.74
N ALA A 308 6.94 40.01 -0.91
CA ALA A 308 8.07 40.63 -0.25
C ALA A 308 9.20 40.93 -1.23
N LEU A 309 9.45 40.03 -2.18
CA LEU A 309 10.52 40.24 -3.14
C LEU A 309 10.12 41.23 -4.23
N ILE A 310 8.83 41.28 -4.57
CA ILE A 310 8.33 42.32 -5.48
C ILE A 310 8.44 43.69 -4.83
N GLU A 311 8.29 43.73 -3.50
CA GLU A 311 8.44 44.98 -2.76
C GLU A 311 9.87 45.50 -2.82
N PHE A 312 10.87 44.60 -2.69
CA PHE A 312 12.26 45.01 -2.80
C PHE A 312 12.62 45.43 -4.21
N ALA A 313 11.98 44.84 -5.22
CA ALA A 313 12.21 45.25 -6.60
C ALA A 313 11.74 46.69 -6.82
N THR A 314 10.69 47.10 -6.11
CA THR A 314 10.25 48.48 -6.17
C THR A 314 11.18 49.39 -5.39
N VAL A 315 11.76 48.91 -4.29
CA VAL A 315 12.73 49.70 -3.53
C VAL A 315 14.02 49.87 -4.32
N ASN A 316 14.47 48.80 -4.99
CA ASN A 316 15.71 48.82 -5.75
C ASN A 316 15.63 49.75 -6.96
N TYR A 317 14.43 49.94 -7.51
CA TYR A 317 14.29 50.77 -8.70
C TYR A 317 14.51 52.24 -8.40
N PHE A 318 14.22 52.67 -7.17
CA PHE A 318 14.29 54.07 -6.77
C PHE A 318 15.44 54.34 -5.79
N THR A 319 16.55 53.61 -5.94
CA THR A 319 17.63 53.74 -4.98
C THR A 319 18.49 54.97 -5.24
N LYS A 320 18.91 55.16 -6.50
CA LYS A 320 19.65 56.30 -7.06
C LYS A 320 21.11 56.39 -6.63
N ARG A 321 21.55 55.54 -5.71
CA ARG A 321 22.95 55.50 -5.30
C ARG A 321 23.38 54.06 -5.13
N GLY A 322 24.68 53.85 -4.91
CA GLY A 322 25.21 52.51 -4.78
C GLY A 322 25.87 52.22 -3.45
N TYR A 323 26.43 53.24 -2.82
CA TYR A 323 27.17 53.09 -1.58
C TYR A 323 26.25 53.29 -0.37
N ALA A 324 26.63 52.66 0.74
CA ALA A 324 25.84 52.71 1.96
C ALA A 324 26.31 53.84 2.87
N TRP A 325 25.53 54.07 3.92
CA TRP A 325 25.85 55.12 4.89
C TRP A 325 27.01 54.68 5.79
N ASP A 326 28.12 55.41 5.72
CA ASP A 326 29.19 55.17 6.69
C ASP A 326 28.82 55.81 8.03
N GLY A 327 29.34 55.21 9.11
CA GLY A 327 28.83 55.49 10.43
C GLY A 327 29.19 56.84 11.02
N LYS A 328 30.08 57.60 10.38
CA LYS A 328 30.56 58.85 10.95
C LYS A 328 29.90 60.09 10.37
N SER A 329 29.31 60.01 9.17
CA SER A 329 28.79 61.19 8.50
C SER A 329 27.43 61.60 9.05
N LYS A 392 29.47 64.46 1.08
CA LYS A 392 28.64 63.77 0.10
C LYS A 392 27.22 63.58 0.63
N THR A 393 26.35 63.09 -0.23
CA THR A 393 24.95 62.86 0.09
C THR A 393 24.65 61.37 0.14
N PHE A 394 23.59 61.01 0.86
CA PHE A 394 23.22 59.63 1.09
C PHE A 394 21.74 59.43 0.77
N ASN A 395 21.34 58.16 0.66
CA ASN A 395 19.95 57.84 0.39
C ASN A 395 19.09 58.00 1.64
N SER A 396 17.85 58.41 1.44
CA SER A 396 16.87 58.36 2.50
C SER A 396 16.23 56.97 2.55
N VAL A 397 15.72 56.62 3.73
CA VAL A 397 14.93 55.41 3.86
C VAL A 397 13.63 55.60 3.10
N SER A 398 13.32 54.67 2.19
CA SER A 398 12.25 54.88 1.24
C SER A 398 10.87 54.77 1.90
N LYS A 399 9.91 55.50 1.32
CA LYS A 399 8.56 55.53 1.86
C LYS A 399 7.83 54.23 1.65
N ILE A 400 8.17 53.49 0.59
CA ILE A 400 7.56 52.19 0.36
C ILE A 400 8.13 51.15 1.32
N ASP A 401 9.33 51.39 1.86
CA ASP A 401 9.86 50.50 2.88
C ASP A 401 9.19 50.76 4.22
N ARG A 402 9.07 52.05 4.61
CA ARG A 402 8.49 52.41 5.89
C ARG A 402 7.00 52.07 5.96
N LEU A 403 6.32 52.07 4.82
CA LEU A 403 4.90 51.71 4.82
C LEU A 403 4.71 50.20 4.82
N SER A 404 5.58 49.45 4.16
CA SER A 404 5.47 48.00 4.14
C SER A 404 5.88 47.38 5.47
N ARG A 405 6.66 48.09 6.27
CA ARG A 405 6.94 47.65 7.65
C ARG A 405 5.66 47.65 8.49
N ILE A 406 4.70 48.50 8.16
CA ILE A 406 3.46 48.60 8.92
C ILE A 406 2.38 47.77 8.24
N ALA A 407 2.37 47.77 6.91
CA ALA A 407 1.26 47.17 6.17
C ALA A 407 1.34 45.65 6.14
N PHE A 408 2.49 45.09 5.77
CA PHE A 408 2.60 43.66 5.57
C PHE A 408 2.59 42.81 6.85
N PRO A 409 3.19 43.22 7.98
CA PRO A 409 2.91 42.50 9.23
C PRO A 409 1.46 42.63 9.70
N LEU A 410 0.79 43.74 9.39
CA LEU A 410 -0.60 43.90 9.79
C LEU A 410 -1.51 43.01 8.97
N LEU A 411 -1.30 42.94 7.66
CA LEU A 411 -2.15 42.10 6.80
C LEU A 411 -1.94 40.63 7.07
N PHE A 412 -0.72 40.23 7.41
CA PHE A 412 -0.50 38.85 7.84
C PHE A 412 -1.06 38.61 9.23
N GLY A 413 -1.07 39.64 10.07
CA GLY A 413 -1.69 39.51 11.38
C GLY A 413 -3.20 39.47 11.31
N ILE A 414 -3.79 40.25 10.40
CA ILE A 414 -5.24 40.21 10.19
C ILE A 414 -5.67 38.88 9.61
N PHE A 415 -4.89 38.33 8.68
CA PHE A 415 -5.24 37.07 8.03
C PHE A 415 -5.19 35.89 9.02
N ASN A 416 -4.27 35.93 9.98
CA ASN A 416 -4.25 34.88 11.00
C ASN A 416 -5.43 34.98 11.93
N LEU A 417 -5.91 36.20 12.21
CA LEU A 417 -7.11 36.36 13.01
C LEU A 417 -8.34 35.87 12.27
N VAL A 418 -8.39 36.07 10.95
CA VAL A 418 -9.50 35.54 10.15
C VAL A 418 -9.41 34.02 10.04
N TYR A 419 -8.19 33.49 9.88
CA TYR A 419 -8.00 32.06 9.63
C TYR A 419 -8.35 31.24 10.87
N TRP A 420 -7.81 31.61 12.03
CA TRP A 420 -8.01 30.82 13.23
C TRP A 420 -9.33 31.12 13.93
N ALA A 421 -10.14 32.03 13.41
CA ALA A 421 -11.52 32.20 13.88
C ALA A 421 -12.55 31.57 12.96
N THR A 422 -12.22 31.41 11.68
CA THR A 422 -13.14 30.77 10.75
C THR A 422 -13.08 29.24 10.87
N TYR A 423 -11.88 28.69 10.97
CA TYR A 423 -11.68 27.25 10.94
C TYR A 423 -11.62 26.61 12.32
N LEU A 424 -11.59 27.41 13.39
CA LEU A 424 -11.83 26.91 14.73
C LEU A 424 -13.28 27.15 15.16
N ASN A 425 -14.16 27.50 14.23
CA ASN A 425 -15.58 27.66 14.45
C ASN A 425 -16.41 26.56 13.81
N ARG A 426 -16.00 26.10 12.64
CA ARG A 426 -16.69 25.02 11.94
C ARG A 426 -16.52 23.68 12.65
N ASN B 33 4.67 -55.46 14.01
CA ASN B 33 5.08 -54.14 14.47
C ASN B 33 4.17 -53.07 13.89
N MET B 34 4.07 -53.03 12.56
CA MET B 34 3.22 -52.03 11.91
C MET B 34 1.74 -52.33 12.12
N SER B 35 1.36 -53.61 12.10
CA SER B 35 -0.04 -53.97 12.22
C SER B 35 -0.56 -53.78 13.64
N PHE B 36 0.30 -53.96 14.65
CA PHE B 36 -0.15 -53.77 16.02
C PHE B 36 -0.35 -52.29 16.34
N VAL B 37 0.52 -51.43 15.79
CA VAL B 37 0.33 -49.99 15.93
C VAL B 37 -0.91 -49.54 15.14
N LYS B 38 -1.16 -50.17 14.00
CA LYS B 38 -2.33 -49.82 13.18
C LYS B 38 -3.63 -50.19 13.88
N GLU B 39 -3.65 -51.32 14.60
CA GLU B 39 -4.86 -51.72 15.32
C GLU B 39 -5.13 -50.82 16.52
N THR B 40 -4.08 -50.35 17.20
CA THR B 40 -4.30 -49.50 18.38
C THR B 40 -4.75 -48.11 17.99
N VAL B 41 -4.23 -47.56 16.90
CA VAL B 41 -4.64 -46.23 16.45
C VAL B 41 -6.08 -46.25 15.94
N ASP B 42 -6.46 -47.33 15.25
CA ASP B 42 -7.85 -47.48 14.81
C ASP B 42 -8.79 -47.72 15.97
N LYS B 43 -8.28 -48.25 17.09
CA LYS B 43 -9.12 -48.51 18.26
C LYS B 43 -9.41 -47.23 19.02
N LEU B 44 -8.44 -46.30 19.07
CA LEU B 44 -8.62 -45.06 19.81
C LEU B 44 -9.64 -44.14 19.16
N LEU B 45 -9.74 -44.17 17.84
CA LEU B 45 -10.60 -43.23 17.11
C LEU B 45 -11.99 -43.75 16.85
N LYS B 46 -12.21 -45.06 16.92
CA LYS B 46 -13.54 -45.61 16.77
C LYS B 46 -14.36 -45.34 18.03
N GLY B 47 -15.49 -44.65 17.87
CA GLY B 47 -16.27 -44.24 19.01
C GLY B 47 -15.77 -43.00 19.70
N TYR B 48 -14.75 -42.34 19.16
CA TYR B 48 -14.20 -41.13 19.74
C TYR B 48 -15.08 -39.94 19.32
N ASP B 49 -15.78 -39.35 20.28
CA ASP B 49 -16.64 -38.21 20.02
C ASP B 49 -15.81 -36.93 20.19
N ILE B 50 -15.71 -36.12 19.13
CA ILE B 50 -14.96 -34.88 19.20
C ILE B 50 -15.80 -33.74 19.75
N ARG B 51 -17.07 -33.98 20.07
CA ARG B 51 -17.93 -32.97 20.65
C ARG B 51 -17.89 -32.98 22.17
N LEU B 52 -17.03 -33.79 22.77
CA LEU B 52 -16.99 -33.96 24.22
C LEU B 52 -15.61 -33.56 24.74
N ARG B 53 -15.62 -32.65 25.70
CA ARG B 53 -14.43 -32.29 26.45
C ARG B 53 -13.92 -33.51 27.23
N PRO B 54 -12.60 -33.67 27.40
CA PRO B 54 -12.09 -34.69 28.32
C PRO B 54 -12.55 -34.43 29.75
N ASP B 55 -12.97 -35.51 30.42
CA ASP B 55 -13.68 -35.48 31.71
C ASP B 55 -14.89 -34.55 31.61
N PHE B 56 -15.83 -34.94 30.76
CA PHE B 56 -16.90 -34.03 30.33
C PHE B 56 -17.87 -33.69 31.46
N GLY B 57 -18.12 -34.61 32.37
CA GLY B 57 -18.99 -34.37 33.49
C GLY B 57 -18.30 -34.11 34.81
N GLY B 58 -16.99 -33.90 34.80
CA GLY B 58 -16.25 -33.79 36.04
C GLY B 58 -15.29 -32.63 36.08
N PRO B 59 -14.02 -32.92 36.37
CA PRO B 59 -13.03 -31.87 36.61
C PRO B 59 -12.68 -31.12 35.34
N PRO B 60 -12.20 -29.89 35.45
CA PRO B 60 -11.79 -29.16 34.24
C PRO B 60 -10.49 -29.71 33.69
N VAL B 61 -10.41 -29.77 32.36
CA VAL B 61 -9.19 -30.20 31.70
C VAL B 61 -8.14 -29.09 31.81
N CYS B 62 -6.90 -29.48 32.08
CA CYS B 62 -5.81 -28.54 32.23
C CYS B 62 -4.96 -28.54 30.97
N VAL B 63 -4.83 -27.37 30.35
CA VAL B 63 -4.09 -27.22 29.11
C VAL B 63 -2.83 -26.41 29.42
N GLY B 64 -1.68 -26.99 29.12
CA GLY B 64 -0.40 -26.34 29.37
C GLY B 64 0.15 -25.71 28.10
N MET B 65 0.39 -24.41 28.17
CA MET B 65 0.87 -23.66 27.02
C MET B 65 2.39 -23.62 27.00
N ASN B 66 2.94 -23.53 25.80
CA ASN B 66 4.39 -23.55 25.61
C ASN B 66 4.68 -22.90 24.27
N ILE B 67 5.39 -21.78 24.28
CA ILE B 67 5.62 -20.98 23.09
C ILE B 67 7.12 -20.94 22.81
N ASP B 68 7.50 -21.32 21.59
CA ASP B 68 8.88 -21.20 21.12
C ASP B 68 8.85 -20.20 19.97
N ILE B 69 9.56 -19.08 20.15
CA ILE B 69 9.44 -17.94 19.24
C ILE B 69 10.58 -17.96 18.25
N ALA B 70 10.24 -17.99 16.96
CA ALA B 70 11.25 -17.93 15.91
C ALA B 70 11.75 -16.50 15.69
N SER B 71 10.84 -15.56 15.49
CA SER B 71 11.24 -14.19 15.19
C SER B 71 10.10 -13.24 15.51
N ILE B 72 10.45 -11.97 15.64
CA ILE B 72 9.50 -10.86 15.57
C ILE B 72 9.79 -10.11 14.28
N ASP B 73 8.83 -10.13 13.36
CA ASP B 73 9.11 -9.70 11.99
C ASP B 73 9.17 -8.17 11.89
N MET B 74 8.06 -7.50 12.18
CA MET B 74 8.01 -6.06 12.09
C MET B 74 7.27 -5.50 13.29
N VAL B 75 7.60 -4.27 13.65
CA VAL B 75 6.91 -3.53 14.71
C VAL B 75 6.46 -2.22 14.09
N SER B 76 5.15 -2.06 13.90
CA SER B 76 4.59 -0.91 13.21
C SER B 76 4.12 0.12 14.22
N GLU B 77 4.65 1.34 14.10
CA GLU B 77 4.20 2.43 14.96
C GLU B 77 2.91 3.05 14.45
N VAL B 78 2.67 3.00 13.14
CA VAL B 78 1.46 3.57 12.58
C VAL B 78 0.26 2.67 12.83
N ASN B 79 0.39 1.38 12.49
CA ASN B 79 -0.70 0.43 12.69
C ASN B 79 -0.85 -0.01 14.14
N MET B 80 0.15 0.28 14.99
CA MET B 80 0.16 -0.05 16.42
C MET B 80 -0.01 -1.55 16.66
N ASP B 81 0.91 -2.32 16.09
CA ASP B 81 0.90 -3.77 16.23
C ASP B 81 2.31 -4.30 16.00
N TYR B 82 2.44 -5.62 16.03
CA TYR B 82 3.71 -6.28 15.76
C TYR B 82 3.41 -7.68 15.22
N THR B 83 4.34 -8.21 14.42
CA THR B 83 4.19 -9.51 13.80
C THR B 83 5.08 -10.52 14.51
N LEU B 84 4.51 -11.66 14.88
CA LEU B 84 5.17 -12.64 15.75
C LEU B 84 4.99 -14.03 15.16
N THR B 85 6.11 -14.67 14.82
CA THR B 85 6.11 -16.05 14.35
C THR B 85 6.62 -16.94 15.47
N MET B 86 5.88 -18.00 15.78
CA MET B 86 6.16 -18.78 16.98
C MET B 86 5.69 -20.22 16.83
N TYR B 87 6.24 -21.09 17.66
CA TYR B 87 5.83 -22.49 17.75
C TYR B 87 4.91 -22.62 18.96
N PHE B 88 3.62 -22.76 18.71
CA PHE B 88 2.61 -22.70 19.75
C PHE B 88 2.16 -24.11 20.11
N GLN B 89 2.44 -24.55 21.33
CA GLN B 89 2.23 -25.92 21.76
C GLN B 89 1.27 -25.99 22.94
N GLN B 90 0.38 -26.96 22.92
CA GLN B 90 -0.62 -27.19 23.96
C GLN B 90 -0.52 -28.62 24.46
N TYR B 91 -0.42 -28.83 25.78
CA TYR B 91 -0.39 -30.17 26.35
C TYR B 91 -1.66 -30.37 27.17
N TRP B 92 -2.38 -31.45 26.92
CA TRP B 92 -3.45 -31.87 27.80
C TRP B 92 -3.58 -33.39 27.69
N ARG B 93 -4.26 -33.99 28.66
CA ARG B 93 -4.45 -35.43 28.68
C ARG B 93 -5.89 -35.78 28.36
N ASP B 94 -6.07 -36.81 27.54
CA ASP B 94 -7.38 -37.36 27.21
C ASP B 94 -7.32 -38.86 27.40
N LYS B 95 -8.12 -39.38 28.32
CA LYS B 95 -8.07 -40.80 28.66
C LYS B 95 -8.66 -41.70 27.59
N ARG B 96 -9.40 -41.14 26.63
CA ARG B 96 -9.87 -41.92 25.49
C ARG B 96 -8.77 -42.21 24.50
N LEU B 97 -7.65 -41.51 24.59
CA LEU B 97 -6.52 -41.67 23.68
C LEU B 97 -5.36 -42.40 24.33
N ALA B 98 -5.61 -43.15 25.40
CA ALA B 98 -4.57 -43.89 26.08
C ALA B 98 -4.46 -45.30 25.49
N TYR B 99 -3.24 -45.72 25.18
CA TYR B 99 -2.98 -47.03 24.61
C TYR B 99 -1.97 -47.78 25.47
N SER B 100 -1.96 -49.09 25.31
CA SER B 100 -1.10 -49.98 26.09
C SER B 100 -0.34 -50.91 25.16
N GLY B 101 0.75 -51.47 25.70
CA GLY B 101 1.57 -52.42 24.97
C GLY B 101 2.66 -51.80 24.12
N ILE B 102 2.62 -50.49 23.89
CA ILE B 102 3.57 -49.79 23.05
C ILE B 102 4.31 -48.78 23.91
N PRO B 103 5.63 -48.89 24.06
CA PRO B 103 6.39 -47.91 24.84
C PRO B 103 6.76 -46.65 24.07
N LEU B 104 6.25 -46.46 22.86
CA LEU B 104 6.62 -45.33 22.02
C LEU B 104 5.67 -44.16 22.23
N ASN B 105 6.14 -42.98 21.88
CA ASN B 105 5.32 -41.78 21.80
C ASN B 105 4.89 -41.65 20.34
N LEU B 106 3.63 -41.99 20.06
CA LEU B 106 3.14 -42.07 18.68
C LEU B 106 2.97 -40.67 18.11
N THR B 107 3.86 -40.29 17.20
CA THR B 107 3.70 -39.07 16.42
C THR B 107 2.87 -39.40 15.19
N LEU B 108 1.67 -38.85 15.13
CA LEU B 108 0.76 -39.11 14.02
C LEU B 108 0.83 -37.99 13.00
N ASP B 109 0.30 -38.27 11.82
CA ASP B 109 0.17 -37.26 10.78
C ASP B 109 -0.80 -36.18 11.22
N ASN B 110 -0.58 -34.96 10.71
CA ASN B 110 -1.35 -33.79 11.15
C ASN B 110 -2.82 -33.83 10.76
N ARG B 111 -3.23 -34.74 9.87
CA ARG B 111 -4.63 -34.85 9.50
C ARG B 111 -5.48 -35.62 10.52
N VAL B 112 -4.88 -36.10 11.62
CA VAL B 112 -5.66 -36.69 12.70
C VAL B 112 -6.12 -35.62 13.68
N ALA B 113 -5.59 -34.40 13.59
CA ALA B 113 -6.00 -33.32 14.47
C ALA B 113 -7.36 -32.75 14.10
N ASP B 114 -7.93 -33.15 12.96
CA ASP B 114 -9.31 -32.86 12.64
C ASP B 114 -10.25 -33.92 13.21
N GLN B 115 -9.69 -34.98 13.79
CA GLN B 115 -10.46 -36.07 14.37
C GLN B 115 -10.34 -36.12 15.89
N LEU B 116 -9.76 -35.08 16.50
CA LEU B 116 -9.54 -35.04 17.93
C LEU B 116 -10.11 -33.76 18.50
N TRP B 117 -10.48 -33.80 19.78
CA TRP B 117 -10.82 -32.59 20.50
C TRP B 117 -9.55 -31.75 20.69
N VAL B 118 -9.61 -30.49 20.27
CA VAL B 118 -8.55 -29.54 20.54
C VAL B 118 -9.20 -28.32 21.18
N PRO B 119 -8.52 -27.59 22.06
CA PRO B 119 -9.17 -26.46 22.73
C PRO B 119 -9.37 -25.28 21.79
N ASP B 120 -10.41 -24.49 22.08
CA ASP B 120 -10.73 -23.32 21.28
C ASP B 120 -10.00 -22.08 21.77
N THR B 121 -8.68 -22.16 21.88
CA THR B 121 -7.88 -21.05 22.37
C THR B 121 -7.68 -20.04 21.25
N TYR B 122 -8.02 -18.79 21.52
CA TYR B 122 -7.78 -17.72 20.56
C TYR B 122 -6.81 -16.71 21.14
N PHE B 123 -6.39 -15.78 20.30
CA PHE B 123 -5.53 -14.68 20.70
C PHE B 123 -6.35 -13.41 20.69
N LEU B 124 -6.41 -12.73 21.83
CA LEU B 124 -7.27 -11.56 21.95
C LEU B 124 -6.71 -10.36 21.20
N ASN B 125 -5.39 -10.27 21.07
CA ASN B 125 -4.75 -9.18 20.36
C ASN B 125 -4.69 -9.38 18.85
N ASP B 126 -5.25 -10.48 18.34
CA ASP B 126 -4.97 -10.94 16.99
C ASP B 126 -5.67 -10.06 15.95
N LYS B 127 -4.89 -9.51 15.02
CA LYS B 127 -5.43 -8.83 13.85
C LYS B 127 -5.48 -9.75 12.64
N LYS B 128 -4.44 -10.56 12.45
CA LYS B 128 -4.33 -11.44 11.28
C LYS B 128 -3.33 -12.53 11.61
N SER B 129 -3.77 -13.78 11.62
CA SER B 129 -2.88 -14.89 11.92
C SER B 129 -3.25 -16.09 11.06
N PHE B 130 -2.26 -16.91 10.78
CA PHE B 130 -2.42 -18.04 9.87
C PHE B 130 -1.43 -19.13 10.25
N VAL B 131 -1.87 -20.37 10.16
CA VAL B 131 -0.96 -21.51 10.29
C VAL B 131 -0.28 -21.73 8.96
N HIS B 132 1.05 -21.83 8.98
CA HIS B 132 1.82 -22.05 7.76
C HIS B 132 1.52 -23.41 7.16
N GLY B 133 1.52 -23.47 5.83
CA GLY B 133 1.06 -24.66 5.14
C GLY B 133 2.00 -25.20 4.08
N VAL B 134 3.31 -25.11 4.34
CA VAL B 134 4.34 -25.64 3.44
C VAL B 134 5.27 -26.51 4.27
N THR B 135 5.44 -27.78 3.87
CA THR B 135 4.83 -28.37 2.67
C THR B 135 3.47 -28.98 2.96
N VAL B 136 3.20 -29.21 4.24
CA VAL B 136 1.87 -29.56 4.71
C VAL B 136 1.47 -28.50 5.74
N LYS B 137 0.24 -28.58 6.23
CA LYS B 137 -0.19 -27.68 7.30
C LYS B 137 0.57 -28.02 8.58
N ASN B 138 1.29 -27.05 9.12
CA ASN B 138 2.29 -27.32 10.15
C ASN B 138 1.60 -27.53 11.49
N ARG B 139 1.08 -28.74 11.67
CA ARG B 139 0.55 -29.23 12.92
C ARG B 139 1.32 -30.46 13.33
N MET B 140 1.15 -30.87 14.58
CA MET B 140 1.62 -32.17 15.02
C MET B 140 0.66 -32.71 16.06
N ILE B 141 0.55 -34.04 16.09
CA ILE B 141 -0.14 -34.76 17.15
C ILE B 141 0.82 -35.83 17.66
N ARG B 142 1.18 -35.75 18.92
CA ARG B 142 2.06 -36.74 19.54
C ARG B 142 1.32 -37.34 20.73
N LEU B 143 0.75 -38.52 20.53
CA LEU B 143 0.05 -39.22 21.59
C LEU B 143 1.06 -39.90 22.52
N HIS B 144 0.86 -39.73 23.77
CA HIS B 144 1.62 -40.41 24.80
C HIS B 144 0.77 -41.54 25.39
N PRO B 145 1.37 -42.64 25.86
CA PRO B 145 0.56 -43.83 26.21
C PRO B 145 -0.30 -43.67 27.45
N ASP B 146 -0.11 -42.62 28.25
CA ASP B 146 -0.99 -42.35 29.38
C ASP B 146 -2.22 -41.53 28.98
N GLY B 147 -2.25 -41.03 27.76
CA GLY B 147 -3.36 -40.20 27.29
C GLY B 147 -2.99 -38.77 27.00
N THR B 148 -1.76 -38.35 27.30
CA THR B 148 -1.35 -36.98 27.05
C THR B 148 -1.12 -36.77 25.56
N VAL B 149 -1.67 -35.69 25.02
CA VAL B 149 -1.55 -35.38 23.60
C VAL B 149 -0.94 -34.00 23.45
N LEU B 150 0.09 -33.93 22.59
CA LEU B 150 0.75 -32.69 22.21
C LEU B 150 0.23 -32.21 20.87
N TYR B 151 -0.33 -31.01 20.85
CA TYR B 151 -0.84 -30.36 19.64
C TYR B 151 -0.03 -29.08 19.42
N GLY B 152 1.00 -29.17 18.60
CA GLY B 152 1.83 -28.02 18.29
C GLY B 152 1.39 -27.35 17.00
N LEU B 153 1.40 -26.02 17.02
CA LEU B 153 1.11 -25.20 15.86
C LEU B 153 2.33 -24.36 15.52
N ARG B 154 2.27 -23.67 14.38
CA ARG B 154 3.36 -22.82 13.93
C ARG B 154 2.67 -21.60 13.33
N ILE B 155 2.52 -20.55 14.13
CA ILE B 155 1.57 -19.47 13.87
C ILE B 155 2.36 -18.18 13.66
N THR B 156 2.06 -17.46 12.59
CA THR B 156 2.52 -16.09 12.40
C THR B 156 1.35 -15.18 12.71
N THR B 157 1.37 -14.56 13.88
CA THR B 157 0.29 -13.71 14.33
C THR B 157 0.70 -12.24 14.27
N THR B 158 -0.29 -11.38 14.07
CA THR B 158 -0.11 -9.93 14.04
C THR B 158 -0.89 -9.38 15.23
N ALA B 159 -0.21 -9.24 16.36
CA ALA B 159 -0.86 -8.88 17.60
C ALA B 159 -0.84 -7.36 17.80
N ALA B 160 -2.00 -6.79 18.13
CA ALA B 160 -2.09 -5.37 18.39
C ALA B 160 -1.53 -5.03 19.76
N CYS B 161 -0.87 -3.88 19.86
CA CYS B 161 -0.43 -3.35 21.14
C CYS B 161 -0.46 -1.83 21.09
N MET B 162 -0.88 -1.22 22.19
CA MET B 162 -0.96 0.23 22.27
C MET B 162 0.43 0.83 22.39
N MET B 163 0.67 1.93 21.67
CA MET B 163 1.95 2.61 21.67
C MET B 163 1.77 4.07 22.07
N ASP B 164 2.37 4.45 23.19
CA ASP B 164 2.38 5.83 23.66
C ASP B 164 3.69 6.44 23.18
N LEU B 165 3.66 7.01 21.97
CA LEU B 165 4.86 7.45 21.28
C LEU B 165 5.16 8.93 21.50
N ARG B 166 4.79 9.47 22.66
CA ARG B 166 5.06 10.87 22.95
C ARG B 166 6.54 11.10 23.24
N ARG B 167 7.25 10.09 23.72
CA ARG B 167 8.68 10.15 23.97
C ARG B 167 9.48 9.53 22.84
N TYR B 168 8.97 9.57 21.63
CA TYR B 168 9.69 9.03 20.48
C TYR B 168 10.87 9.94 20.14
N PRO B 169 12.08 9.40 19.95
CA PRO B 169 12.48 7.99 19.96
C PRO B 169 13.20 7.53 21.22
N LEU B 170 12.82 8.05 22.39
CA LEU B 170 13.51 7.76 23.64
C LEU B 170 12.60 6.98 24.59
N ASP B 171 11.71 6.17 24.06
CA ASP B 171 10.65 5.55 24.83
C ASP B 171 10.80 4.03 24.92
N GLU B 172 10.17 3.47 25.94
CA GLU B 172 10.06 2.02 26.11
C GLU B 172 8.58 1.65 26.02
N GLN B 173 8.20 1.03 24.92
CA GLN B 173 6.86 0.48 24.80
C GLN B 173 6.85 -0.95 25.29
N ASN B 174 5.70 -1.42 25.78
CA ASN B 174 5.58 -2.84 25.98
C ASN B 174 4.39 -3.36 25.20
N CYS B 175 4.51 -4.60 24.70
CA CYS B 175 3.49 -5.19 23.84
C CYS B 175 3.20 -6.60 24.30
N THR B 176 1.92 -6.93 24.42
CA THR B 176 1.47 -8.17 25.02
C THR B 176 0.96 -9.15 23.97
N LEU B 177 0.68 -10.37 24.41
CA LEU B 177 0.00 -11.38 23.61
C LEU B 177 -0.94 -12.15 24.53
N GLU B 178 -2.24 -11.91 24.39
CA GLU B 178 -3.23 -12.52 25.27
C GLU B 178 -3.70 -13.84 24.70
N ILE B 179 -3.77 -14.87 25.54
CA ILE B 179 -4.26 -16.18 25.16
C ILE B 179 -5.46 -16.50 26.04
N GLU B 180 -6.60 -16.81 25.42
CA GLU B 180 -7.84 -16.99 26.17
C GLU B 180 -8.69 -18.06 25.50
N SER B 181 -9.39 -18.85 26.30
CA SER B 181 -10.35 -19.81 25.78
C SER B 181 -11.61 -19.11 25.32
N TYR B 182 -12.17 -19.58 24.21
CA TYR B 182 -13.30 -18.87 23.61
C TYR B 182 -14.62 -19.25 24.24
N GLY B 183 -14.92 -20.53 24.33
CA GLY B 183 -16.22 -20.96 24.79
C GLY B 183 -16.27 -21.42 26.23
N TYR B 184 -15.26 -22.15 26.68
CA TYR B 184 -15.30 -22.75 28.01
C TYR B 184 -14.83 -21.77 29.07
N THR B 185 -15.46 -21.83 30.24
CA THR B 185 -15.06 -21.03 31.39
C THR B 185 -14.01 -21.80 32.20
N THR B 186 -13.71 -21.34 33.42
CA THR B 186 -12.74 -22.04 34.24
C THR B 186 -13.30 -23.29 34.91
N ASP B 187 -14.62 -23.51 34.81
CA ASP B 187 -15.22 -24.76 35.26
C ASP B 187 -15.04 -25.89 34.27
N ASP B 188 -14.47 -25.61 33.09
CA ASP B 188 -14.30 -26.63 32.07
C ASP B 188 -12.85 -26.72 31.59
N ILE B 189 -12.14 -25.59 31.55
CA ILE B 189 -10.76 -25.59 31.06
C ILE B 189 -9.92 -24.70 31.97
N GLU B 190 -8.66 -25.08 32.15
CA GLU B 190 -7.70 -24.32 32.94
C GLU B 190 -6.41 -24.19 32.16
N PHE B 191 -5.81 -23.00 32.22
CA PHE B 191 -4.57 -22.72 31.52
C PHE B 191 -3.43 -22.56 32.50
N TYR B 192 -2.24 -22.98 32.08
CA TYR B 192 -1.04 -22.72 32.86
C TYR B 192 0.15 -22.69 31.92
N TRP B 193 1.17 -21.94 32.31
CA TRP B 193 2.43 -21.95 31.58
C TRP B 193 3.29 -23.14 32.00
N ARG B 194 3.58 -24.03 31.05
CA ARG B 194 4.39 -25.19 31.36
C ARG B 194 5.84 -24.82 31.65
N GLY B 195 6.29 -25.10 32.87
CA GLY B 195 7.53 -24.53 33.37
C GLY B 195 7.40 -23.03 33.42
N GLY B 196 6.58 -22.53 34.35
CA GLY B 196 6.07 -21.17 34.39
C GLY B 196 7.06 -20.02 34.29
N ASP B 197 8.32 -20.25 34.64
CA ASP B 197 9.34 -19.24 34.39
C ASP B 197 9.92 -19.39 32.99
N LYS B 198 10.24 -20.61 32.59
CA LYS B 198 10.92 -20.90 31.33
C LYS B 198 9.97 -21.52 30.31
N ALA B 199 8.71 -21.09 30.31
CA ALA B 199 7.76 -21.57 29.31
C ALA B 199 8.08 -21.00 27.94
N VAL B 200 8.08 -19.68 27.81
CA VAL B 200 8.40 -19.03 26.55
C VAL B 200 9.90 -18.95 26.40
N THR B 201 10.42 -19.56 25.34
CA THR B 201 11.84 -19.57 25.03
C THR B 201 12.09 -18.83 23.73
N GLY B 202 13.38 -18.62 23.43
CA GLY B 202 13.79 -17.97 22.20
C GLY B 202 13.66 -16.46 22.20
N VAL B 203 13.43 -15.84 23.35
CA VAL B 203 13.28 -14.38 23.39
C VAL B 203 14.64 -13.71 23.38
N GLU B 204 15.62 -14.27 24.07
CA GLU B 204 16.96 -13.68 24.15
C GLU B 204 17.76 -13.85 22.86
N ARG B 205 17.25 -14.61 21.88
CA ARG B 205 17.91 -14.77 20.59
C ARG B 205 17.20 -14.02 19.48
N ILE B 206 16.37 -13.04 19.81
CA ILE B 206 15.66 -12.24 18.82
C ILE B 206 16.47 -10.98 18.54
N GLU B 207 16.83 -10.80 17.27
CA GLU B 207 17.58 -9.62 16.84
C GLU B 207 16.62 -8.69 16.12
N LEU B 208 16.18 -7.66 16.83
CA LEU B 208 15.43 -6.59 16.18
C LEU B 208 16.39 -5.46 15.80
N PRO B 209 16.35 -4.98 14.55
CA PRO B 209 17.30 -3.94 14.13
C PRO B 209 17.01 -2.56 14.69
N GLN B 210 15.88 -2.38 15.36
CA GLN B 210 15.43 -1.07 15.79
C GLN B 210 15.06 -1.02 17.26
N PHE B 211 14.81 -2.16 17.90
CA PHE B 211 14.39 -2.25 19.28
C PHE B 211 15.35 -3.15 20.04
N SER B 212 15.06 -3.34 21.32
CA SER B 212 15.88 -4.20 22.18
C SER B 212 14.97 -4.75 23.27
N ILE B 213 14.76 -6.07 23.28
CA ILE B 213 13.88 -6.70 24.25
C ILE B 213 14.57 -6.69 25.61
N VAL B 214 14.03 -5.92 26.55
CA VAL B 214 14.64 -5.85 27.88
C VAL B 214 14.32 -7.12 28.67
N GLU B 215 13.03 -7.38 28.90
CA GLU B 215 12.62 -8.57 29.63
C GLU B 215 11.26 -9.02 29.14
N HIS B 216 10.89 -10.25 29.51
CA HIS B 216 9.57 -10.78 29.24
C HIS B 216 8.98 -11.34 30.52
N ARG B 217 7.65 -11.29 30.61
CA ARG B 217 6.92 -11.78 31.77
C ARG B 217 5.83 -12.74 31.33
N LEU B 218 5.45 -13.62 32.26
CA LEU B 218 4.41 -14.62 32.02
C LEU B 218 3.40 -14.50 33.14
N VAL B 219 2.18 -14.07 32.80
CA VAL B 219 1.14 -13.80 33.78
C VAL B 219 0.02 -14.80 33.59
N SER B 220 -0.30 -15.55 34.65
CA SER B 220 -1.41 -16.48 34.65
C SER B 220 -2.49 -15.93 35.58
N ARG B 221 -3.70 -15.74 35.04
CA ARG B 221 -4.76 -15.12 35.81
C ARG B 221 -6.10 -15.57 35.24
N ASN B 222 -7.18 -15.17 35.91
CA ASN B 222 -8.53 -15.45 35.47
C ASN B 222 -9.33 -14.16 35.49
N VAL B 223 -9.91 -13.79 34.36
CA VAL B 223 -10.88 -12.71 34.35
C VAL B 223 -12.19 -13.22 34.94
N VAL B 224 -12.99 -12.31 35.47
CA VAL B 224 -14.27 -12.66 36.10
C VAL B 224 -15.37 -11.85 35.44
N PHE B 225 -16.30 -12.54 34.81
CA PHE B 225 -17.48 -11.94 34.21
C PHE B 225 -18.73 -12.44 34.91
N ALA B 226 -19.87 -11.85 34.54
CA ALA B 226 -21.15 -12.27 35.08
C ALA B 226 -21.50 -13.69 34.63
N THR B 227 -21.15 -14.05 33.38
CA THR B 227 -21.40 -15.41 32.91
C THR B 227 -20.50 -16.41 33.62
N GLY B 228 -19.25 -16.06 33.87
CA GLY B 228 -18.35 -16.94 34.57
C GLY B 228 -16.94 -16.39 34.53
N ALA B 229 -16.02 -17.21 35.05
CA ALA B 229 -14.61 -16.87 35.10
C ALA B 229 -13.88 -17.57 33.96
N TYR B 230 -13.18 -16.80 33.13
CA TYR B 230 -12.52 -17.31 31.94
C TYR B 230 -11.01 -17.34 32.14
N PRO B 231 -10.34 -18.42 31.74
CA PRO B 231 -8.88 -18.48 31.90
C PRO B 231 -8.17 -17.62 30.87
N ARG B 232 -7.05 -17.03 31.28
CA ARG B 232 -6.30 -16.14 30.40
C ARG B 232 -4.81 -16.18 30.74
N LEU B 233 -3.99 -16.33 29.70
CA LEU B 233 -2.53 -16.22 29.83
C LEU B 233 -2.05 -15.08 28.95
N SER B 234 -1.01 -14.38 29.40
CA SER B 234 -0.49 -13.23 28.67
C SER B 234 1.03 -13.25 28.63
N LEU B 235 1.58 -13.37 27.43
CA LEU B 235 2.99 -13.13 27.19
C LEU B 235 3.20 -11.65 26.87
N SER B 236 4.10 -11.01 27.59
CA SER B 236 4.36 -9.58 27.40
C SER B 236 5.84 -9.33 27.24
N PHE B 237 6.20 -8.60 26.19
CA PHE B 237 7.56 -8.12 25.96
C PHE B 237 7.64 -6.65 26.32
N ARG B 238 8.80 -6.19 26.76
CA ARG B 238 9.04 -4.76 26.95
C ARG B 238 10.16 -4.34 26.00
N LEU B 239 9.81 -3.57 24.97
CA LEU B 239 10.72 -3.17 23.93
C LEU B 239 11.34 -1.82 24.27
N LYS B 240 12.67 -1.74 24.19
CA LYS B 240 13.38 -0.47 24.31
C LYS B 240 13.93 -0.08 22.95
N ARG B 241 13.58 1.11 22.50
CA ARG B 241 14.00 1.57 21.18
C ARG B 241 15.47 1.99 21.18
N ASN B 242 16.25 1.41 20.28
CA ASN B 242 17.64 1.83 20.11
C ASN B 242 17.71 3.23 19.54
N ILE B 243 18.64 4.04 20.05
CA ILE B 243 18.71 5.46 19.69
C ILE B 243 19.95 5.80 18.89
N GLY B 244 20.79 4.82 18.57
CA GLY B 244 21.99 5.09 17.80
C GLY B 244 21.72 5.48 16.36
N TYR B 245 20.56 5.06 15.83
CA TYR B 245 20.15 5.54 14.52
C TYR B 245 19.79 7.03 14.57
N PHE B 246 19.08 7.44 15.61
CA PHE B 246 18.53 8.78 15.67
C PHE B 246 19.57 9.83 16.03
N ILE B 247 20.66 9.42 16.69
CA ILE B 247 21.74 10.35 16.99
C ILE B 247 22.44 10.78 15.70
N LEU B 248 22.80 9.81 14.86
CA LEU B 248 23.54 10.11 13.64
C LEU B 248 22.65 10.75 12.57
N GLN B 249 21.38 10.38 12.50
CA GLN B 249 20.52 10.82 11.41
C GLN B 249 19.76 12.10 11.76
N THR B 250 19.36 12.28 13.01
CA THR B 250 18.49 13.40 13.38
C THR B 250 19.18 14.41 14.27
N TYR B 251 19.77 13.99 15.39
CA TYR B 251 20.24 14.92 16.41
C TYR B 251 21.55 15.60 16.01
N MET B 252 22.57 14.81 15.67
CA MET B 252 23.88 15.37 15.34
C MET B 252 23.92 16.29 14.11
N PRO B 253 23.20 16.07 13.01
CA PRO B 253 23.13 17.14 12.00
C PRO B 253 22.40 18.36 12.49
N SER B 254 21.34 18.20 13.30
CA SER B 254 20.60 19.36 13.79
C SER B 254 21.44 20.21 14.75
N ILE B 255 22.35 19.58 15.49
CA ILE B 255 23.29 20.34 16.32
C ILE B 255 24.26 21.12 15.45
N LEU B 256 24.86 20.45 14.44
CA LEU B 256 25.93 21.06 13.68
C LEU B 256 25.44 22.15 12.74
N ILE B 257 24.19 22.07 12.27
CA ILE B 257 23.63 23.17 11.49
C ILE B 257 23.37 24.37 12.40
N THR B 258 23.00 24.13 13.66
CA THR B 258 22.76 25.23 14.60
C THR B 258 24.07 25.90 14.99
N ILE B 259 25.16 25.15 15.08
CA ILE B 259 26.47 25.72 15.38
C ILE B 259 26.95 26.57 14.21
N LEU B 260 26.66 26.14 12.97
CA LEU B 260 26.99 26.93 11.80
C LEU B 260 26.19 28.21 11.69
N SER B 261 25.01 28.27 12.29
CA SER B 261 24.24 29.52 12.34
C SER B 261 24.92 30.57 13.19
N TRP B 262 25.82 30.18 14.08
CA TRP B 262 26.50 31.08 14.99
C TRP B 262 27.77 31.67 14.39
N VAL B 263 28.20 31.18 13.21
CA VAL B 263 29.40 31.67 12.56
C VAL B 263 29.19 33.12 12.11
N SER B 264 27.95 33.52 11.86
CA SER B 264 27.62 34.87 11.42
C SER B 264 27.81 35.92 12.51
N PHE B 265 28.07 35.54 13.76
CA PHE B 265 28.33 36.55 14.79
C PHE B 265 29.79 36.97 14.83
N TRP B 266 30.70 36.11 14.37
CA TRP B 266 32.10 36.47 14.24
C TRP B 266 32.44 37.02 12.85
N ILE B 267 31.44 37.47 12.10
CA ILE B 267 31.61 38.10 10.81
C ILE B 267 31.24 39.57 10.98
N ASN B 268 32.03 40.44 10.32
CA ASN B 268 31.84 41.89 10.39
C ASN B 268 30.44 42.29 9.93
N TYR B 269 29.89 43.32 10.57
CA TYR B 269 28.52 43.73 10.34
C TYR B 269 28.30 44.39 8.98
N ASP B 270 29.37 44.82 8.33
CA ASP B 270 29.26 45.37 6.98
C ASP B 270 28.94 44.29 5.96
N ALA B 271 29.32 43.04 6.25
CA ALA B 271 29.10 41.93 5.34
C ALA B 271 27.64 41.55 5.37
N SER B 272 26.85 42.30 4.59
CA SER B 272 25.42 42.01 4.47
C SER B 272 25.19 40.77 3.63
N ALA B 273 25.91 40.64 2.51
CA ALA B 273 25.75 39.49 1.65
C ALA B 273 26.39 38.22 2.20
N ALA B 274 27.07 38.28 3.34
CA ALA B 274 27.64 37.11 3.99
C ALA B 274 26.83 36.66 5.19
N ARG B 275 26.48 37.58 6.10
CA ARG B 275 25.76 37.20 7.31
C ARG B 275 24.32 36.82 7.01
N VAL B 276 23.69 37.49 6.04
CA VAL B 276 22.34 37.11 5.62
C VAL B 276 22.37 35.76 4.91
N ALA B 277 23.29 35.59 3.96
CA ALA B 277 23.34 34.38 3.14
C ALA B 277 23.72 33.15 3.96
N LEU B 278 24.48 33.34 5.03
CA LEU B 278 24.77 32.22 5.93
C LEU B 278 23.54 31.84 6.73
N GLY B 279 22.84 32.83 7.30
CA GLY B 279 21.68 32.52 8.14
C GLY B 279 20.48 32.04 7.34
N ILE B 280 20.26 32.61 6.16
CA ILE B 280 19.15 32.21 5.31
C ILE B 280 19.35 30.79 4.76
N THR B 281 20.59 30.42 4.42
CA THR B 281 20.83 29.05 4.01
C THR B 281 20.75 28.09 5.20
N THR B 282 20.96 28.61 6.41
CA THR B 282 20.88 27.76 7.59
C THR B 282 19.42 27.48 7.96
N VAL B 283 18.50 28.43 7.73
CA VAL B 283 17.10 28.11 7.94
C VAL B 283 16.58 27.20 6.82
N LEU B 284 17.22 27.24 5.65
CA LEU B 284 16.85 26.32 4.57
C LEU B 284 17.36 24.92 4.85
N THR B 285 18.56 24.82 5.41
CA THR B 285 19.14 23.50 5.70
C THR B 285 18.39 22.82 6.83
N MET B 286 17.96 23.58 7.84
CA MET B 286 17.12 23.01 8.89
C MET B 286 15.74 22.64 8.36
N THR B 287 15.25 23.35 7.35
CA THR B 287 13.98 23.00 6.73
C THR B 287 14.09 21.67 5.99
N THR B 288 15.16 21.46 5.22
CA THR B 288 15.32 20.21 4.48
C THR B 288 15.60 19.04 5.40
N ILE B 289 16.18 19.28 6.59
CA ILE B 289 16.30 18.22 7.58
C ILE B 289 14.92 17.84 8.12
N ASN B 290 14.07 18.84 8.39
CA ASN B 290 12.73 18.57 8.91
C ASN B 290 11.87 17.84 7.89
N THR B 291 11.96 18.22 6.62
CA THR B 291 11.12 17.60 5.60
C THR B 291 11.62 16.20 5.26
N HIS B 292 12.93 15.97 5.31
CA HIS B 292 13.45 14.63 5.03
C HIS B 292 13.11 13.66 6.14
N LEU B 293 13.19 14.10 7.40
CA LEU B 293 12.83 13.23 8.51
C LEU B 293 11.33 13.02 8.61
N ARG B 294 10.53 13.91 8.00
CA ARG B 294 9.10 13.64 7.90
C ARG B 294 8.82 12.55 6.88
N GLU B 295 9.69 12.41 5.87
CA GLU B 295 9.48 11.41 4.83
C GLU B 295 9.90 10.01 5.30
N THR B 296 11.00 9.91 6.05
CA THR B 296 11.57 8.61 6.37
C THR B 296 11.02 8.01 7.66
N LEU B 297 10.79 8.83 8.68
CA LEU B 297 10.24 8.33 9.93
C LEU B 297 8.76 8.00 9.74
N PRO B 298 8.21 7.07 10.54
CA PRO B 298 6.79 6.74 10.40
C PRO B 298 5.89 7.89 10.80
N LYS B 299 4.83 8.09 10.02
CA LYS B 299 3.96 9.25 10.17
C LYS B 299 3.05 9.04 11.37
N ILE B 300 3.40 9.70 12.48
CA ILE B 300 2.67 9.59 13.73
C ILE B 300 2.14 10.98 14.05
N PRO B 301 0.92 11.32 13.62
CA PRO B 301 0.47 12.72 13.62
C PRO B 301 0.06 13.24 15.00
N TYR B 302 1.01 13.27 15.93
CA TYR B 302 0.93 14.14 17.10
C TYR B 302 2.35 14.48 17.53
N VAL B 303 2.46 15.30 18.58
CA VAL B 303 3.72 15.90 18.97
C VAL B 303 4.57 14.88 19.70
N LYS B 304 5.76 14.62 19.19
CA LYS B 304 6.70 13.67 19.76
C LYS B 304 7.89 14.43 20.33
N ALA B 305 8.84 13.68 20.89
CA ALA B 305 10.04 14.32 21.43
C ALA B 305 10.99 14.75 20.33
N ILE B 306 10.98 14.06 19.19
CA ILE B 306 11.82 14.46 18.07
C ILE B 306 11.24 15.70 17.38
N ASP B 307 9.92 15.90 17.47
CA ASP B 307 9.32 17.11 16.93
C ASP B 307 9.66 18.33 17.78
N MET B 308 9.72 18.16 19.10
CA MET B 308 10.06 19.27 19.98
C MET B 308 11.52 19.69 19.80
N TYR B 309 12.40 18.73 19.49
CA TYR B 309 13.80 19.07 19.33
C TYR B 309 14.06 19.76 18.00
N LEU B 310 13.50 19.23 16.92
CA LEU B 310 13.71 19.81 15.60
C LEU B 310 13.05 21.18 15.46
N MET B 311 11.88 21.36 16.09
CA MET B 311 11.29 22.69 16.12
C MET B 311 12.07 23.62 17.03
N GLY B 312 12.63 23.08 18.12
CA GLY B 312 13.42 23.89 19.03
C GLY B 312 14.72 24.37 18.41
N CYS B 313 15.40 23.49 17.66
CA CYS B 313 16.60 23.91 16.94
C CYS B 313 16.29 24.85 15.79
N PHE B 314 15.09 24.76 15.22
CA PHE B 314 14.68 25.69 14.18
C PHE B 314 14.54 27.11 14.72
N VAL B 315 14.15 27.24 16.00
CA VAL B 315 13.98 28.55 16.61
C VAL B 315 15.32 29.24 16.81
N PHE B 316 16.34 28.49 17.26
CA PHE B 316 17.67 29.07 17.48
C PHE B 316 18.30 29.53 16.17
N VAL B 317 18.05 28.80 15.08
CA VAL B 317 18.50 29.24 13.77
C VAL B 317 17.68 30.46 13.31
N PHE B 318 16.39 30.50 13.66
CA PHE B 318 15.54 31.64 13.36
C PHE B 318 15.96 32.88 14.14
N LEU B 319 16.30 32.72 15.42
CA LEU B 319 16.68 33.87 16.24
C LEU B 319 18.08 34.37 15.89
N ALA B 320 18.94 33.52 15.33
CA ALA B 320 20.27 33.95 14.91
C ALA B 320 20.22 34.83 13.67
N LEU B 321 19.13 34.81 12.92
CA LEU B 321 18.96 35.66 11.75
C LEU B 321 18.19 36.94 12.06
N LEU B 322 17.31 36.91 13.05
CA LEU B 322 16.73 38.15 13.56
C LEU B 322 17.78 39.03 14.23
N GLU B 323 18.87 38.42 14.72
CA GLU B 323 19.94 39.18 15.36
C GLU B 323 20.60 40.15 14.38
N TYR B 324 20.87 39.70 13.15
CA TYR B 324 21.54 40.58 12.20
C TYR B 324 20.64 41.70 11.71
N ALA B 325 19.35 41.42 11.50
CA ALA B 325 18.41 42.47 11.11
C ALA B 325 18.23 43.48 12.22
N PHE B 326 18.36 43.05 13.47
CA PHE B 326 18.37 44.00 14.59
C PHE B 326 19.67 44.81 14.60
N VAL B 327 20.78 44.19 14.21
CA VAL B 327 22.04 44.91 14.07
C VAL B 327 21.98 45.87 12.88
N ASN B 328 21.46 45.38 11.74
CA ASN B 328 21.44 46.17 10.51
C ASN B 328 20.46 47.34 10.64
N TYR B 329 19.40 47.19 11.43
CA TYR B 329 18.49 48.31 11.64
C TYR B 329 19.08 49.37 12.58
N ILE B 330 19.91 48.96 13.54
CA ILE B 330 20.46 49.93 14.48
C ILE B 330 21.59 50.74 13.84
N PHE B 331 22.46 50.09 13.08
CA PHE B 331 23.59 50.81 12.50
C PHE B 331 23.15 51.68 11.33
N PHE B 332 22.40 51.13 10.38
CA PHE B 332 22.07 51.86 9.17
C PHE B 332 20.74 52.59 9.23
N GLY B 333 19.84 52.23 10.15
CA GLY B 333 18.56 52.89 10.24
C GLY B 333 18.45 53.85 11.40
N ARG B 334 18.94 53.43 12.58
CA ARG B 334 19.00 54.30 13.75
C ARG B 334 20.38 54.93 13.91
N GLY B 335 21.17 54.96 12.85
CA GLY B 335 22.48 55.55 12.84
C GLY B 335 22.49 57.06 12.77
N PRO B 336 21.96 57.65 11.68
CA PRO B 336 21.90 59.11 11.59
C PRO B 336 20.99 59.77 12.63
N GLN B 337 20.03 59.05 13.18
CA GLN B 337 19.21 59.61 14.25
C GLN B 337 19.94 59.67 15.58
N ARG B 338 21.03 58.92 15.73
CA ARG B 338 21.88 58.86 16.92
C ARG B 338 21.12 58.53 18.21
N THR B 443 22.22 49.92 21.66
CA THR B 443 22.58 50.92 20.68
C THR B 443 24.07 50.87 20.34
N ASP B 444 24.58 49.65 20.17
CA ASP B 444 25.97 49.44 19.77
C ASP B 444 26.05 48.11 19.06
N VAL B 445 26.76 48.10 17.94
CA VAL B 445 26.85 46.89 17.11
C VAL B 445 27.70 45.82 17.81
N ASN B 446 28.83 46.24 18.38
CA ASN B 446 29.73 45.30 19.05
C ASN B 446 29.10 44.75 20.33
N ALA B 447 28.22 45.52 20.97
CA ALA B 447 27.58 45.07 22.19
C ALA B 447 26.60 43.93 21.92
N ILE B 448 25.84 44.03 20.82
CA ILE B 448 24.88 42.99 20.48
C ILE B 448 25.59 41.73 20.00
N ASP B 449 26.68 41.91 19.26
CA ASP B 449 27.42 40.75 18.74
C ASP B 449 28.14 40.00 19.85
N ARG B 450 28.77 40.72 20.79
CA ARG B 450 29.41 40.05 21.92
C ARG B 450 28.40 39.36 22.83
N TRP B 451 27.18 39.92 22.91
CA TRP B 451 26.13 39.30 23.70
C TRP B 451 25.67 37.99 23.09
N SER B 452 25.58 37.93 21.76
CA SER B 452 25.06 36.75 21.08
C SER B 452 26.05 35.60 21.13
N ARG B 453 27.34 35.89 21.12
CA ARG B 453 28.37 34.86 21.22
C ARG B 453 28.35 34.17 22.58
N ILE B 454 27.93 34.88 23.62
CA ILE B 454 27.85 34.29 24.95
C ILE B 454 26.51 33.60 25.17
N VAL B 455 25.41 34.24 24.75
CA VAL B 455 24.08 33.78 25.12
C VAL B 455 23.66 32.56 24.30
N PHE B 456 23.83 32.62 22.98
CA PHE B 456 23.27 31.56 22.14
C PHE B 456 23.96 30.20 22.28
N PRO B 457 25.28 30.07 22.48
CA PRO B 457 25.79 28.77 22.93
C PRO B 457 25.35 28.41 24.34
N PHE B 458 25.10 29.38 25.21
CA PHE B 458 24.66 29.06 26.56
C PHE B 458 23.19 28.65 26.60
N THR B 459 22.34 29.31 25.80
CA THR B 459 20.93 28.98 25.80
C THR B 459 20.67 27.66 25.06
N PHE B 460 21.44 27.38 24.01
CA PHE B 460 21.34 26.09 23.34
C PHE B 460 21.89 24.97 24.21
N SER B 461 22.85 25.28 25.09
CA SER B 461 23.29 24.31 26.08
C SER B 461 22.21 24.07 27.14
N LEU B 462 21.50 25.14 27.53
CA LEU B 462 20.36 24.98 28.43
C LEU B 462 19.22 24.22 27.76
N PHE B 463 19.03 24.41 26.46
CA PHE B 463 17.97 23.72 25.75
C PHE B 463 18.23 22.22 25.68
N ASN B 464 19.48 21.82 25.42
CA ASN B 464 19.82 20.40 25.39
C ASN B 464 19.75 19.79 26.79
N LEU B 465 20.10 20.57 27.82
CA LEU B 465 20.08 20.05 29.18
C LEU B 465 18.65 19.81 29.65
N VAL B 466 17.74 20.75 29.35
CA VAL B 466 16.33 20.55 29.68
C VAL B 466 15.73 19.42 28.85
N TYR B 467 16.11 19.33 27.57
CA TYR B 467 15.56 18.30 26.69
C TYR B 467 16.02 16.90 27.10
N TRP B 468 17.33 16.69 27.23
CA TRP B 468 17.86 15.36 27.48
C TRP B 468 17.68 14.90 28.92
N LEU B 469 17.14 15.72 29.82
CA LEU B 469 16.74 15.26 31.14
C LEU B 469 15.25 15.03 31.27
N TYR B 470 14.43 15.75 30.50
CA TYR B 470 12.99 15.58 30.56
C TYR B 470 12.54 14.32 29.84
N TYR B 471 13.32 13.83 28.88
CA TYR B 471 12.96 12.65 28.12
C TYR B 471 13.85 11.45 28.42
N VAL B 472 14.77 11.57 29.36
CA VAL B 472 15.59 10.42 29.77
C VAL B 472 15.44 10.19 31.27
N ASP C 65 -4.91 -52.68 -15.64
CA ASP C 65 -3.65 -53.18 -15.11
C ASP C 65 -3.17 -52.26 -14.00
N VAL C 66 -2.95 -51.00 -14.34
CA VAL C 66 -2.38 -50.05 -13.39
C VAL C 66 -3.43 -49.63 -12.36
N THR C 67 -4.71 -49.62 -12.75
CA THR C 67 -5.80 -49.39 -11.80
C THR C 67 -5.86 -50.51 -10.75
N VAL C 68 -5.62 -51.75 -11.18
CA VAL C 68 -5.54 -52.88 -10.26
C VAL C 68 -4.36 -52.73 -9.32
N ILE C 69 -3.24 -52.19 -9.83
CA ILE C 69 -2.06 -51.97 -9.00
C ILE C 69 -2.31 -50.88 -7.97
N LEU C 70 -2.91 -49.76 -8.40
CA LEU C 70 -3.09 -48.62 -7.51
C LEU C 70 -4.12 -48.89 -6.43
N ASN C 71 -5.17 -49.64 -6.75
CA ASN C 71 -6.15 -49.99 -5.72
C ASN C 71 -5.63 -51.05 -4.76
N ASN C 72 -4.65 -51.86 -5.16
CA ASN C 72 -4.06 -52.81 -4.23
C ASN C 72 -3.07 -52.15 -3.29
N LEU C 73 -2.41 -51.07 -3.71
CA LEU C 73 -1.49 -50.37 -2.82
C LEU C 73 -2.24 -49.59 -1.76
N LEU C 74 -3.37 -49.00 -2.13
CA LEU C 74 -4.18 -48.23 -1.18
C LEU C 74 -5.08 -49.10 -0.32
N GLU C 75 -5.20 -50.38 -0.62
CA GLU C 75 -6.02 -51.28 0.16
C GLU C 75 -5.33 -51.60 1.47
N GLY C 76 -5.92 -51.17 2.58
CA GLY C 76 -5.32 -51.39 3.88
C GLY C 76 -4.16 -50.47 4.18
N TYR C 77 -4.06 -49.35 3.49
CA TYR C 77 -2.99 -48.38 3.71
C TYR C 77 -3.47 -47.34 4.73
N ASP C 78 -2.59 -47.01 5.67
CA ASP C 78 -2.89 -46.00 6.68
C ASP C 78 -1.89 -44.86 6.49
N ASN C 79 -2.36 -43.73 5.97
CA ASN C 79 -1.50 -42.59 5.71
C ASN C 79 -1.08 -41.84 6.96
N LYS C 80 -1.71 -42.13 8.11
CA LYS C 80 -1.32 -41.48 9.35
C LYS C 80 -0.06 -42.11 9.96
N LEU C 81 0.31 -43.30 9.52
CA LEU C 81 1.42 -44.03 10.11
C LEU C 81 2.68 -43.84 9.28
N ARG C 82 3.75 -43.42 9.95
CA ARG C 82 5.06 -43.37 9.32
C ARG C 82 5.52 -44.78 8.96
N PRO C 83 6.20 -44.96 7.83
CA PRO C 83 6.83 -46.26 7.54
C PRO C 83 7.90 -46.58 8.57
N ASP C 84 7.91 -47.85 9.01
CA ASP C 84 8.76 -48.36 10.09
C ASP C 84 8.55 -47.57 11.38
N ILE C 85 7.30 -47.55 11.84
CA ILE C 85 6.95 -46.70 12.98
C ILE C 85 7.45 -47.29 14.30
N GLY C 86 7.74 -48.58 14.36
CA GLY C 86 8.31 -49.15 15.56
C GLY C 86 9.62 -49.87 15.30
N VAL C 87 10.24 -49.60 14.14
CA VAL C 87 11.38 -50.38 13.69
C VAL C 87 12.64 -49.52 13.61
N LYS C 88 12.62 -48.51 12.74
CA LYS C 88 13.83 -47.73 12.44
C LYS C 88 13.39 -46.38 11.88
N PRO C 89 14.27 -45.37 11.93
CA PRO C 89 13.92 -44.06 11.35
C PRO C 89 13.77 -44.11 9.84
N THR C 90 12.88 -43.26 9.34
CA THR C 90 12.63 -43.14 7.91
C THR C 90 13.69 -42.23 7.29
N LEU C 91 14.63 -42.82 6.57
CA LEU C 91 15.64 -42.03 5.88
C LEU C 91 15.04 -41.38 4.63
N ILE C 92 15.20 -40.07 4.52
CA ILE C 92 14.63 -39.29 3.42
C ILE C 92 15.76 -38.55 2.72
N HIS C 93 15.93 -38.80 1.43
CA HIS C 93 16.96 -38.14 0.63
C HIS C 93 16.35 -36.93 -0.04
N THR C 94 16.83 -35.74 0.31
CA THR C 94 16.28 -34.50 -0.20
C THR C 94 17.15 -33.94 -1.33
N ASP C 95 16.49 -33.37 -2.33
CA ASP C 95 17.14 -32.71 -3.45
C ASP C 95 16.49 -31.34 -3.61
N MET C 96 17.19 -30.44 -4.31
CA MET C 96 16.68 -29.08 -4.47
C MET C 96 17.24 -28.46 -5.75
N TYR C 97 16.36 -27.86 -6.55
CA TYR C 97 16.73 -27.14 -7.76
C TYR C 97 16.27 -25.70 -7.62
N VAL C 98 17.22 -24.79 -7.41
CA VAL C 98 16.90 -23.38 -7.19
C VAL C 98 16.58 -22.73 -8.54
N ASN C 99 15.33 -22.26 -8.69
CA ASN C 99 14.97 -21.54 -9.90
C ASN C 99 15.55 -20.13 -9.90
N SER C 100 15.15 -19.33 -8.92
CA SER C 100 15.55 -17.92 -8.91
C SER C 100 15.51 -17.40 -7.47
N ILE C 101 16.66 -17.00 -6.96
CA ILE C 101 16.68 -16.23 -5.73
C ILE C 101 16.19 -14.82 -6.03
N GLY C 102 15.07 -14.45 -5.43
CA GLY C 102 14.43 -13.19 -5.72
C GLY C 102 15.11 -12.00 -5.07
N PRO C 103 14.40 -10.88 -4.97
CA PRO C 103 14.98 -9.66 -4.42
C PRO C 103 15.23 -9.78 -2.92
N VAL C 104 16.47 -9.57 -2.50
CA VAL C 104 16.83 -9.60 -1.09
C VAL C 104 16.33 -8.32 -0.44
N ASN C 105 15.20 -8.41 0.26
CA ASN C 105 14.64 -7.27 0.97
C ASN C 105 15.49 -7.00 2.18
N ALA C 106 16.35 -5.99 2.09
CA ALA C 106 17.25 -5.69 3.19
C ALA C 106 16.54 -5.00 4.36
N ILE C 107 15.40 -4.36 4.11
CA ILE C 107 14.69 -3.68 5.19
C ILE C 107 14.00 -4.70 6.09
N ASN C 108 13.28 -5.64 5.49
CA ASN C 108 12.58 -6.68 6.23
C ASN C 108 13.46 -7.87 6.56
N MET C 109 14.70 -7.88 6.07
CA MET C 109 15.67 -8.97 6.20
C MET C 109 15.08 -10.29 5.70
N GLU C 110 14.71 -10.28 4.43
CA GLU C 110 14.11 -11.40 3.72
C GLU C 110 14.88 -11.64 2.43
N TYR C 111 14.55 -12.76 1.78
CA TYR C 111 14.93 -13.00 0.39
C TYR C 111 13.96 -14.01 -0.19
N THR C 112 13.53 -13.76 -1.42
CA THR C 112 12.62 -14.68 -2.10
C THR C 112 13.43 -15.77 -2.79
N ILE C 113 12.96 -17.01 -2.71
CA ILE C 113 13.58 -18.12 -3.41
C ILE C 113 12.50 -19.03 -3.97
N ASP C 114 12.67 -19.45 -5.22
CA ASP C 114 11.79 -20.41 -5.88
C ASP C 114 12.59 -21.68 -6.14
N ILE C 115 12.08 -22.82 -5.66
CA ILE C 115 12.79 -24.08 -5.76
C ILE C 115 11.84 -25.17 -6.27
N PHE C 116 12.44 -26.22 -6.82
CA PHE C 116 11.79 -27.51 -6.95
C PHE C 116 12.38 -28.41 -5.86
N PHE C 117 11.52 -28.94 -4.98
CA PHE C 117 11.96 -29.58 -3.76
C PHE C 117 11.56 -31.06 -3.80
N ALA C 118 12.56 -31.93 -3.97
CA ALA C 118 12.34 -33.35 -4.18
C ALA C 118 12.72 -34.15 -2.94
N GLN C 119 11.95 -35.20 -2.66
CA GLN C 119 12.20 -36.11 -1.56
C GLN C 119 12.02 -37.55 -2.04
N THR C 120 12.92 -38.44 -1.61
CA THR C 120 12.76 -39.87 -1.82
C THR C 120 12.80 -40.60 -0.49
N TRP C 121 12.00 -41.65 -0.36
CA TRP C 121 12.02 -42.49 0.83
C TRP C 121 11.44 -43.85 0.46
N TYR C 122 11.88 -44.88 1.16
CA TYR C 122 11.38 -46.24 0.96
C TYR C 122 10.13 -46.45 1.80
N ASP C 123 9.03 -46.80 1.16
CA ASP C 123 7.80 -47.18 1.83
C ASP C 123 7.50 -48.62 1.42
N ARG C 124 7.59 -49.55 2.38
CA ARG C 124 7.38 -50.96 2.06
C ARG C 124 5.92 -51.32 1.84
N ARG C 125 4.99 -50.44 2.20
CA ARG C 125 3.58 -50.68 1.96
C ARG C 125 3.18 -50.42 0.52
N LEU C 126 4.04 -49.80 -0.28
CA LEU C 126 3.76 -49.47 -1.66
C LEU C 126 4.60 -50.29 -2.63
N LYS C 127 4.83 -51.56 -2.29
CA LYS C 127 5.50 -52.49 -3.18
C LYS C 127 4.49 -53.19 -4.08
N PHE C 128 4.84 -53.33 -5.35
CA PHE C 128 3.99 -54.05 -6.29
C PHE C 128 4.85 -54.94 -7.17
N ASN C 129 4.35 -56.14 -7.46
CA ASN C 129 4.99 -57.07 -8.38
C ASN C 129 4.30 -56.95 -9.74
N SER C 130 4.98 -56.31 -10.69
CA SER C 130 4.41 -56.10 -12.02
C SER C 130 5.56 -55.91 -12.99
N THR C 131 5.23 -55.45 -14.20
CA THR C 131 6.19 -55.14 -15.24
C THR C 131 6.30 -53.63 -15.47
N ILE C 132 5.42 -52.85 -14.84
CA ILE C 132 5.32 -51.42 -15.11
C ILE C 132 6.54 -50.68 -14.55
N LYS C 133 7.03 -51.12 -13.38
CA LYS C 133 8.33 -50.82 -12.78
C LYS C 133 8.43 -49.40 -12.21
N VAL C 134 7.45 -48.54 -12.53
CA VAL C 134 7.38 -47.18 -12.02
C VAL C 134 5.95 -46.69 -12.26
N LEU C 135 5.45 -45.88 -11.33
CA LEU C 135 4.10 -45.32 -11.42
C LEU C 135 4.23 -43.80 -11.47
N ARG C 136 4.40 -43.26 -12.66
CA ARG C 136 4.61 -41.83 -12.84
C ARG C 136 3.25 -41.14 -12.77
N LEU C 137 2.89 -40.74 -11.55
CA LEU C 137 1.53 -40.32 -11.23
C LEU C 137 1.40 -38.80 -11.17
N ASN C 138 0.16 -38.36 -11.01
CA ASN C 138 -0.21 -36.96 -10.84
C ASN C 138 -0.04 -36.56 -9.38
N SER C 139 -0.56 -35.37 -9.04
CA SER C 139 -0.67 -34.91 -7.67
C SER C 139 -1.94 -35.40 -6.98
N ASN C 140 -2.67 -36.35 -7.58
CA ASN C 140 -3.90 -36.85 -6.99
C ASN C 140 -3.66 -37.84 -5.86
N MET C 141 -2.52 -38.54 -5.89
CA MET C 141 -2.19 -39.58 -4.92
C MET C 141 -1.49 -39.01 -3.70
N VAL C 142 -1.21 -37.71 -3.68
CA VAL C 142 -0.42 -37.09 -2.61
C VAL C 142 -1.18 -37.13 -1.29
N GLY C 143 -2.47 -36.83 -1.31
CA GLY C 143 -3.25 -36.86 -0.09
C GLY C 143 -3.62 -38.23 0.43
N LYS C 144 -3.29 -39.30 -0.30
CA LYS C 144 -3.60 -40.66 0.12
C LYS C 144 -2.38 -41.39 0.68
N ILE C 145 -1.19 -40.97 0.31
CA ILE C 145 0.07 -41.56 0.74
C ILE C 145 0.62 -40.73 1.89
N TRP C 146 1.34 -41.37 2.81
CA TRP C 146 2.10 -40.66 3.83
C TRP C 146 3.10 -39.71 3.22
N ILE C 147 2.94 -38.43 3.51
CA ILE C 147 3.84 -37.37 3.04
C ILE C 147 4.57 -36.81 4.25
N PRO C 148 5.90 -36.65 4.19
CA PRO C 148 6.63 -36.10 5.34
C PRO C 148 6.25 -34.65 5.60
N ASP C 149 6.20 -34.29 6.88
CA ASP C 149 5.82 -32.94 7.28
C ASP C 149 7.04 -32.00 7.31
N THR C 150 7.65 -31.86 6.14
CA THR C 150 8.80 -30.98 6.00
C THR C 150 8.34 -29.53 5.98
N PHE C 151 8.83 -28.74 6.93
CA PHE C 151 8.56 -27.32 6.96
C PHE C 151 9.88 -26.58 6.80
N PHE C 152 9.80 -25.39 6.19
CA PHE C 152 10.96 -24.54 6.04
C PHE C 152 11.08 -23.66 7.29
N ARG C 153 12.18 -23.83 8.01
CA ARG C 153 12.26 -23.36 9.39
C ARG C 153 12.35 -21.86 9.49
N ASN C 154 13.07 -21.22 8.57
CA ASN C 154 13.23 -19.76 8.57
C ASN C 154 12.33 -19.07 7.54
N SER C 155 11.17 -19.64 7.25
CA SER C 155 10.28 -19.08 6.23
C SER C 155 9.30 -18.12 6.89
N LYS C 156 9.15 -16.94 6.30
CA LYS C 156 8.12 -16.00 6.72
C LYS C 156 6.83 -16.19 5.94
N LYS C 157 6.92 -16.38 4.62
CA LYS C 157 5.78 -16.68 3.76
C LYS C 157 6.26 -17.70 2.73
N ALA C 158 5.73 -18.91 2.80
CA ALA C 158 6.04 -19.94 1.82
C ALA C 158 4.76 -20.35 1.12
N ASP C 159 4.82 -20.45 -0.20
CA ASP C 159 3.64 -20.76 -1.00
C ASP C 159 3.94 -21.91 -1.95
N ALA C 160 3.00 -22.84 -2.06
CA ALA C 160 3.00 -23.81 -3.13
C ALA C 160 2.24 -23.23 -4.33
N HIS C 161 2.41 -23.89 -5.47
CA HIS C 161 1.81 -23.42 -6.71
C HIS C 161 0.63 -24.30 -7.09
N TRP C 162 -0.41 -23.67 -7.64
CA TRP C 162 -1.68 -24.35 -7.86
C TRP C 162 -2.25 -24.05 -9.25
N ILE C 163 -1.48 -23.41 -10.13
CA ILE C 163 -1.92 -23.05 -11.47
C ILE C 163 -1.02 -23.78 -12.46
N THR C 164 -1.61 -24.59 -13.35
CA THR C 164 -3.05 -24.71 -13.55
C THR C 164 -3.62 -25.87 -12.74
N THR C 165 -2.77 -26.81 -12.42
CA THR C 165 -3.03 -27.93 -11.54
C THR C 165 -2.20 -27.78 -10.27
N PRO C 166 -2.44 -28.59 -9.23
CA PRO C 166 -1.45 -28.68 -8.14
C PRO C 166 -0.11 -29.16 -8.65
N ASN C 167 0.89 -28.29 -8.56
CA ASN C 167 2.20 -28.57 -9.16
C ASN C 167 3.03 -29.47 -8.26
N ARG C 168 2.58 -30.71 -8.15
CA ARG C 168 3.24 -31.76 -7.40
C ARG C 168 3.34 -32.99 -8.30
N MET C 169 4.11 -33.98 -7.86
CA MET C 169 4.27 -35.20 -8.63
C MET C 169 4.61 -36.34 -7.70
N LEU C 170 4.36 -37.56 -8.17
CA LEU C 170 4.58 -38.73 -7.34
C LEU C 170 5.00 -39.87 -8.26
N ARG C 171 6.10 -40.53 -7.93
CA ARG C 171 6.60 -41.65 -8.71
C ARG C 171 6.95 -42.78 -7.76
N ILE C 172 6.31 -43.94 -7.94
CA ILE C 172 6.45 -45.07 -7.03
C ILE C 172 7.05 -46.22 -7.82
N TRP C 173 8.22 -46.70 -7.38
CA TRP C 173 8.86 -47.83 -8.01
C TRP C 173 8.39 -49.14 -7.37
N ASN C 174 8.81 -50.25 -7.98
CA ASN C 174 8.30 -51.55 -7.54
C ASN C 174 8.90 -52.02 -6.22
N ASP C 175 10.08 -51.53 -5.86
CA ASP C 175 10.68 -51.89 -4.58
C ASP C 175 10.19 -51.02 -3.43
N GLY C 176 9.36 -50.01 -3.71
CA GLY C 176 8.78 -49.17 -2.69
C GLY C 176 9.32 -47.76 -2.61
N ARG C 177 10.22 -47.37 -3.50
CA ARG C 177 10.77 -46.02 -3.44
C ARG C 177 9.77 -45.02 -4.01
N VAL C 178 9.60 -43.91 -3.29
CA VAL C 178 8.59 -42.91 -3.61
C VAL C 178 9.29 -41.58 -3.82
N LEU C 179 9.14 -41.00 -5.01
CA LEU C 179 9.66 -39.67 -5.31
C LEU C 179 8.53 -38.66 -5.23
N TYR C 180 8.80 -37.51 -4.62
CA TYR C 180 7.80 -36.48 -4.40
C TYR C 180 8.45 -35.11 -4.55
N THR C 181 8.07 -34.39 -5.61
CA THR C 181 8.63 -33.07 -5.91
C THR C 181 7.49 -32.06 -5.99
N LEU C 182 7.70 -30.89 -5.38
CA LEU C 182 6.74 -29.81 -5.45
C LEU C 182 7.48 -28.48 -5.61
N ARG C 183 6.84 -27.54 -6.27
CA ARG C 183 7.42 -26.21 -6.53
C ARG C 183 6.97 -25.22 -5.47
N LEU C 184 7.93 -24.50 -4.89
CA LEU C 184 7.68 -23.67 -3.72
C LEU C 184 8.39 -22.33 -3.85
N THR C 185 7.64 -21.24 -3.61
CA THR C 185 8.22 -19.91 -3.45
C THR C 185 8.24 -19.56 -1.96
N ILE C 186 9.40 -19.12 -1.46
CA ILE C 186 9.62 -18.96 -0.03
C ILE C 186 10.12 -17.55 0.23
N ASP C 187 9.47 -16.84 1.15
CA ASP C 187 10.04 -15.62 1.72
C ASP C 187 10.83 -16.03 2.96
N ALA C 188 12.04 -16.51 2.73
CA ALA C 188 12.89 -16.95 3.82
C ALA C 188 13.47 -15.76 4.57
N GLU C 189 14.08 -16.04 5.71
CA GLU C 189 14.58 -15.01 6.63
C GLU C 189 16.07 -15.20 6.82
N CYS C 190 16.83 -14.12 6.67
CA CYS C 190 18.24 -14.10 7.03
C CYS C 190 18.60 -12.78 7.67
N GLN C 191 19.22 -12.84 8.84
CA GLN C 191 19.66 -11.64 9.55
C GLN C 191 20.88 -11.05 8.85
N LEU C 192 20.67 -9.94 8.16
CA LEU C 192 21.76 -9.27 7.44
C LEU C 192 22.56 -8.43 8.42
N GLN C 193 23.76 -8.87 8.73
CA GLN C 193 24.70 -8.06 9.51
C GLN C 193 25.26 -7.01 8.56
N LEU C 194 24.64 -5.83 8.55
CA LEU C 194 24.89 -4.82 7.54
C LEU C 194 26.03 -3.88 7.90
N HIS C 195 26.97 -4.33 8.73
CA HIS C 195 28.26 -3.68 8.83
C HIS C 195 28.97 -3.80 7.49
N ASN C 196 29.88 -2.84 7.23
CA ASN C 196 30.65 -2.73 5.99
C ASN C 196 29.72 -2.56 4.78
N PHE C 197 28.66 -1.79 4.96
CA PHE C 197 27.77 -1.47 3.84
C PHE C 197 28.37 -0.34 3.00
N PRO C 198 28.36 -0.46 1.66
CA PRO C 198 27.85 -1.50 0.76
C PRO C 198 28.93 -2.43 0.22
N MET C 199 29.85 -2.85 1.08
CA MET C 199 30.96 -3.71 0.69
C MET C 199 30.82 -5.09 1.29
N ASP C 200 29.66 -5.38 1.90
CA ASP C 200 29.47 -6.53 2.76
C ASP C 200 29.15 -7.79 1.96
N GLU C 201 29.09 -8.90 2.68
CA GLU C 201 28.77 -10.20 2.12
C GLU C 201 27.93 -10.96 3.13
N HIS C 202 27.02 -11.80 2.63
CA HIS C 202 26.08 -12.49 3.49
C HIS C 202 25.88 -13.92 3.02
N SER C 203 25.73 -14.83 3.97
CA SER C 203 25.40 -16.23 3.70
C SER C 203 24.00 -16.48 4.27
N CYS C 204 22.99 -16.21 3.46
CA CYS C 204 21.61 -16.35 3.90
C CYS C 204 21.18 -17.81 3.89
N PRO C 205 20.73 -18.37 5.01
CA PRO C 205 20.43 -19.80 5.06
C PRO C 205 19.03 -20.12 4.56
N LEU C 206 18.82 -21.40 4.30
CA LEU C 206 17.50 -21.96 4.03
C LEU C 206 17.44 -23.33 4.70
N GLU C 207 16.72 -23.41 5.81
CA GLU C 207 16.74 -24.58 6.68
C GLU C 207 15.40 -25.30 6.65
N PHE C 208 15.45 -26.63 6.78
CA PHE C 208 14.23 -27.40 6.87
C PHE C 208 14.42 -28.66 7.72
N SER C 209 13.32 -29.08 8.35
CA SER C 209 13.27 -30.31 9.11
C SER C 209 11.82 -30.80 9.09
N SER C 210 11.59 -31.95 9.71
CA SER C 210 10.22 -32.40 9.92
C SER C 210 9.64 -31.67 11.12
N TYR C 211 8.31 -31.50 11.12
CA TYR C 211 7.71 -30.72 12.17
C TYR C 211 7.44 -31.55 13.42
N GLY C 212 7.03 -32.79 13.26
CA GLY C 212 6.66 -33.57 14.43
C GLY C 212 7.56 -34.76 14.72
N TYR C 213 8.37 -35.16 13.75
CA TYR C 213 9.13 -36.39 13.85
C TYR C 213 10.55 -36.09 14.29
N PRO C 214 11.00 -36.62 15.44
CA PRO C 214 12.37 -36.36 15.90
C PRO C 214 13.44 -37.11 15.14
N ARG C 215 14.67 -37.03 15.65
CA ARG C 215 15.81 -37.74 15.07
C ARG C 215 15.61 -39.25 15.12
N GLU C 216 14.89 -39.74 16.13
CA GLU C 216 14.63 -41.17 16.26
C GLU C 216 13.58 -41.68 15.29
N GLU C 217 12.92 -40.80 14.53
CA GLU C 217 11.82 -41.21 13.67
C GLU C 217 12.02 -40.83 12.21
N ILE C 218 12.56 -39.64 11.91
CA ILE C 218 12.89 -39.24 10.54
C ILE C 218 14.27 -38.62 10.53
N VAL C 219 15.16 -39.16 9.68
CA VAL C 219 16.48 -38.61 9.44
C VAL C 219 16.55 -38.16 7.99
N TYR C 220 16.99 -36.93 7.77
CA TYR C 220 17.22 -36.41 6.42
C TYR C 220 18.66 -36.64 6.00
N GLN C 221 18.87 -36.57 4.68
CA GLN C 221 20.20 -36.76 4.09
C GLN C 221 20.19 -36.13 2.71
N TRP C 222 21.31 -35.54 2.31
CA TRP C 222 21.41 -35.03 0.96
C TRP C 222 21.79 -36.15 -0.02
N LYS C 223 21.50 -35.91 -1.29
CA LYS C 223 21.91 -36.80 -2.36
C LYS C 223 23.30 -36.40 -2.84
N ARG C 224 23.73 -36.93 -3.99
CA ARG C 224 25.00 -36.53 -4.58
C ARG C 224 24.94 -35.08 -5.06
N SER C 225 24.06 -34.79 -6.01
CA SER C 225 23.77 -33.42 -6.41
C SER C 225 22.75 -32.86 -5.43
N SER C 226 23.26 -32.20 -4.38
CA SER C 226 22.40 -31.76 -3.29
C SER C 226 21.54 -30.58 -3.71
N VAL C 227 22.16 -29.46 -4.05
CA VAL C 227 21.45 -28.26 -4.46
C VAL C 227 21.93 -27.88 -5.86
N GLU C 228 21.01 -27.91 -6.82
CA GLU C 228 21.33 -27.63 -8.21
C GLU C 228 20.98 -26.19 -8.54
N VAL C 229 21.88 -25.52 -9.26
CA VAL C 229 21.76 -24.11 -9.57
C VAL C 229 21.51 -23.97 -11.07
N GLY C 230 20.64 -23.03 -11.45
CA GLY C 230 20.33 -22.81 -12.85
C GLY C 230 21.37 -21.98 -13.57
N ASP C 231 20.93 -20.94 -14.28
CA ASP C 231 21.83 -20.13 -15.09
C ASP C 231 22.45 -18.97 -14.34
N THR C 232 21.80 -18.50 -13.26
CA THR C 232 22.23 -17.50 -12.27
C THR C 232 22.21 -16.08 -12.85
N ARG C 233 21.97 -15.95 -14.15
CA ARG C 233 21.86 -14.65 -14.79
C ARG C 233 20.42 -14.16 -14.89
N SER C 234 19.46 -15.08 -14.85
CA SER C 234 18.05 -14.72 -14.91
C SER C 234 17.44 -14.51 -13.54
N TRP C 235 18.25 -14.48 -12.49
CA TRP C 235 17.74 -14.35 -11.14
C TRP C 235 17.42 -12.89 -10.85
N ARG C 236 16.61 -12.68 -9.83
CA ARG C 236 16.17 -11.33 -9.44
C ARG C 236 17.07 -10.74 -8.37
N LEU C 237 18.38 -10.75 -8.61
CA LEU C 237 19.36 -10.21 -7.66
C LEU C 237 19.77 -8.83 -8.13
N TYR C 238 19.20 -7.81 -7.50
CA TYR C 238 19.52 -6.42 -7.84
C TYR C 238 20.90 -6.03 -7.34
N GLN C 239 21.07 -6.03 -6.02
CA GLN C 239 22.27 -5.49 -5.40
C GLN C 239 23.32 -6.53 -5.08
N PHE C 240 22.96 -7.79 -5.09
CA PHE C 240 23.83 -8.87 -4.66
C PHE C 240 24.25 -9.72 -5.85
N SER C 241 25.44 -10.28 -5.78
CA SER C 241 25.95 -11.19 -6.79
C SER C 241 26.16 -12.56 -6.16
N PHE C 242 25.55 -13.58 -6.76
CA PHE C 242 25.65 -14.94 -6.25
C PHE C 242 27.07 -15.47 -6.45
N VAL C 243 27.74 -15.82 -5.36
CA VAL C 243 29.12 -16.27 -5.43
C VAL C 243 29.34 -17.67 -4.86
N GLY C 244 28.42 -18.22 -4.07
CA GLY C 244 28.73 -19.48 -3.43
C GLY C 244 27.49 -20.23 -2.97
N LEU C 245 27.72 -21.50 -2.63
CA LEU C 245 26.67 -22.41 -2.20
C LEU C 245 27.28 -23.39 -1.21
N ARG C 246 26.54 -23.67 -0.14
CA ARG C 246 27.08 -24.51 0.93
C ARG C 246 25.93 -25.18 1.67
N ASN C 247 26.12 -26.45 2.02
CA ASN C 247 25.16 -27.21 2.79
C ASN C 247 25.74 -27.57 4.15
N THR C 248 24.87 -27.96 5.08
CA THR C 248 25.32 -28.55 6.33
C THR C 248 24.19 -29.40 6.92
N THR C 249 24.55 -30.19 7.93
CA THR C 249 23.62 -31.03 8.65
C THR C 249 23.81 -30.80 10.14
N GLU C 250 22.75 -30.39 10.83
CA GLU C 250 22.80 -30.18 12.26
C GLU C 250 21.55 -30.77 12.90
N VAL C 251 21.64 -31.00 14.21
CA VAL C 251 20.54 -31.51 15.01
C VAL C 251 20.22 -30.48 16.08
N VAL C 252 19.09 -29.80 15.95
CA VAL C 252 18.69 -28.84 16.96
C VAL C 252 18.02 -29.56 18.12
N LYS C 253 17.97 -28.89 19.26
CA LYS C 253 17.36 -29.44 20.48
C LYS C 253 16.25 -28.50 20.91
N THR C 254 15.03 -28.81 20.51
CA THR C 254 13.86 -28.04 20.90
C THR C 254 13.13 -28.77 22.04
N THR C 255 11.95 -28.28 22.39
CA THR C 255 11.19 -28.88 23.49
C THR C 255 10.68 -30.27 23.13
N SER C 256 10.18 -30.43 21.91
CA SER C 256 9.58 -31.69 21.49
C SER C 256 10.61 -32.76 21.12
N GLY C 257 11.90 -32.45 21.11
CA GLY C 257 12.90 -33.46 20.89
C GLY C 257 14.05 -32.92 20.05
N ASP C 258 14.76 -33.84 19.41
CA ASP C 258 15.92 -33.53 18.58
C ASP C 258 15.54 -33.69 17.12
N TYR C 259 15.67 -32.61 16.35
CA TYR C 259 15.24 -32.59 14.95
C TYR C 259 16.45 -32.50 14.03
N VAL C 260 16.52 -33.37 13.03
CA VAL C 260 17.57 -33.30 12.02
C VAL C 260 17.25 -32.15 11.07
N VAL C 261 18.10 -31.13 11.05
CA VAL C 261 17.84 -29.90 10.31
C VAL C 261 18.85 -29.80 9.18
N MET C 262 18.38 -29.96 7.95
CA MET C 262 19.17 -29.61 6.78
C MET C 262 19.27 -28.09 6.66
N SER C 263 20.31 -27.64 5.96
CA SER C 263 20.48 -26.21 5.76
C SER C 263 21.20 -25.97 4.44
N VAL C 264 20.78 -24.93 3.72
CA VAL C 264 21.40 -24.53 2.47
C VAL C 264 21.82 -23.07 2.60
N TYR C 265 23.10 -22.79 2.40
CA TYR C 265 23.64 -21.44 2.55
C TYR C 265 23.93 -20.84 1.17
N PHE C 266 23.50 -19.61 0.97
CA PHE C 266 23.71 -18.88 -0.27
C PHE C 266 24.62 -17.69 0.00
N ASP C 267 25.85 -17.75 -0.49
CA ASP C 267 26.80 -16.66 -0.32
C ASP C 267 26.48 -15.55 -1.32
N LEU C 268 26.20 -14.35 -0.82
CA LEU C 268 25.84 -13.22 -1.66
C LEU C 268 26.76 -12.04 -1.34
N SER C 269 27.65 -11.71 -2.26
CA SER C 269 28.45 -10.49 -2.15
C SER C 269 27.84 -9.40 -3.02
N ARG C 270 28.38 -8.20 -2.89
CA ARG C 270 27.77 -7.04 -3.49
C ARG C 270 28.32 -6.75 -4.88
N ARG C 271 27.51 -6.04 -5.66
CA ARG C 271 27.98 -5.32 -6.83
C ARG C 271 28.10 -3.86 -6.40
N MET C 272 29.31 -3.32 -6.46
CA MET C 272 29.62 -2.06 -5.80
C MET C 272 29.65 -0.87 -6.75
N GLY C 273 29.76 -1.09 -8.06
CA GLY C 273 30.01 -0.02 -9.02
C GLY C 273 28.91 1.01 -9.26
N TYR C 274 27.91 1.03 -8.40
CA TYR C 274 26.80 1.98 -8.38
C TYR C 274 26.91 3.02 -7.30
N PHE C 275 27.24 2.64 -6.07
CA PHE C 275 27.43 3.60 -4.99
C PHE C 275 28.67 4.46 -5.18
N THR C 276 29.57 4.07 -6.07
CA THR C 276 30.72 4.90 -6.40
C THR C 276 30.29 6.21 -7.04
N ILE C 277 29.46 6.16 -8.08
CA ILE C 277 29.13 7.34 -8.86
C ILE C 277 27.85 8.01 -8.37
N GLN C 278 27.29 7.55 -7.26
CA GLN C 278 26.10 8.17 -6.70
C GLN C 278 26.30 8.79 -5.33
N THR C 279 27.14 8.20 -4.49
CA THR C 279 27.41 8.81 -3.19
C THR C 279 28.90 9.10 -3.02
N TYR C 280 29.75 8.17 -3.44
CA TYR C 280 31.19 8.29 -3.19
C TYR C 280 31.81 9.42 -4.01
N ILE C 281 31.66 9.36 -5.34
CA ILE C 281 32.18 10.45 -6.19
C ILE C 281 31.49 11.80 -5.94
N PRO C 282 30.16 11.90 -5.75
CA PRO C 282 29.62 13.21 -5.35
C PRO C 282 30.08 13.72 -4.00
N CYS C 283 30.28 12.86 -2.99
CA CYS C 283 30.76 13.37 -1.71
C CYS C 283 32.22 13.81 -1.78
N THR C 284 33.05 13.10 -2.53
CA THR C 284 34.46 13.49 -2.63
C THR C 284 34.62 14.81 -3.38
N LEU C 285 33.85 15.02 -4.44
CA LEU C 285 34.02 16.24 -5.22
C LEU C 285 33.48 17.45 -4.50
N ILE C 286 32.50 17.27 -3.61
CA ILE C 286 31.96 18.39 -2.86
C ILE C 286 32.87 18.77 -1.69
N VAL C 287 33.61 17.79 -1.13
CA VAL C 287 34.67 18.11 -0.17
C VAL C 287 35.80 18.88 -0.86
N VAL C 288 36.16 18.48 -2.08
CA VAL C 288 37.12 19.24 -2.88
C VAL C 288 36.53 20.60 -3.26
N LEU C 289 35.21 20.68 -3.44
CA LEU C 289 34.56 21.94 -3.79
C LEU C 289 34.60 22.94 -2.64
N SER C 290 34.65 22.45 -1.40
CA SER C 290 34.82 23.34 -0.26
C SER C 290 36.25 23.86 -0.14
N TRP C 291 37.21 23.11 -0.68
CA TRP C 291 38.61 23.53 -0.64
C TRP C 291 38.87 24.71 -1.57
N VAL C 292 37.97 24.92 -2.55
CA VAL C 292 38.07 25.99 -3.55
C VAL C 292 38.17 27.36 -2.88
N SER C 293 37.50 27.51 -1.72
CA SER C 293 37.53 28.77 -0.98
C SER C 293 38.92 29.16 -0.48
N PHE C 294 39.83 28.20 -0.34
CA PHE C 294 41.14 28.50 0.23
C PHE C 294 42.03 29.24 -0.75
N TRP C 295 41.84 29.06 -2.05
CA TRP C 295 42.56 29.80 -3.08
C TRP C 295 41.81 31.03 -3.55
N ILE C 296 40.77 31.43 -2.83
CA ILE C 296 40.01 32.63 -3.11
C ILE C 296 40.33 33.65 -2.02
N ASN C 297 40.43 34.93 -2.42
CA ASN C 297 40.95 36.02 -1.60
C ASN C 297 40.24 36.12 -0.25
N LYS C 298 41.01 36.56 0.75
CA LYS C 298 40.55 36.59 2.13
C LYS C 298 39.42 37.59 2.34
N ASP C 299 39.47 38.72 1.63
CA ASP C 299 38.52 39.80 1.84
C ASP C 299 37.28 39.68 0.96
N ALA C 300 37.10 38.55 0.26
CA ALA C 300 35.89 38.31 -0.51
C ALA C 300 34.91 37.51 0.34
N VAL C 301 34.38 38.20 1.35
CA VAL C 301 33.53 37.58 2.37
C VAL C 301 32.15 37.12 1.88
N PRO C 302 31.50 37.66 0.82
CA PRO C 302 30.32 36.93 0.33
C PRO C 302 30.67 35.65 -0.42
N ALA C 303 31.79 35.62 -1.13
CA ALA C 303 32.15 34.44 -1.92
C ALA C 303 32.59 33.27 -1.05
N ARG C 304 33.34 33.56 0.01
CA ARG C 304 33.79 32.51 0.93
C ARG C 304 32.64 31.89 1.68
N THR C 305 31.64 32.70 2.06
CA THR C 305 30.47 32.19 2.75
C THR C 305 29.57 31.40 1.80
N SER C 306 29.41 31.86 0.56
CA SER C 306 28.58 31.17 -0.42
C SER C 306 29.14 29.79 -0.76
N LEU C 307 30.46 29.69 -0.90
CA LEU C 307 31.11 28.40 -1.00
C LEU C 307 30.89 27.55 0.23
N GLY C 308 30.94 28.15 1.42
CA GLY C 308 30.89 27.37 2.64
C GLY C 308 29.53 26.77 2.92
N ILE C 309 28.50 27.61 2.97
CA ILE C 309 27.22 27.14 3.50
C ILE C 309 26.41 26.36 2.46
N THR C 310 26.65 26.59 1.16
CA THR C 310 25.95 25.80 0.16
C THR C 310 26.58 24.42 -0.02
N THR C 311 27.87 24.30 0.28
CA THR C 311 28.52 23.00 0.36
C THR C 311 27.98 22.20 1.54
N VAL C 312 27.61 22.88 2.62
CA VAL C 312 26.94 22.24 3.75
C VAL C 312 25.57 21.72 3.34
N LEU C 313 24.81 22.54 2.60
CA LEU C 313 23.46 22.18 2.19
C LEU C 313 23.46 21.01 1.21
N THR C 314 24.49 20.93 0.36
CA THR C 314 24.52 19.83 -0.59
C THR C 314 24.97 18.53 0.06
N MET C 315 25.81 18.61 1.11
CA MET C 315 26.11 17.45 1.93
C MET C 315 24.89 16.91 2.66
N THR C 316 24.00 17.81 3.09
CA THR C 316 22.74 17.38 3.69
C THR C 316 21.85 16.72 2.66
N THR C 317 21.90 17.21 1.41
CA THR C 317 21.14 16.60 0.33
C THR C 317 21.68 15.24 -0.06
N LEU C 318 23.00 15.03 0.05
CA LEU C 318 23.53 13.70 -0.23
C LEU C 318 23.37 12.75 0.94
N SER C 319 23.21 13.27 2.16
CA SER C 319 22.98 12.41 3.31
C SER C 319 21.58 11.83 3.33
N THR C 320 20.67 12.40 2.53
CA THR C 320 19.39 11.77 2.22
C THR C 320 19.57 10.37 1.62
N ILE C 321 20.55 10.21 0.73
CA ILE C 321 20.73 8.98 -0.03
C ILE C 321 21.17 7.83 0.87
N ALA C 322 22.07 8.13 1.83
CA ALA C 322 22.88 7.17 2.59
C ALA C 322 22.15 6.00 3.23
N ARG C 323 20.88 6.20 3.58
CA ARG C 323 20.10 5.15 4.21
C ARG C 323 18.86 4.81 3.38
N LYS C 324 19.02 4.71 2.07
CA LYS C 324 17.89 4.49 1.18
C LYS C 324 17.34 3.07 1.30
N SER C 325 18.15 2.08 0.95
CA SER C 325 17.72 0.68 0.98
C SER C 325 18.29 -0.04 2.20
N LEU C 326 18.00 0.51 3.37
CA LEU C 326 18.48 -0.05 4.62
C LEU C 326 17.39 0.03 5.68
N PRO C 327 17.39 -0.89 6.64
CA PRO C 327 16.56 -0.73 7.83
C PRO C 327 17.17 0.29 8.78
N LYS C 328 16.45 0.54 9.87
CA LYS C 328 16.88 1.54 10.84
C LYS C 328 17.78 0.92 11.90
N VAL C 329 18.93 0.42 11.44
CA VAL C 329 19.95 -0.08 12.37
C VAL C 329 20.63 1.09 13.06
N SER C 330 21.22 0.81 14.22
CA SER C 330 21.67 1.88 15.10
C SER C 330 23.18 1.96 15.25
N TYR C 331 23.93 1.18 14.48
CA TYR C 331 25.37 1.35 14.42
C TYR C 331 25.72 2.26 13.23
N VAL C 332 27.01 2.42 12.97
CA VAL C 332 27.50 3.28 11.90
C VAL C 332 28.06 2.38 10.82
N THR C 333 27.49 2.46 9.62
CA THR C 333 27.95 1.64 8.51
C THR C 333 29.18 2.28 7.87
N ALA C 334 29.71 1.62 6.84
CA ALA C 334 30.81 2.22 6.09
C ALA C 334 30.32 3.37 5.23
N MET C 335 29.07 3.30 4.77
CA MET C 335 28.48 4.41 4.04
C MET C 335 28.20 5.59 4.96
N ASP C 336 27.66 5.30 6.16
CA ASP C 336 27.35 6.36 7.11
C ASP C 336 28.61 7.04 7.64
N LEU C 337 29.69 6.27 7.81
CA LEU C 337 30.94 6.86 8.28
C LEU C 337 31.56 7.77 7.22
N PHE C 338 31.42 7.40 5.94
CA PHE C 338 32.02 8.19 4.87
C PHE C 338 31.31 9.52 4.70
N VAL C 339 29.96 9.50 4.71
CA VAL C 339 29.19 10.72 4.53
C VAL C 339 29.36 11.65 5.73
N SER C 340 29.51 11.08 6.92
CA SER C 340 29.68 11.89 8.12
C SER C 340 31.04 12.59 8.16
N VAL C 341 32.11 11.88 7.82
CA VAL C 341 33.44 12.48 7.81
C VAL C 341 33.57 13.48 6.67
N CYS C 342 32.91 13.21 5.53
CA CYS C 342 32.83 14.22 4.47
C CYS C 342 32.03 15.43 4.93
N PHE C 343 31.03 15.24 5.79
CA PHE C 343 30.30 16.38 6.32
C PHE C 343 31.14 17.17 7.32
N ILE C 344 31.99 16.48 8.09
CA ILE C 344 32.84 17.16 9.08
C ILE C 344 33.89 18.01 8.39
N PHE C 345 34.43 17.51 7.29
CA PHE C 345 35.41 18.23 6.48
C PHE C 345 34.76 19.49 5.91
N VAL C 346 33.53 19.36 5.44
CA VAL C 346 32.75 20.50 4.97
C VAL C 346 32.42 21.46 6.10
N PHE C 347 32.05 20.90 7.27
CA PHE C 347 31.85 21.71 8.48
C PHE C 347 33.12 22.44 8.89
N SER C 348 34.27 21.77 8.82
CA SER C 348 35.53 22.37 9.27
C SER C 348 35.99 23.50 8.35
N ALA C 349 35.63 23.44 7.06
CA ALA C 349 36.08 24.45 6.11
C ALA C 349 35.41 25.81 6.37
N LEU C 350 34.11 25.80 6.68
CA LEU C 350 33.41 27.06 6.94
C LEU C 350 33.79 27.65 8.29
N VAL C 351 34.01 26.80 9.29
CA VAL C 351 34.46 27.27 10.60
C VAL C 351 35.90 27.78 10.52
N GLU C 352 36.68 27.27 9.58
CA GLU C 352 38.03 27.78 9.34
C GLU C 352 38.00 29.23 8.86
N TYR C 353 37.08 29.55 7.96
CA TYR C 353 36.96 30.92 7.51
C TYR C 353 36.36 31.83 8.57
N GLY C 354 35.45 31.30 9.38
CA GLY C 354 34.84 32.11 10.44
C GLY C 354 35.84 32.54 11.49
N THR C 355 36.75 31.65 11.88
CA THR C 355 37.81 32.05 12.80
C THR C 355 38.85 32.92 12.11
N LEU C 356 39.03 32.75 10.81
CA LEU C 356 40.01 33.56 10.10
C LEU C 356 39.48 34.95 9.78
N HIS C 357 38.17 35.08 9.59
CA HIS C 357 37.60 36.40 9.35
C HIS C 357 37.53 37.22 10.63
N TYR C 358 37.37 36.56 11.78
CA TYR C 358 37.32 37.30 13.04
C TYR C 358 38.71 37.69 13.51
N PHE C 359 39.66 36.75 13.50
CA PHE C 359 40.99 37.00 14.06
C PHE C 359 41.86 37.91 13.20
N VAL C 360 41.42 38.28 12.01
CA VAL C 360 42.23 39.13 11.14
C VAL C 360 41.56 40.48 10.95
N SER C 361 40.32 40.47 10.46
CA SER C 361 39.61 41.71 10.15
C SER C 361 38.79 42.23 11.32
N ASN C 362 37.98 41.36 11.93
CA ASN C 362 37.06 41.80 12.97
C ASN C 362 37.77 41.95 14.32
N ARG C 363 38.94 41.36 14.48
CA ARG C 363 39.84 41.50 15.64
C ARG C 363 39.20 41.15 16.98
N ARG C 445 49.90 30.99 13.64
CA ARG C 445 49.44 32.27 13.09
C ARG C 445 48.14 32.09 12.34
N ILE C 446 47.14 32.91 12.68
CA ILE C 446 45.86 32.83 11.99
C ILE C 446 45.88 33.62 10.69
N ALA C 447 46.79 34.59 10.57
CA ALA C 447 46.94 35.32 9.31
C ALA C 447 47.54 34.45 8.20
N LYS C 448 48.22 33.35 8.56
CA LYS C 448 48.73 32.39 7.60
C LYS C 448 47.95 31.08 7.64
N MET C 449 46.71 31.11 8.13
CA MET C 449 45.98 29.86 8.30
C MET C 449 45.34 29.38 6.99
N ASP C 450 45.19 30.27 6.01
CA ASP C 450 44.83 29.83 4.66
C ASP C 450 45.95 28.99 4.05
N SER C 451 47.20 29.42 4.24
CA SER C 451 48.34 28.65 3.73
C SER C 451 48.51 27.33 4.46
N TYR C 452 48.00 27.24 5.70
CA TYR C 452 48.02 25.97 6.42
C TYR C 452 46.89 25.07 5.96
N ALA C 453 45.74 25.66 5.62
CA ALA C 453 44.57 24.87 5.24
C ALA C 453 44.72 24.26 3.85
N ARG C 454 45.47 24.92 2.97
CA ARG C 454 45.71 24.40 1.62
C ARG C 454 46.52 23.11 1.66
N ILE C 455 47.34 22.93 2.69
CA ILE C 455 48.13 21.71 2.82
C ILE C 455 47.41 20.69 3.69
N PHE C 456 46.79 21.12 4.79
CA PHE C 456 46.30 20.19 5.80
C PHE C 456 45.02 19.46 5.37
N PHE C 457 44.08 20.17 4.75
CA PHE C 457 42.82 19.51 4.40
C PHE C 457 42.89 18.57 3.20
N PRO C 458 43.66 18.83 2.13
CA PRO C 458 43.88 17.75 1.16
C PRO C 458 44.69 16.58 1.72
N THR C 459 45.58 16.83 2.68
CA THR C 459 46.37 15.74 3.26
C THR C 459 45.51 14.86 4.15
N ALA C 460 44.68 15.48 5.01
CA ALA C 460 43.88 14.72 5.97
C ALA C 460 42.78 13.92 5.28
N PHE C 461 42.28 14.42 4.14
CA PHE C 461 41.26 13.67 3.41
C PHE C 461 41.86 12.52 2.61
N CYS C 462 43.09 12.70 2.11
CA CYS C 462 43.76 11.59 1.44
C CYS C 462 44.29 10.57 2.45
N LEU C 463 44.68 11.03 3.64
CA LEU C 463 45.02 10.09 4.71
C LEU C 463 43.78 9.36 5.21
N PHE C 464 42.62 10.03 5.21
CA PHE C 464 41.39 9.34 5.56
C PHE C 464 40.97 8.32 4.51
N ASN C 465 41.16 8.63 3.24
CA ASN C 465 40.82 7.69 2.18
C ASN C 465 41.77 6.50 2.16
N LEU C 466 43.02 6.71 2.56
CA LEU C 466 43.95 5.59 2.71
C LEU C 466 43.52 4.68 3.85
N VAL C 467 43.06 5.27 4.96
CA VAL C 467 42.55 4.48 6.08
C VAL C 467 41.25 3.79 5.69
N TYR C 468 40.33 4.52 5.06
CA TYR C 468 38.98 4.02 4.81
C TYR C 468 38.98 2.88 3.79
N TRP C 469 39.57 3.12 2.61
CA TRP C 469 39.43 2.18 1.51
C TRP C 469 40.26 0.92 1.72
N VAL C 470 41.35 1.00 2.48
CA VAL C 470 42.10 -0.22 2.80
C VAL C 470 41.36 -1.05 3.84
N SER C 471 40.95 -0.43 4.95
CA SER C 471 40.40 -1.16 6.08
C SER C 471 39.01 -1.72 5.82
N TYR C 472 38.30 -1.22 4.81
CA TYR C 472 36.97 -1.73 4.50
C TYR C 472 36.93 -2.63 3.28
N LEU C 473 37.98 -2.65 2.47
CA LEU C 473 38.10 -3.60 1.36
C LEU C 473 39.08 -4.72 1.65
N TYR C 474 40.28 -4.38 2.11
CA TYR C 474 41.35 -5.35 2.28
C TYR C 474 41.41 -5.91 3.69
N LEU C 475 40.56 -5.43 4.59
CA LEU C 475 40.55 -5.90 5.97
C LEU C 475 39.13 -6.23 6.43
N LYS D 17 -38.43 -33.74 -23.08
CA LYS D 17 -38.24 -34.81 -22.12
C LYS D 17 -37.34 -35.89 -22.71
N ASP D 18 -37.48 -36.11 -24.02
CA ASP D 18 -36.68 -37.14 -24.68
C ASP D 18 -35.22 -36.70 -24.82
N ASN D 19 -34.99 -35.40 -25.07
CA ASN D 19 -33.64 -34.89 -25.17
C ASN D 19 -32.95 -34.89 -23.80
N THR D 20 -33.67 -34.48 -22.76
CA THR D 20 -33.07 -34.38 -21.43
C THR D 20 -32.79 -35.75 -20.81
N THR D 21 -33.59 -36.76 -21.17
CA THR D 21 -33.37 -38.10 -20.61
C THR D 21 -32.12 -38.75 -21.19
N VAL D 22 -31.91 -38.61 -22.51
CA VAL D 22 -30.72 -39.17 -23.14
C VAL D 22 -29.48 -38.39 -22.71
N PHE D 23 -29.62 -37.07 -22.54
CA PHE D 23 -28.50 -36.24 -22.10
C PHE D 23 -28.05 -36.58 -20.69
N THR D 24 -29.02 -36.85 -19.80
CA THR D 24 -28.69 -37.30 -18.46
C THR D 24 -28.14 -38.72 -18.48
N ARG D 25 -28.61 -39.56 -19.41
CA ARG D 25 -28.12 -40.93 -19.51
C ARG D 25 -26.67 -40.98 -20.00
N ILE D 26 -26.30 -40.09 -20.92
CA ILE D 26 -24.92 -40.04 -21.40
C ILE D 26 -23.98 -39.55 -20.31
N LEU D 27 -24.38 -38.53 -19.56
CA LEU D 27 -23.52 -37.97 -18.51
C LEU D 27 -23.32 -38.92 -17.35
N ASP D 28 -24.37 -39.63 -16.95
CA ASP D 28 -24.26 -40.51 -15.80
C ASP D 28 -23.44 -41.77 -16.09
N ARG D 29 -23.47 -42.25 -17.33
CA ARG D 29 -22.80 -43.49 -17.69
C ARG D 29 -21.45 -43.25 -18.35
N LEU D 30 -20.99 -42.01 -18.41
CA LEU D 30 -19.75 -41.70 -19.12
C LEU D 30 -18.53 -42.09 -18.29
N LEU D 31 -18.55 -41.78 -17.00
CA LEU D 31 -17.40 -41.98 -16.14
C LEU D 31 -17.39 -43.35 -15.46
N ASP D 32 -18.09 -44.33 -16.04
CA ASP D 32 -18.11 -45.68 -15.48
C ASP D 32 -16.80 -46.38 -15.81
N GLY D 33 -16.07 -46.80 -14.79
CA GLY D 33 -14.79 -47.44 -15.00
C GLY D 33 -13.70 -46.50 -15.46
N TYR D 34 -13.84 -45.21 -15.18
CA TYR D 34 -12.86 -44.21 -15.61
C TYR D 34 -11.94 -43.90 -14.44
N ASP D 35 -10.67 -43.66 -14.76
CA ASP D 35 -9.65 -43.37 -13.76
C ASP D 35 -8.94 -42.09 -14.16
N ASN D 36 -9.09 -41.04 -13.35
CA ASN D 36 -8.43 -39.77 -13.62
C ASN D 36 -6.95 -39.79 -13.24
N ARG D 37 -6.51 -40.81 -12.52
CA ARG D 37 -5.11 -40.93 -12.14
C ARG D 37 -4.26 -41.42 -13.30
N LEU D 38 -4.87 -42.04 -14.29
CA LEU D 38 -4.16 -42.56 -15.45
C LEU D 38 -4.16 -41.52 -16.57
N ARG D 39 -3.22 -41.69 -17.49
CA ARG D 39 -3.02 -40.93 -18.71
C ARG D 39 -3.72 -41.63 -19.87
N PRO D 40 -4.36 -40.89 -20.78
CA PRO D 40 -4.96 -41.51 -21.98
C PRO D 40 -3.89 -42.11 -22.87
N GLY D 41 -3.96 -43.42 -23.08
CA GLY D 41 -2.89 -44.14 -23.73
C GLY D 41 -1.70 -44.25 -22.82
N LEU D 42 -1.86 -44.94 -21.69
CA LEU D 42 -0.82 -44.99 -20.68
C LEU D 42 0.33 -45.90 -21.10
N GLY D 43 0.01 -47.09 -21.59
CA GLY D 43 1.01 -48.00 -22.12
C GLY D 43 0.98 -48.18 -23.62
N GLU D 44 0.27 -47.32 -24.35
CA GLU D 44 0.06 -47.48 -25.78
C GLU D 44 0.70 -46.39 -26.61
N ARG D 45 0.44 -45.12 -26.28
CA ARG D 45 0.89 -44.01 -27.10
C ARG D 45 1.38 -42.89 -26.20
N VAL D 46 1.63 -41.73 -26.80
CA VAL D 46 2.04 -40.52 -26.09
C VAL D 46 0.94 -39.50 -26.26
N THR D 47 0.50 -38.90 -25.14
CA THR D 47 -0.59 -37.93 -25.17
C THR D 47 -0.16 -36.65 -25.85
N GLU D 48 -0.90 -36.26 -26.88
CA GLU D 48 -0.57 -35.11 -27.72
C GLU D 48 -1.54 -33.98 -27.38
N VAL D 49 -1.14 -33.15 -26.41
CA VAL D 49 -1.94 -32.01 -26.01
C VAL D 49 -1.59 -30.83 -26.90
N LYS D 50 -2.55 -30.30 -27.63
CA LYS D 50 -2.34 -29.19 -28.55
C LYS D 50 -2.84 -27.91 -27.88
N THR D 51 -1.92 -27.00 -27.59
CA THR D 51 -2.21 -25.80 -26.82
C THR D 51 -2.43 -24.59 -27.71
N ASP D 52 -3.07 -23.58 -27.14
CA ASP D 52 -3.38 -22.35 -27.83
C ASP D 52 -3.57 -21.25 -26.78
N ILE D 53 -3.12 -20.04 -27.10
CA ILE D 53 -3.19 -18.91 -26.18
C ILE D 53 -3.79 -17.71 -26.92
N PHE D 54 -4.83 -17.11 -26.33
CA PHE D 54 -5.37 -15.84 -26.78
C PHE D 54 -5.10 -14.80 -25.71
N VAL D 55 -4.16 -13.91 -25.97
CA VAL D 55 -3.78 -12.88 -25.00
C VAL D 55 -4.76 -11.73 -25.10
N THR D 56 -5.59 -11.56 -24.08
CA THR D 56 -6.54 -10.44 -24.10
C THR D 56 -5.86 -9.13 -23.74
N SER D 57 -4.88 -9.16 -22.83
CA SER D 57 -4.23 -7.93 -22.39
C SER D 57 -2.86 -8.28 -21.85
N PHE D 58 -1.81 -7.86 -22.56
CA PHE D 58 -0.46 -7.96 -22.05
C PHE D 58 -0.25 -6.89 -20.98
N GLY D 59 -0.45 -7.24 -19.71
CA GLY D 59 -0.59 -6.25 -18.67
C GLY D 59 0.69 -5.57 -18.25
N PRO D 60 0.67 -4.90 -17.09
CA PRO D 60 1.75 -3.96 -16.74
C PRO D 60 3.04 -4.67 -16.37
N VAL D 61 4.12 -4.31 -17.06
CA VAL D 61 5.44 -4.81 -16.71
C VAL D 61 5.97 -4.03 -15.51
N SER D 62 6.39 -4.75 -14.48
CA SER D 62 6.93 -4.15 -13.26
C SER D 62 8.46 -4.22 -13.31
N ASP D 63 9.11 -3.06 -13.44
CA ASP D 63 10.56 -3.03 -13.41
C ASP D 63 11.10 -3.26 -12.02
N HIS D 64 10.33 -2.92 -10.99
CA HIS D 64 10.75 -3.07 -9.61
C HIS D 64 10.61 -4.49 -9.10
N ASP D 65 10.00 -5.39 -9.87
CA ASP D 65 9.87 -6.77 -9.46
C ASP D 65 10.37 -7.76 -10.50
N MET D 66 10.84 -7.29 -11.67
CA MET D 66 11.27 -8.11 -12.80
C MET D 66 10.20 -9.10 -13.22
N GLU D 67 8.98 -8.62 -13.35
CA GLU D 67 7.84 -9.46 -13.68
C GLU D 67 6.95 -8.74 -14.68
N TYR D 68 5.92 -9.44 -15.15
CA TYR D 68 4.90 -8.86 -15.99
C TYR D 68 3.62 -9.66 -15.82
N THR D 69 2.50 -8.96 -15.87
CA THR D 69 1.19 -9.59 -15.82
C THR D 69 0.72 -9.84 -17.25
N ILE D 70 0.09 -10.99 -17.48
CA ILE D 70 -0.55 -11.28 -18.76
C ILE D 70 -1.85 -12.01 -18.48
N ASP D 71 -2.91 -11.61 -19.19
CA ASP D 71 -4.26 -12.12 -18.98
C ASP D 71 -4.68 -12.86 -20.24
N VAL D 72 -4.74 -14.18 -20.16
CA VAL D 72 -4.92 -15.03 -21.32
C VAL D 72 -6.17 -15.88 -21.17
N PHE D 73 -6.69 -16.33 -22.31
CA PHE D 73 -7.53 -17.53 -22.38
C PHE D 73 -6.62 -18.67 -22.80
N PHE D 74 -6.21 -19.48 -21.85
CA PHE D 74 -5.34 -20.62 -22.12
C PHE D 74 -6.21 -21.82 -22.45
N ARG D 75 -6.14 -22.29 -23.69
CA ARG D 75 -6.95 -23.40 -24.16
C ARG D 75 -6.07 -24.50 -24.74
N GLN D 76 -6.33 -25.74 -24.36
CA GLN D 76 -5.55 -26.88 -24.79
C GLN D 76 -6.46 -28.06 -25.06
N SER D 77 -6.13 -28.83 -26.09
CA SER D 77 -7.00 -29.88 -26.58
C SER D 77 -6.24 -31.17 -26.79
N TRP D 78 -6.86 -32.30 -26.43
CA TRP D 78 -6.24 -33.60 -26.57
C TRP D 78 -7.34 -34.64 -26.72
N LYS D 79 -6.94 -35.85 -27.07
CA LYS D 79 -7.89 -36.94 -27.31
C LYS D 79 -7.87 -37.91 -26.15
N ASP D 80 -9.06 -38.25 -25.65
CA ASP D 80 -9.23 -39.26 -24.61
C ASP D 80 -10.19 -40.31 -25.15
N GLU D 81 -9.68 -41.53 -25.35
CA GLU D 81 -10.48 -42.59 -25.95
C GLU D 81 -11.54 -43.10 -24.98
N ARG D 82 -11.29 -43.00 -23.67
CA ARG D 82 -12.19 -43.53 -22.66
C ARG D 82 -13.48 -42.73 -22.52
N LEU D 83 -13.56 -41.54 -23.12
CA LEU D 83 -14.72 -40.68 -22.99
C LEU D 83 -15.52 -40.59 -24.28
N LYS D 84 -15.52 -41.67 -25.07
CA LYS D 84 -16.35 -41.71 -26.26
C LYS D 84 -17.81 -41.95 -25.88
N PHE D 85 -18.72 -41.49 -26.74
CA PHE D 85 -20.14 -41.65 -26.51
C PHE D 85 -20.87 -41.57 -27.84
N LYS D 86 -22.15 -41.93 -27.82
CA LYS D 86 -23.04 -41.74 -28.94
C LYS D 86 -24.33 -41.08 -28.44
N GLY D 87 -24.96 -40.32 -29.32
CA GLY D 87 -26.20 -39.67 -28.99
C GLY D 87 -26.67 -38.69 -30.04
N PRO D 88 -27.65 -37.86 -29.70
CA PRO D 88 -28.12 -36.83 -30.64
C PRO D 88 -27.09 -35.74 -30.88
N MET D 89 -26.56 -35.17 -29.80
CA MET D 89 -25.63 -34.06 -29.91
C MET D 89 -24.23 -34.56 -30.22
N THR D 90 -23.42 -33.67 -30.78
CA THR D 90 -22.03 -33.97 -31.12
C THR D 90 -21.04 -33.48 -30.08
N VAL D 91 -21.30 -32.35 -29.44
CA VAL D 91 -20.39 -31.76 -28.46
C VAL D 91 -21.08 -31.78 -27.10
N LEU D 92 -20.41 -32.38 -26.11
CA LEU D 92 -20.96 -32.59 -24.77
C LEU D 92 -20.30 -31.60 -23.82
N ARG D 93 -21.07 -30.59 -23.39
CA ARG D 93 -20.58 -29.63 -22.40
C ARG D 93 -20.69 -30.23 -21.00
N LEU D 94 -19.68 -29.98 -20.17
CA LEU D 94 -19.60 -30.58 -18.85
C LEU D 94 -19.71 -29.53 -17.75
N ASN D 95 -20.00 -30.02 -16.54
CA ASN D 95 -20.01 -29.23 -15.33
C ASN D 95 -18.62 -29.27 -14.70
N ASN D 96 -18.37 -28.35 -13.77
CA ASN D 96 -17.08 -28.33 -13.07
C ASN D 96 -16.94 -29.52 -12.14
N LEU D 97 -18.04 -29.98 -11.55
CA LEU D 97 -18.00 -31.13 -10.65
C LEU D 97 -17.65 -32.41 -11.41
N MET D 98 -18.01 -32.49 -12.69
CA MET D 98 -17.69 -33.65 -13.50
C MET D 98 -16.35 -33.51 -14.20
N ALA D 99 -15.96 -32.28 -14.56
CA ALA D 99 -14.65 -32.05 -15.17
C ALA D 99 -13.50 -32.15 -14.17
N SER D 100 -13.78 -32.17 -12.87
CA SER D 100 -12.75 -32.39 -11.87
C SER D 100 -12.46 -33.86 -11.67
N LYS D 101 -13.29 -34.75 -12.20
CA LYS D 101 -13.08 -36.19 -12.13
C LYS D 101 -12.48 -36.76 -13.40
N ILE D 102 -11.93 -35.89 -14.25
CA ILE D 102 -11.39 -36.24 -15.55
C ILE D 102 -9.93 -35.79 -15.60
N TRP D 103 -9.07 -36.62 -16.20
CA TRP D 103 -7.67 -36.30 -16.39
C TRP D 103 -7.50 -35.04 -17.21
N THR D 104 -6.80 -34.05 -16.66
CA THR D 104 -6.32 -32.87 -17.34
C THR D 104 -4.81 -32.81 -17.21
N PRO D 105 -4.09 -32.35 -18.24
CA PRO D 105 -2.62 -32.33 -18.14
C PRO D 105 -2.14 -31.27 -17.16
N ASP D 106 -1.07 -31.62 -16.44
CA ASP D 106 -0.55 -30.75 -15.38
C ASP D 106 0.34 -29.64 -15.94
N THR D 107 -0.30 -28.77 -16.74
CA THR D 107 0.40 -27.66 -17.36
C THR D 107 0.66 -26.58 -16.34
N PHE D 108 1.92 -26.17 -16.21
CA PHE D 108 2.29 -25.07 -15.34
C PHE D 108 3.24 -24.16 -16.10
N PHE D 109 3.40 -22.95 -15.60
CA PHE D 109 4.28 -21.96 -16.21
C PHE D 109 5.62 -22.01 -15.50
N HIS D 110 6.70 -22.20 -16.27
CA HIS D 110 8.03 -22.40 -15.69
C HIS D 110 8.56 -21.16 -14.99
N ASN D 111 8.10 -19.98 -15.40
CA ASN D 111 8.55 -18.74 -14.79
C ASN D 111 7.43 -17.94 -14.13
N GLY D 112 6.26 -18.55 -13.93
CA GLY D 112 5.16 -17.85 -13.28
C GLY D 112 5.39 -17.71 -11.79
N LYS D 113 5.05 -16.53 -11.27
CA LYS D 113 5.26 -16.25 -9.85
C LYS D 113 4.01 -16.56 -9.03
N LYS D 114 2.93 -15.82 -9.28
CA LYS D 114 1.69 -15.98 -8.52
C LYS D 114 0.54 -15.61 -9.47
N SER D 115 -0.04 -16.63 -10.09
CA SER D 115 -1.07 -16.44 -11.08
C SER D 115 -2.42 -16.88 -10.54
N VAL D 116 -3.48 -16.35 -11.16
CA VAL D 116 -4.83 -16.42 -10.62
C VAL D 116 -5.73 -17.12 -11.62
N ALA D 117 -6.39 -18.19 -11.18
CA ALA D 117 -7.53 -18.75 -11.88
C ALA D 117 -8.78 -18.04 -11.37
N HIS D 118 -9.46 -17.33 -12.26
CA HIS D 118 -10.58 -16.50 -11.86
C HIS D 118 -11.79 -17.35 -11.49
N ASN D 119 -12.52 -16.88 -10.48
CA ASN D 119 -13.67 -17.60 -9.93
C ASN D 119 -14.84 -16.65 -9.74
N MET D 120 -15.15 -15.88 -10.77
CA MET D 120 -16.26 -14.94 -10.73
C MET D 120 -17.02 -15.04 -12.04
N THR D 121 -18.31 -15.36 -11.98
CA THR D 121 -19.04 -15.67 -10.75
C THR D 121 -19.02 -17.17 -10.51
N MET D 122 -18.66 -17.91 -11.56
CA MET D 122 -18.41 -19.34 -11.52
C MET D 122 -16.93 -19.55 -11.85
N PRO D 123 -16.36 -20.74 -11.65
CA PRO D 123 -14.98 -20.96 -12.10
C PRO D 123 -14.88 -20.91 -13.62
N ASN D 124 -13.99 -20.05 -14.11
CA ASN D 124 -13.82 -19.82 -15.54
C ASN D 124 -13.03 -20.97 -16.18
N LYS D 125 -13.68 -22.12 -16.23
CA LYS D 125 -13.18 -23.29 -16.92
C LYS D 125 -14.28 -23.83 -17.81
N LEU D 126 -13.88 -24.67 -18.76
CA LEU D 126 -14.82 -25.27 -19.69
C LEU D 126 -14.18 -26.54 -20.24
N LEU D 127 -14.92 -27.64 -20.23
CA LEU D 127 -14.45 -28.90 -20.77
C LEU D 127 -15.55 -29.47 -21.66
N ARG D 128 -15.33 -29.42 -22.97
CA ARG D 128 -16.27 -29.96 -23.95
C ARG D 128 -15.75 -31.27 -24.53
N ILE D 129 -16.66 -32.22 -24.72
CA ILE D 129 -16.32 -33.53 -25.28
C ILE D 129 -17.04 -33.65 -26.61
N THR D 130 -16.28 -33.90 -27.67
CA THR D 130 -16.88 -34.31 -28.93
C THR D 130 -17.06 -35.83 -28.93
N GLU D 131 -17.92 -36.31 -29.84
CA GLU D 131 -18.34 -37.71 -29.82
C GLU D 131 -17.22 -38.68 -30.19
N ASP D 132 -16.16 -38.20 -30.82
CA ASP D 132 -15.00 -39.04 -31.09
C ASP D 132 -14.02 -39.11 -29.93
N GLY D 133 -14.23 -38.32 -28.88
CA GLY D 133 -13.40 -38.40 -27.69
C GLY D 133 -12.28 -37.38 -27.63
N THR D 134 -12.54 -36.16 -28.10
CA THR D 134 -11.53 -35.11 -28.14
C THR D 134 -11.89 -34.05 -27.10
N LEU D 135 -11.16 -34.03 -25.99
CA LEU D 135 -11.39 -33.07 -24.93
C LEU D 135 -10.87 -31.69 -25.34
N LEU D 136 -11.73 -30.69 -25.23
CA LEU D 136 -11.36 -29.29 -25.42
C LEU D 136 -11.49 -28.57 -24.08
N TYR D 137 -10.42 -27.92 -23.65
CA TYR D 137 -10.33 -27.41 -22.27
C TYR D 137 -9.85 -25.97 -22.28
N THR D 138 -10.76 -25.03 -22.12
CA THR D 138 -10.46 -23.60 -22.13
C THR D 138 -10.59 -23.03 -20.72
N MET D 139 -9.71 -22.10 -20.38
CA MET D 139 -9.75 -21.44 -19.08
C MET D 139 -9.06 -20.09 -19.15
N ARG D 140 -9.60 -19.14 -18.39
CA ARG D 140 -9.11 -17.77 -18.36
C ARG D 140 -8.18 -17.59 -17.17
N LEU D 141 -6.92 -17.27 -17.44
CA LEU D 141 -5.88 -17.15 -16.43
C LEU D 141 -5.30 -15.74 -16.45
N THR D 142 -4.81 -15.30 -15.30
CA THR D 142 -4.06 -14.05 -15.19
C THR D 142 -2.66 -14.43 -14.71
N VAL D 143 -1.72 -14.53 -15.63
CA VAL D 143 -0.41 -15.11 -15.37
C VAL D 143 0.56 -13.99 -15.04
N ARG D 144 1.19 -14.07 -13.88
CA ARG D 144 2.26 -13.15 -13.49
C ARG D 144 3.57 -13.90 -13.58
N ALA D 145 4.23 -13.78 -14.73
CA ALA D 145 5.47 -14.49 -15.00
C ALA D 145 6.69 -13.63 -14.67
N GLU D 146 7.86 -14.25 -14.69
CA GLU D 146 9.12 -13.58 -14.41
C GLU D 146 9.79 -13.19 -15.72
N CYS D 147 10.06 -11.90 -15.90
CA CYS D 147 10.81 -11.42 -17.05
C CYS D 147 12.20 -11.01 -16.58
N PRO D 148 13.24 -11.79 -16.88
CA PRO D 148 14.60 -11.38 -16.49
C PRO D 148 15.12 -10.21 -17.30
N MET D 149 15.23 -9.05 -16.66
CA MET D 149 15.63 -7.82 -17.31
C MET D 149 17.02 -7.39 -16.87
N HIS D 150 17.85 -7.00 -17.82
CA HIS D 150 19.18 -6.45 -17.57
C HIS D 150 19.15 -4.98 -17.95
N LEU D 151 19.25 -4.11 -16.95
CA LEU D 151 19.01 -2.68 -17.12
C LEU D 151 20.31 -1.90 -17.28
N GLU D 152 21.31 -2.47 -17.95
CA GLU D 152 22.58 -1.78 -18.13
C GLU D 152 22.47 -0.60 -19.11
N ASP D 153 21.44 -0.59 -19.94
CA ASP D 153 21.22 0.48 -20.91
C ASP D 153 19.90 1.20 -20.64
N PHE D 154 19.61 1.49 -19.38
CA PHE D 154 18.39 2.20 -19.03
C PHE D 154 18.50 3.66 -19.45
N PRO D 155 17.53 4.22 -20.20
CA PRO D 155 16.31 3.61 -20.74
C PRO D 155 16.36 3.21 -22.22
N MET D 156 17.55 3.05 -22.79
CA MET D 156 17.68 2.70 -24.21
C MET D 156 17.87 1.19 -24.38
N ASP D 157 16.94 0.41 -23.84
CA ASP D 157 17.07 -1.04 -23.83
C ASP D 157 15.80 -1.73 -24.30
N ALA D 158 15.98 -2.96 -24.77
CA ALA D 158 14.89 -3.85 -25.15
C ALA D 158 14.96 -5.11 -24.31
N HIS D 159 13.81 -5.76 -24.15
CA HIS D 159 13.73 -6.97 -23.35
C HIS D 159 12.82 -7.98 -24.04
N ALA D 160 13.16 -9.27 -23.86
CA ALA D 160 12.35 -10.38 -24.34
C ALA D 160 11.77 -11.09 -23.12
N CYS D 161 10.48 -10.91 -22.89
CA CYS D 161 9.83 -11.50 -21.72
C CYS D 161 9.21 -12.84 -22.08
N PRO D 162 9.66 -13.94 -21.51
CA PRO D 162 9.21 -15.27 -21.94
C PRO D 162 7.98 -15.79 -21.22
N LEU D 163 7.19 -16.58 -21.94
CA LEU D 163 6.23 -17.52 -21.36
C LEU D 163 6.68 -18.92 -21.68
N LYS D 164 7.22 -19.62 -20.69
CA LYS D 164 7.63 -21.01 -20.83
C LYS D 164 6.67 -21.87 -20.03
N PHE D 165 5.90 -22.72 -20.71
CA PHE D 165 4.99 -23.62 -20.03
C PHE D 165 5.13 -25.03 -20.58
N GLY D 166 5.03 -26.00 -19.69
CA GLY D 166 5.06 -27.39 -20.06
C GLY D 166 4.37 -28.21 -19.00
N SER D 167 4.61 -29.51 -19.02
CA SER D 167 4.04 -30.39 -18.01
C SER D 167 4.98 -30.52 -16.82
N TYR D 168 4.44 -31.02 -15.72
CA TYR D 168 5.21 -31.11 -14.48
C TYR D 168 5.65 -32.54 -14.15
N ALA D 169 4.74 -33.50 -14.21
CA ALA D 169 5.07 -34.87 -13.85
C ALA D 169 5.39 -35.75 -15.05
N TYR D 170 4.83 -35.45 -16.21
CA TYR D 170 4.93 -36.32 -17.37
C TYR D 170 6.02 -35.83 -18.30
N THR D 171 6.96 -36.72 -18.63
CA THR D 171 8.16 -36.36 -19.39
C THR D 171 7.85 -36.29 -20.88
N ARG D 172 8.90 -36.24 -21.70
CA ARG D 172 8.72 -36.16 -23.15
C ARG D 172 8.15 -37.45 -23.73
N ALA D 173 8.48 -38.59 -23.13
CA ALA D 173 8.00 -39.88 -23.61
C ALA D 173 6.59 -40.19 -23.15
N GLU D 174 5.93 -39.28 -22.45
CA GLU D 174 4.57 -39.51 -21.97
C GLU D 174 3.58 -38.44 -22.40
N VAL D 175 3.97 -37.16 -22.42
CA VAL D 175 3.15 -36.12 -23.00
C VAL D 175 4.03 -35.26 -23.89
N VAL D 176 3.46 -34.78 -25.00
CA VAL D 176 4.14 -33.87 -25.92
C VAL D 176 3.17 -32.73 -26.22
N TYR D 177 3.61 -31.50 -25.96
CA TYR D 177 2.79 -30.34 -26.26
C TYR D 177 3.06 -29.85 -27.69
N GLU D 178 2.00 -29.41 -28.36
CA GLU D 178 2.13 -28.75 -29.65
C GLU D 178 1.25 -27.52 -29.69
N TRP D 179 1.15 -26.86 -30.84
CA TRP D 179 0.26 -25.74 -31.03
C TRP D 179 -0.87 -26.16 -31.98
N THR D 180 -2.03 -25.51 -31.84
CA THR D 180 -3.22 -25.92 -32.58
C THR D 180 -3.26 -25.36 -34.00
N ARG D 181 -2.25 -24.61 -34.41
CA ARG D 181 -2.21 -23.93 -35.69
C ARG D 181 -0.76 -23.89 -36.14
N GLU D 182 -0.46 -22.97 -37.04
CA GLU D 182 0.92 -22.56 -37.22
C GLU D 182 1.40 -21.89 -35.93
N PRO D 183 2.67 -22.07 -35.55
CA PRO D 183 3.12 -21.57 -34.24
C PRO D 183 3.06 -20.06 -34.10
N ALA D 184 3.38 -19.30 -35.15
CA ALA D 184 3.30 -17.85 -35.08
C ALA D 184 1.86 -17.36 -35.03
N ARG D 185 0.93 -18.13 -35.59
CA ARG D 185 -0.48 -17.77 -35.56
C ARG D 185 -1.20 -18.27 -34.33
N SER D 186 -0.52 -19.04 -33.46
CA SER D 186 -1.19 -19.60 -32.30
C SER D 186 -1.34 -18.57 -31.19
N VAL D 187 -0.23 -18.03 -30.69
CA VAL D 187 -0.28 -17.00 -29.66
C VAL D 187 -0.68 -15.71 -30.36
N VAL D 188 -1.94 -15.31 -30.21
CA VAL D 188 -2.47 -14.10 -30.83
C VAL D 188 -2.90 -13.14 -29.73
N VAL D 189 -2.50 -11.87 -29.87
CA VAL D 189 -2.82 -10.85 -28.90
C VAL D 189 -4.00 -10.04 -29.43
N ALA D 190 -4.70 -9.38 -28.51
CA ALA D 190 -5.79 -8.50 -28.92
C ALA D 190 -5.23 -7.16 -29.41
N GLU D 191 -6.03 -6.47 -30.20
CA GLU D 191 -5.62 -5.16 -30.69
C GLU D 191 -5.72 -4.08 -29.62
N ASP D 192 -6.54 -4.30 -28.59
CA ASP D 192 -6.63 -3.39 -27.45
C ASP D 192 -6.02 -4.00 -26.19
N GLY D 193 -5.00 -4.83 -26.37
CA GLY D 193 -4.35 -5.44 -25.23
C GLY D 193 -2.92 -4.97 -25.05
N SER D 194 -2.63 -3.74 -25.48
CA SER D 194 -1.32 -3.15 -25.26
C SER D 194 -1.08 -2.94 -23.77
N ARG D 195 -1.83 -2.00 -23.17
CA ARG D 195 -1.86 -1.71 -21.72
C ARG D 195 -0.47 -1.58 -21.09
N LEU D 196 0.42 -0.87 -21.78
CA LEU D 196 1.78 -0.65 -21.33
C LEU D 196 2.03 0.84 -21.23
N ASN D 197 2.33 1.32 -20.02
CA ASN D 197 2.64 2.74 -19.83
C ASN D 197 4.00 3.08 -20.41
N GLN D 198 5.00 2.23 -20.17
CA GLN D 198 6.39 2.56 -20.42
C GLN D 198 7.08 1.61 -21.40
N TYR D 199 6.32 0.86 -22.20
CA TYR D 199 6.91 -0.06 -23.15
C TYR D 199 6.12 -0.05 -24.45
N ASP D 200 6.73 -0.66 -25.47
CA ASP D 200 6.12 -0.85 -26.78
C ASP D 200 6.22 -2.31 -27.16
N LEU D 201 5.07 -2.98 -27.26
CA LEU D 201 5.03 -4.40 -27.62
C LEU D 201 5.35 -4.55 -29.10
N LEU D 202 6.57 -4.98 -29.41
CA LEU D 202 7.02 -5.12 -30.79
C LEU D 202 6.84 -6.55 -31.31
N GLY D 203 5.64 -7.11 -31.16
CA GLY D 203 5.38 -8.46 -31.59
C GLY D 203 5.94 -9.52 -30.65
N GLN D 204 5.67 -10.77 -30.99
CA GLN D 204 6.12 -11.91 -30.19
C GLN D 204 6.79 -12.94 -31.07
N THR D 205 7.48 -13.88 -30.43
CA THR D 205 8.21 -14.95 -31.11
C THR D 205 8.08 -16.22 -30.30
N VAL D 206 7.56 -17.28 -30.92
CA VAL D 206 7.33 -18.54 -30.24
C VAL D 206 8.36 -19.57 -30.70
N ASP D 207 8.47 -20.65 -29.92
CA ASP D 207 9.40 -21.73 -30.17
C ASP D 207 9.00 -22.92 -29.32
N SER D 208 9.36 -24.11 -29.77
CA SER D 208 9.17 -25.34 -29.01
C SER D 208 10.52 -25.84 -28.52
N GLY D 209 10.60 -26.21 -27.25
CA GLY D 209 11.86 -26.63 -26.66
C GLY D 209 11.71 -27.90 -25.85
N ILE D 210 12.85 -28.52 -25.58
CA ILE D 210 12.93 -29.72 -24.74
C ILE D 210 13.99 -29.43 -23.68
N VAL D 211 13.54 -29.18 -22.46
CA VAL D 211 14.44 -28.82 -21.36
C VAL D 211 14.66 -30.05 -20.49
N GLN D 212 15.93 -30.43 -20.33
CA GLN D 212 16.28 -31.58 -19.51
C GLN D 212 16.23 -31.21 -18.03
N SER D 213 16.20 -32.24 -17.18
CA SER D 213 16.17 -32.05 -15.74
C SER D 213 16.77 -33.29 -15.08
N SER D 214 16.72 -33.33 -13.75
CA SER D 214 17.17 -34.50 -13.01
C SER D 214 16.12 -35.60 -12.94
N THR D 215 14.87 -35.29 -13.30
CA THR D 215 13.79 -36.26 -13.29
C THR D 215 13.33 -36.64 -14.69
N GLY D 216 14.08 -36.29 -15.71
CA GLY D 216 13.74 -36.61 -17.08
C GLY D 216 13.62 -35.37 -17.95
N GLU D 217 13.35 -35.61 -19.23
CA GLU D 217 13.29 -34.55 -20.23
C GLU D 217 11.85 -34.16 -20.47
N TYR D 218 11.57 -32.86 -20.42
CA TYR D 218 10.23 -32.33 -20.52
C TYR D 218 10.10 -31.45 -21.75
N VAL D 219 8.86 -31.26 -22.19
CA VAL D 219 8.56 -30.45 -23.37
C VAL D 219 8.12 -29.08 -22.89
N VAL D 220 8.78 -28.03 -23.40
CA VAL D 220 8.55 -26.66 -22.97
C VAL D 220 8.11 -25.84 -24.17
N MET D 221 6.98 -25.14 -24.03
CA MET D 221 6.44 -24.25 -25.05
C MET D 221 6.85 -22.82 -24.73
N THR D 222 7.98 -22.39 -25.27
CA THR D 222 8.48 -21.05 -25.01
C THR D 222 7.74 -20.03 -25.88
N THR D 223 7.56 -18.82 -25.34
CA THR D 223 6.92 -17.73 -26.08
C THR D 223 7.49 -16.43 -25.57
N HIS D 224 8.27 -15.74 -26.40
CA HIS D 224 8.95 -14.51 -26.02
C HIS D 224 8.18 -13.30 -26.54
N PHE D 225 7.96 -12.32 -25.66
CA PHE D 225 7.36 -11.05 -26.04
C PHE D 225 8.45 -9.99 -26.09
N HIS D 226 8.57 -9.31 -27.23
CA HIS D 226 9.63 -8.35 -27.46
C HIS D 226 9.14 -6.95 -27.13
N LEU D 227 9.77 -6.33 -26.13
CA LEU D 227 9.40 -5.01 -25.64
C LEU D 227 10.51 -4.02 -25.89
N LYS D 228 10.15 -2.73 -25.82
CA LYS D 228 11.13 -1.65 -25.93
C LYS D 228 10.59 -0.45 -25.17
N ARG D 229 11.43 0.13 -24.32
CA ARG D 229 10.98 1.19 -23.42
C ARG D 229 10.85 2.51 -24.17
N LYS D 230 9.76 3.23 -23.87
CA LYS D 230 9.60 4.59 -24.37
C LYS D 230 10.66 5.50 -23.77
N ILE D 231 11.18 6.41 -24.58
CA ILE D 231 12.33 7.23 -24.20
C ILE D 231 11.93 8.68 -23.92
N GLY D 232 10.79 9.15 -24.44
CA GLY D 232 10.48 10.57 -24.40
C GLY D 232 10.20 11.12 -23.03
N TYR D 233 9.86 10.26 -22.07
CA TYR D 233 9.64 10.73 -20.70
C TYR D 233 10.95 11.10 -20.03
N PHE D 234 11.96 10.25 -20.15
CA PHE D 234 13.21 10.47 -19.44
C PHE D 234 14.06 11.56 -20.07
N VAL D 235 13.76 11.94 -21.32
CA VAL D 235 14.46 13.06 -21.94
C VAL D 235 14.00 14.37 -21.32
N ILE D 236 12.69 14.57 -21.21
CA ILE D 236 12.17 15.84 -20.70
C ILE D 236 12.22 15.96 -19.19
N GLN D 237 12.45 14.85 -18.47
CA GLN D 237 12.53 14.87 -17.02
C GLN D 237 13.94 14.77 -16.50
N THR D 238 14.79 13.95 -17.12
CA THR D 238 16.16 13.78 -16.67
C THR D 238 17.19 14.40 -17.59
N TYR D 239 17.16 14.09 -18.90
CA TYR D 239 18.25 14.49 -19.79
C TYR D 239 18.25 16.00 -20.06
N LEU D 240 17.10 16.55 -20.44
CA LEU D 240 17.04 17.98 -20.75
C LEU D 240 17.27 18.92 -19.56
N PRO D 241 16.80 18.65 -18.33
CA PRO D 241 17.29 19.48 -17.22
C PRO D 241 18.76 19.30 -16.89
N CYS D 242 19.32 18.11 -17.09
CA CYS D 242 20.75 17.92 -16.85
C CYS D 242 21.59 18.59 -17.93
N ILE D 243 21.11 18.59 -19.18
CA ILE D 243 21.80 19.30 -20.24
C ILE D 243 21.74 20.80 -20.02
N MET D 244 20.57 21.33 -19.65
CA MET D 244 20.41 22.76 -19.44
C MET D 244 21.15 23.25 -18.20
N THR D 245 21.43 22.37 -17.23
CA THR D 245 22.21 22.78 -16.07
C THR D 245 23.70 22.85 -16.42
N VAL D 246 24.19 21.92 -17.23
CA VAL D 246 25.58 21.93 -17.67
C VAL D 246 25.85 23.12 -18.58
N ILE D 247 24.89 23.46 -19.44
CA ILE D 247 25.00 24.67 -20.25
C ILE D 247 25.02 25.91 -19.37
N LEU D 248 24.16 25.96 -18.36
CA LEU D 248 24.04 27.14 -17.51
C LEU D 248 25.24 27.27 -16.57
N SER D 249 25.92 26.17 -16.29
CA SER D 249 27.19 26.26 -15.58
C SER D 249 28.28 26.81 -16.48
N GLN D 250 28.19 26.54 -17.79
CA GLN D 250 29.11 27.09 -18.78
C GLN D 250 28.75 28.50 -19.20
N VAL D 251 27.55 28.98 -18.85
CA VAL D 251 27.16 30.37 -19.07
C VAL D 251 28.01 31.34 -18.26
N SER D 252 28.55 30.89 -17.13
CA SER D 252 29.36 31.75 -16.27
C SER D 252 30.72 32.10 -16.88
N PHE D 253 31.14 31.44 -17.96
CA PHE D 253 32.42 31.79 -18.56
C PHE D 253 32.36 33.09 -19.36
N TRP D 254 31.17 33.52 -19.76
CA TRP D 254 31.01 34.77 -20.50
C TRP D 254 30.72 35.95 -19.60
N LEU D 255 31.19 35.92 -18.35
CA LEU D 255 31.05 37.05 -17.46
C LEU D 255 32.43 37.69 -17.29
N ASN D 256 32.46 38.81 -16.56
CA ASN D 256 33.74 39.37 -16.21
C ASN D 256 34.35 38.57 -15.07
N ARG D 257 35.67 38.68 -14.92
CA ARG D 257 36.39 37.88 -13.94
C ARG D 257 36.37 38.51 -12.56
N GLU D 258 35.88 39.74 -12.43
CA GLU D 258 35.86 40.44 -11.16
C GLU D 258 34.59 40.17 -10.37
N SER D 259 33.57 39.57 -10.98
CA SER D 259 32.34 39.22 -10.28
C SER D 259 32.55 37.90 -9.54
N VAL D 260 33.33 37.99 -8.47
CA VAL D 260 33.69 36.85 -7.64
C VAL D 260 32.49 36.30 -6.87
N PRO D 261 31.59 37.09 -6.24
CA PRO D 261 30.38 36.46 -5.69
C PRO D 261 29.43 35.91 -6.74
N ALA D 262 29.32 36.56 -7.90
CA ALA D 262 28.35 36.14 -8.91
C ALA D 262 28.75 34.82 -9.55
N ARG D 263 30.04 34.64 -9.85
CA ARG D 263 30.51 33.42 -10.48
C ARG D 263 30.59 32.27 -9.48
N THR D 264 30.65 32.57 -8.19
CA THR D 264 30.57 31.54 -7.16
C THR D 264 29.17 30.93 -7.14
N VAL D 265 28.13 31.77 -7.23
CA VAL D 265 26.74 31.32 -7.13
C VAL D 265 26.38 30.41 -8.30
N PHE D 266 26.91 30.70 -9.50
CA PHE D 266 26.86 29.75 -10.62
C PHE D 266 27.48 28.41 -10.25
N GLY D 267 28.71 28.44 -9.73
CA GLY D 267 29.48 27.22 -9.60
C GLY D 267 28.96 26.24 -8.57
N VAL D 268 28.42 26.74 -7.46
CA VAL D 268 28.07 25.84 -6.36
C VAL D 268 26.63 25.34 -6.49
N THR D 269 25.74 26.18 -7.00
CA THR D 269 24.34 25.83 -7.04
C THR D 269 23.99 24.96 -8.23
N THR D 270 24.73 25.07 -9.33
CA THR D 270 24.55 24.12 -10.41
C THR D 270 25.07 22.74 -10.03
N VAL D 271 26.02 22.65 -9.09
CA VAL D 271 26.29 21.38 -8.43
C VAL D 271 25.07 20.94 -7.61
N LEU D 272 24.48 21.88 -6.88
CA LEU D 272 23.30 21.58 -6.07
C LEU D 272 22.08 21.29 -6.96
N THR D 273 21.99 21.94 -8.12
CA THR D 273 20.91 21.63 -9.05
C THR D 273 21.11 20.26 -9.68
N MET D 274 22.35 19.91 -10.03
CA MET D 274 22.63 18.56 -10.51
C MET D 274 22.48 17.52 -9.43
N THR D 275 22.73 17.88 -8.17
CA THR D 275 22.54 16.96 -7.05
C THR D 275 21.05 16.63 -6.87
N THR D 276 20.19 17.63 -7.02
CA THR D 276 18.75 17.42 -6.93
C THR D 276 18.25 16.58 -8.10
N LEU D 277 18.77 16.83 -9.30
CA LEU D 277 18.40 16.03 -10.47
C LEU D 277 18.93 14.61 -10.38
N SER D 278 20.08 14.41 -9.73
CA SER D 278 20.69 13.09 -9.66
C SER D 278 19.87 12.14 -8.77
N ILE D 279 19.42 12.63 -7.62
CA ILE D 279 18.65 11.81 -6.70
C ILE D 279 17.28 11.49 -7.26
N SER D 280 16.61 12.51 -7.81
CA SER D 280 15.23 12.33 -8.27
C SER D 280 15.15 11.49 -9.54
N ALA D 281 16.19 11.53 -10.38
CA ALA D 281 16.22 10.65 -11.54
C ALA D 281 16.36 9.20 -11.12
N ARG D 282 17.12 8.96 -10.05
CA ARG D 282 17.45 7.59 -9.66
C ARG D 282 16.27 6.85 -9.04
N ASN D 283 15.50 7.52 -8.17
CA ASN D 283 14.49 6.80 -7.38
C ASN D 283 13.31 6.34 -8.23
N SER D 284 13.13 6.92 -9.42
CA SER D 284 12.15 6.43 -10.39
C SER D 284 12.77 5.35 -11.28
N LEU D 285 13.28 4.30 -10.63
CA LEU D 285 14.01 3.18 -11.20
C LEU D 285 14.18 2.11 -10.11
N PRO D 286 14.13 0.82 -10.44
CA PRO D 286 14.43 -0.21 -9.43
C PRO D 286 15.86 -0.13 -8.94
N LYS D 287 16.07 -0.59 -7.70
CA LYS D 287 17.32 -0.38 -7.00
C LYS D 287 18.39 -1.41 -7.42
N VAL D 288 18.77 -1.33 -8.68
CA VAL D 288 19.86 -2.16 -9.20
C VAL D 288 21.19 -1.52 -8.80
N ALA D 289 22.11 -2.34 -8.31
CA ALA D 289 23.42 -1.82 -7.90
C ALA D 289 24.46 -2.03 -9.01
N TYR D 290 24.19 -1.40 -10.14
CA TYR D 290 25.18 -1.20 -11.18
C TYR D 290 24.81 0.05 -11.95
N ALA D 291 25.79 0.59 -12.68
CA ALA D 291 25.62 1.87 -13.34
C ALA D 291 24.83 1.69 -14.63
N THR D 292 23.66 2.32 -14.70
CA THR D 292 22.85 2.32 -15.90
C THR D 292 23.34 3.40 -16.85
N ALA D 293 22.73 3.45 -18.03
CA ALA D 293 23.09 4.46 -19.03
C ALA D 293 22.70 5.86 -18.56
N MET D 294 21.65 5.98 -17.76
CA MET D 294 21.31 7.26 -17.16
C MET D 294 22.31 7.66 -16.10
N ASP D 295 22.84 6.67 -15.35
CA ASP D 295 23.80 6.96 -14.30
C ASP D 295 25.13 7.45 -14.86
N TRP D 296 25.54 6.89 -16.01
CA TRP D 296 26.76 7.38 -16.65
C TRP D 296 26.59 8.79 -17.19
N PHE D 297 25.40 9.13 -17.67
CA PHE D 297 25.16 10.47 -18.22
C PHE D 297 25.21 11.52 -17.12
N ILE D 298 24.53 11.25 -16.00
CA ILE D 298 24.46 12.23 -14.92
C ILE D 298 25.82 12.42 -14.27
N ALA D 299 26.60 11.35 -14.14
CA ALA D 299 27.90 11.42 -13.49
C ALA D 299 28.91 12.19 -14.33
N VAL D 300 28.87 12.04 -15.65
CA VAL D 300 29.78 12.80 -16.50
C VAL D 300 29.31 14.25 -16.59
N CYS D 301 27.99 14.47 -16.64
CA CYS D 301 27.46 15.83 -16.57
C CYS D 301 27.73 16.46 -15.21
N TYR D 302 27.84 15.65 -14.17
CA TYR D 302 28.27 16.15 -12.86
C TYR D 302 29.73 16.59 -12.89
N ALA D 303 30.55 15.95 -13.72
CA ALA D 303 31.96 16.30 -13.81
C ALA D 303 32.16 17.62 -14.55
N PHE D 304 31.33 17.91 -15.56
CA PHE D 304 31.43 19.18 -16.26
C PHE D 304 31.08 20.36 -15.35
N VAL D 305 30.06 20.17 -14.50
CA VAL D 305 29.65 21.24 -13.60
C VAL D 305 30.71 21.50 -12.54
N PHE D 306 31.30 20.43 -12.01
CA PHE D 306 32.41 20.55 -11.05
C PHE D 306 33.62 21.20 -11.69
N SER D 307 33.90 20.87 -12.95
CA SER D 307 35.06 21.44 -13.64
C SER D 307 34.86 22.92 -13.97
N ALA D 308 33.61 23.39 -14.01
CA ALA D 308 33.34 24.79 -14.30
C ALA D 308 33.82 25.70 -13.17
N LEU D 309 33.67 25.25 -11.92
CA LEU D 309 34.09 26.08 -10.79
C LEU D 309 35.58 25.92 -10.48
N ILE D 310 36.16 24.76 -10.79
CA ILE D 310 37.61 24.60 -10.69
C ILE D 310 38.32 25.51 -11.69
N GLU D 311 37.66 25.77 -12.83
CA GLU D 311 38.16 26.78 -13.75
C GLU D 311 38.14 28.16 -13.12
N PHE D 312 37.05 28.49 -12.40
CA PHE D 312 36.95 29.79 -11.75
C PHE D 312 37.94 29.94 -10.60
N ALA D 313 38.28 28.84 -9.92
CA ALA D 313 39.33 28.89 -8.91
C ALA D 313 40.67 29.23 -9.53
N THR D 314 40.91 28.79 -10.77
CA THR D 314 42.12 29.15 -11.47
C THR D 314 42.07 30.60 -11.96
N VAL D 315 40.88 31.09 -12.34
CA VAL D 315 40.72 32.48 -12.77
C VAL D 315 40.94 33.42 -11.60
N ASN D 316 40.38 33.10 -10.43
CA ASN D 316 40.42 33.99 -9.27
C ASN D 316 41.82 34.11 -8.68
N TYR D 317 42.70 33.13 -8.93
CA TYR D 317 44.07 33.19 -8.45
C TYR D 317 44.94 34.12 -9.30
N PHE D 318 44.42 34.59 -10.43
CA PHE D 318 45.15 35.41 -11.39
C PHE D 318 44.51 36.77 -11.63
N THR D 319 43.58 37.20 -10.78
CA THR D 319 42.74 38.34 -11.10
C THR D 319 43.45 39.67 -10.87
N LYS D 320 44.11 39.81 -9.70
CA LYS D 320 45.07 40.85 -9.32
C LYS D 320 44.43 42.22 -9.05
N ARG D 321 43.14 42.39 -9.37
CA ARG D 321 42.44 43.63 -9.12
C ARG D 321 41.02 43.34 -8.67
N GLY D 322 40.49 44.19 -7.81
CA GLY D 322 39.15 43.98 -7.28
C GLY D 322 38.06 44.66 -8.08
N TYR D 323 38.36 45.85 -8.59
CA TYR D 323 37.38 46.61 -9.35
C TYR D 323 37.24 46.07 -10.76
N ALA D 324 36.03 46.18 -11.30
CA ALA D 324 35.74 45.76 -12.66
C ALA D 324 36.04 46.90 -13.63
N TRP D 325 35.69 46.71 -14.89
CA TRP D 325 35.93 47.76 -15.89
C TRP D 325 34.93 48.89 -15.73
N ASP D 326 35.43 50.11 -15.66
CA ASP D 326 34.57 51.28 -15.52
C ASP D 326 33.92 51.62 -16.85
N GLY D 327 32.66 52.06 -16.80
CA GLY D 327 31.93 52.38 -18.00
C GLY D 327 32.39 53.63 -18.72
N LYS D 328 33.16 54.48 -18.05
CA LYS D 328 33.68 55.70 -18.64
C LYS D 328 35.02 55.45 -19.32
N LYS D 392 43.50 54.67 -15.04
CA LYS D 392 44.12 53.55 -14.35
C LYS D 392 43.96 52.26 -15.16
N THR D 393 44.77 51.26 -14.83
CA THR D 393 44.79 50.02 -15.58
C THR D 393 43.62 49.13 -15.20
N PHE D 394 43.27 48.22 -16.10
CA PHE D 394 42.19 47.27 -15.90
C PHE D 394 42.68 45.87 -16.24
N ASN D 395 41.93 44.87 -15.77
CA ASN D 395 42.29 43.48 -16.03
C ASN D 395 42.00 43.11 -17.48
N SER D 396 42.70 42.07 -17.94
CA SER D 396 42.45 41.52 -19.26
C SER D 396 41.28 40.55 -19.20
N VAL D 397 41.07 39.78 -20.26
CA VAL D 397 39.84 38.99 -20.38
C VAL D 397 40.22 37.53 -20.16
N SER D 398 41.30 37.30 -19.41
CA SER D 398 41.59 36.02 -18.75
C SER D 398 41.74 34.83 -19.68
N LYS D 399 42.90 34.69 -20.35
CA LYS D 399 43.19 33.64 -21.36
C LYS D 399 42.70 32.22 -21.06
N ILE D 400 42.62 31.83 -19.78
CA ILE D 400 41.99 30.56 -19.43
C ILE D 400 40.47 30.63 -19.51
N ASP D 401 39.86 31.80 -19.37
CA ASP D 401 38.42 31.92 -19.53
C ASP D 401 38.03 32.06 -20.99
N ARG D 402 38.97 32.44 -21.86
CA ARG D 402 38.73 32.46 -23.29
C ARG D 402 38.76 31.06 -23.88
N LEU D 403 39.74 30.25 -23.47
CA LEU D 403 39.87 28.89 -24.00
C LEU D 403 38.80 27.95 -23.45
N SER D 404 38.26 28.25 -22.27
CA SER D 404 37.22 27.42 -21.68
C SER D 404 35.86 27.64 -22.34
N ARG D 405 35.67 28.79 -22.99
CA ARG D 405 34.47 29.01 -23.79
C ARG D 405 34.42 28.11 -25.01
N ILE D 406 35.58 27.62 -25.47
CA ILE D 406 35.64 26.80 -26.67
C ILE D 406 35.81 25.35 -26.25
N ALA D 407 36.53 25.11 -25.15
CA ALA D 407 36.86 23.73 -24.78
C ALA D 407 35.67 23.00 -24.15
N PHE D 408 35.07 23.59 -23.12
CA PHE D 408 34.01 22.91 -22.37
C PHE D 408 32.68 22.75 -23.12
N PRO D 409 32.19 23.70 -23.94
CA PRO D 409 31.03 23.35 -24.77
C PRO D 409 31.34 22.33 -25.86
N LEU D 410 32.59 22.27 -26.35
CA LEU D 410 32.92 21.28 -27.37
C LEU D 410 33.00 19.88 -26.79
N LEU D 411 33.64 19.74 -25.62
CA LEU D 411 33.76 18.42 -24.99
C LEU D 411 32.42 17.90 -24.51
N PHE D 412 31.53 18.79 -24.09
CA PHE D 412 30.16 18.37 -23.79
C PHE D 412 29.41 18.02 -25.07
N GLY D 413 29.75 18.67 -26.18
CA GLY D 413 29.15 18.32 -27.44
C GLY D 413 29.71 17.02 -28.02
N ILE D 414 31.02 16.79 -27.84
CA ILE D 414 31.62 15.55 -28.31
C ILE D 414 31.14 14.37 -27.46
N PHE D 415 30.95 14.58 -26.16
CA PHE D 415 30.45 13.51 -25.29
C PHE D 415 29.02 13.11 -25.65
N ASN D 416 28.18 14.09 -26.02
CA ASN D 416 26.81 13.77 -26.42
C ASN D 416 26.78 12.99 -27.74
N LEU D 417 27.72 13.24 -28.63
CA LEU D 417 27.80 12.46 -29.86
C LEU D 417 28.23 11.02 -29.56
N VAL D 418 29.18 10.85 -28.63
CA VAL D 418 29.61 9.51 -28.24
C VAL D 418 28.51 8.79 -27.49
N TYR D 419 27.79 9.51 -26.61
CA TYR D 419 26.75 8.91 -25.79
C TYR D 419 25.56 8.45 -26.63
N TRP D 420 24.99 9.37 -27.43
CA TRP D 420 23.77 9.06 -28.16
C TRP D 420 24.00 8.20 -29.39
N ALA D 421 25.24 7.95 -29.80
CA ALA D 421 25.48 6.99 -30.86
C ALA D 421 25.74 5.59 -30.33
N THR D 422 26.28 5.48 -29.11
CA THR D 422 26.54 4.17 -28.53
C THR D 422 25.25 3.50 -28.07
N TYR D 423 24.42 4.23 -27.32
CA TYR D 423 23.26 3.64 -26.66
C TYR D 423 22.01 3.63 -27.52
N LEU D 424 21.98 4.37 -28.63
CA LEU D 424 20.92 4.25 -29.62
C LEU D 424 21.28 3.27 -30.72
N ASN D 425 22.24 2.39 -30.47
CA ASN D 425 22.67 1.34 -31.37
C ASN D 425 22.55 -0.04 -30.75
N ARG D 426 22.79 -0.16 -29.44
CA ARG D 426 22.74 -1.43 -28.74
C ARG D 426 21.31 -1.98 -28.66
N ASN E 33 -48.92 -22.92 6.21
CA ASN E 33 -48.17 -22.86 7.46
C ASN E 33 -46.67 -22.89 7.19
N MET E 34 -45.99 -23.86 7.79
CA MET E 34 -44.54 -23.99 7.68
C MET E 34 -44.11 -25.36 7.22
N SER E 35 -44.85 -26.42 7.58
CA SER E 35 -44.54 -27.75 7.09
C SER E 35 -44.89 -27.89 5.61
N PHE E 36 -45.94 -27.19 5.16
CA PHE E 36 -46.29 -27.21 3.75
C PHE E 36 -45.27 -26.46 2.91
N VAL E 37 -44.68 -25.40 3.47
CA VAL E 37 -43.62 -24.68 2.78
C VAL E 37 -42.36 -25.55 2.68
N LYS E 38 -42.05 -26.28 3.74
CA LYS E 38 -40.93 -27.21 3.73
C LYS E 38 -41.14 -28.34 2.73
N GLU E 39 -42.37 -28.84 2.65
CA GLU E 39 -42.69 -29.89 1.69
C GLU E 39 -42.59 -29.39 0.25
N THR E 40 -42.95 -28.12 0.03
CA THR E 40 -42.86 -27.51 -1.29
C THR E 40 -41.41 -27.34 -1.72
N VAL E 41 -40.55 -26.87 -0.82
CA VAL E 41 -39.14 -26.66 -1.16
C VAL E 41 -38.43 -27.99 -1.38
N ASP E 42 -38.81 -29.02 -0.64
CA ASP E 42 -38.21 -30.35 -0.82
C ASP E 42 -38.58 -30.97 -2.15
N LYS E 43 -39.77 -30.70 -2.67
CA LYS E 43 -40.18 -31.29 -3.94
C LYS E 43 -39.80 -30.44 -5.15
N LEU E 44 -39.34 -29.20 -4.94
CA LEU E 44 -38.76 -28.44 -6.04
C LEU E 44 -37.43 -29.05 -6.48
N LEU E 45 -36.63 -29.49 -5.50
CA LEU E 45 -35.33 -30.09 -5.78
C LEU E 45 -35.39 -31.61 -5.87
N LYS E 46 -36.59 -32.19 -5.78
CA LYS E 46 -36.75 -33.63 -5.97
C LYS E 46 -36.60 -33.95 -7.44
N GLY E 47 -35.46 -34.52 -7.82
CA GLY E 47 -35.18 -34.80 -9.21
C GLY E 47 -34.61 -33.64 -9.99
N TYR E 48 -34.21 -32.57 -9.33
CA TYR E 48 -33.64 -31.41 -10.01
C TYR E 48 -32.24 -31.73 -10.50
N ASP E 49 -31.96 -31.41 -11.76
CA ASP E 49 -30.64 -31.60 -12.34
C ASP E 49 -30.00 -30.23 -12.52
N ILE E 50 -28.85 -30.01 -11.86
CA ILE E 50 -28.20 -28.71 -11.91
C ILE E 50 -27.43 -28.47 -13.20
N ARG E 51 -27.29 -29.49 -14.03
CA ARG E 51 -26.57 -29.39 -15.29
C ARG E 51 -27.48 -29.07 -16.46
N LEU E 52 -28.79 -29.04 -16.24
CA LEU E 52 -29.75 -28.74 -17.29
C LEU E 52 -30.09 -27.25 -17.27
N ARG E 53 -29.81 -26.58 -18.38
CA ARG E 53 -30.29 -25.23 -18.62
C ARG E 53 -31.82 -25.21 -18.61
N PRO E 54 -32.43 -24.12 -18.14
CA PRO E 54 -33.88 -23.93 -18.35
C PRO E 54 -34.22 -23.91 -19.83
N ASP E 55 -35.23 -24.71 -20.19
CA ASP E 55 -35.65 -24.98 -21.58
C ASP E 55 -34.46 -25.51 -22.39
N PHE E 56 -34.01 -26.71 -22.02
CA PHE E 56 -32.72 -27.23 -22.45
C PHE E 56 -32.67 -27.53 -23.95
N GLY E 57 -33.80 -27.91 -24.54
CA GLY E 57 -33.84 -28.10 -25.98
C GLY E 57 -34.59 -26.99 -26.69
N GLY E 58 -35.14 -26.06 -25.92
CA GLY E 58 -36.01 -25.04 -26.46
C GLY E 58 -35.34 -23.70 -26.67
N PRO E 59 -36.06 -22.63 -26.32
CA PRO E 59 -35.56 -21.27 -26.57
C PRO E 59 -34.40 -20.93 -25.65
N PRO E 60 -33.60 -19.92 -25.99
CA PRO E 60 -32.55 -19.47 -25.06
C PRO E 60 -33.15 -18.78 -23.85
N VAL E 61 -32.56 -19.06 -22.68
CA VAL E 61 -33.00 -18.43 -21.45
C VAL E 61 -32.56 -16.97 -21.43
N CYS E 62 -33.46 -16.10 -21.00
CA CYS E 62 -33.20 -14.66 -20.94
C CYS E 62 -32.84 -14.30 -19.50
N VAL E 63 -31.64 -13.78 -19.31
CA VAL E 63 -31.14 -13.40 -17.99
C VAL E 63 -31.09 -11.88 -17.92
N GLY E 64 -31.83 -11.30 -16.98
CA GLY E 64 -31.88 -9.86 -16.82
C GLY E 64 -31.04 -9.43 -15.64
N MET E 65 -30.12 -8.51 -15.90
CA MET E 65 -29.14 -8.11 -14.90
C MET E 65 -29.43 -6.72 -14.36
N ASN E 66 -29.03 -6.52 -13.11
CA ASN E 66 -29.41 -5.34 -12.33
C ASN E 66 -28.28 -5.09 -11.36
N ILE E 67 -27.65 -3.92 -11.45
CA ILE E 67 -26.48 -3.61 -10.64
C ILE E 67 -26.81 -2.42 -9.74
N ASP E 68 -26.56 -2.58 -8.45
CA ASP E 68 -26.67 -1.50 -7.48
C ASP E 68 -25.26 -1.25 -6.97
N ILE E 69 -24.65 -0.17 -7.44
CA ILE E 69 -23.25 0.12 -7.12
C ILE E 69 -23.14 0.69 -5.72
N ALA E 70 -22.34 0.03 -4.88
CA ALA E 70 -22.09 0.54 -3.54
C ALA E 70 -21.11 1.71 -3.56
N SER E 71 -19.93 1.50 -4.14
CA SER E 71 -18.90 2.53 -4.17
C SER E 71 -17.90 2.21 -5.27
N ILE E 72 -17.14 3.23 -5.66
CA ILE E 72 -15.92 3.09 -6.43
C ILE E 72 -14.78 3.52 -5.53
N ASP E 73 -13.94 2.57 -5.12
CA ASP E 73 -12.97 2.83 -4.07
C ASP E 73 -11.82 3.69 -4.56
N MET E 74 -11.07 3.19 -5.54
CA MET E 74 -9.94 3.91 -6.08
C MET E 74 -9.94 3.78 -7.60
N VAL E 75 -9.38 4.79 -8.25
CA VAL E 75 -9.19 4.78 -9.70
C VAL E 75 -7.70 5.02 -9.92
N SER E 76 -6.96 3.95 -10.18
CA SER E 76 -5.50 4.00 -10.21
C SER E 76 -5.02 4.28 -11.63
N GLU E 77 -4.16 5.29 -11.77
CA GLU E 77 -3.57 5.59 -13.07
C GLU E 77 -2.32 4.78 -13.35
N VAL E 78 -1.60 4.36 -12.30
CA VAL E 78 -0.41 3.53 -12.50
C VAL E 78 -0.80 2.12 -12.90
N ASN E 79 -1.72 1.52 -12.14
CA ASN E 79 -2.13 0.15 -12.41
C ASN E 79 -3.21 0.05 -13.49
N MET E 80 -3.76 1.19 -13.92
CA MET E 80 -4.74 1.31 -15.01
C MET E 80 -6.00 0.48 -14.73
N ASP E 81 -6.58 0.70 -13.56
CA ASP E 81 -7.76 -0.07 -13.14
C ASP E 81 -8.55 0.74 -12.13
N TYR E 82 -9.73 0.23 -11.78
CA TYR E 82 -10.56 0.82 -10.74
C TYR E 82 -11.21 -0.29 -9.92
N THR E 83 -11.46 0.00 -8.66
CA THR E 83 -12.12 -0.93 -7.74
C THR E 83 -13.59 -0.58 -7.67
N LEU E 84 -14.45 -1.59 -7.83
CA LEU E 84 -15.89 -1.40 -7.91
C LEU E 84 -16.59 -2.38 -6.99
N THR E 85 -17.33 -1.87 -6.02
CA THR E 85 -18.16 -2.67 -5.13
C THR E 85 -19.62 -2.48 -5.52
N MET E 86 -20.35 -3.58 -5.69
CA MET E 86 -21.69 -3.50 -6.26
C MET E 86 -22.53 -4.67 -5.81
N TYR E 87 -23.84 -4.53 -6.00
CA TYR E 87 -24.82 -5.59 -5.71
C TYR E 87 -25.27 -6.16 -7.05
N PHE E 88 -24.48 -7.09 -7.58
CA PHE E 88 -24.75 -7.66 -8.89
C PHE E 88 -25.85 -8.71 -8.79
N GLN E 89 -26.94 -8.50 -9.53
CA GLN E 89 -28.16 -9.30 -9.40
C GLN E 89 -28.57 -9.84 -10.76
N GLN E 90 -29.03 -11.09 -10.79
CA GLN E 90 -29.47 -11.76 -12.01
C GLN E 90 -30.87 -12.33 -11.83
N TYR E 91 -31.76 -12.06 -12.80
CA TYR E 91 -33.10 -12.65 -12.84
C TYR E 91 -33.23 -13.55 -14.05
N TRP E 92 -33.72 -14.77 -13.84
CA TRP E 92 -34.12 -15.64 -14.93
C TRP E 92 -35.24 -16.54 -14.44
N ARG E 93 -36.01 -17.07 -15.38
CA ARG E 93 -37.17 -17.90 -15.05
C ARG E 93 -36.85 -19.36 -15.32
N ASP E 94 -36.77 -20.16 -14.26
CA ASP E 94 -36.62 -21.60 -14.35
C ASP E 94 -37.95 -22.26 -14.06
N LYS E 95 -38.42 -23.08 -15.00
CA LYS E 95 -39.74 -23.71 -14.84
C LYS E 95 -39.73 -24.84 -13.82
N ARG E 96 -38.57 -25.40 -13.51
CA ARG E 96 -38.50 -26.49 -12.54
C ARG E 96 -38.62 -26.00 -11.10
N LEU E 97 -38.50 -24.70 -10.88
CA LEU E 97 -38.58 -24.11 -9.55
C LEU E 97 -39.87 -23.34 -9.34
N ALA E 98 -40.92 -23.66 -10.09
CA ALA E 98 -42.21 -23.00 -9.94
C ALA E 98 -43.05 -23.72 -8.90
N TYR E 99 -43.72 -22.95 -8.06
CA TYR E 99 -44.57 -23.49 -7.01
C TYR E 99 -45.89 -22.75 -6.98
N SER E 100 -46.91 -23.40 -6.43
CA SER E 100 -48.24 -22.82 -6.33
C SER E 100 -48.79 -23.05 -4.92
N GLY E 101 -49.73 -22.19 -4.54
CA GLY E 101 -50.36 -22.29 -3.24
C GLY E 101 -49.80 -21.32 -2.22
N ILE E 102 -48.47 -21.18 -2.22
CA ILE E 102 -47.79 -20.29 -1.28
C ILE E 102 -47.78 -18.90 -1.90
N PRO E 103 -48.43 -17.91 -1.28
CA PRO E 103 -48.54 -16.58 -1.90
C PRO E 103 -47.30 -15.71 -1.77
N LEU E 104 -46.28 -16.14 -1.04
CA LEU E 104 -45.11 -15.32 -0.76
C LEU E 104 -43.92 -15.78 -1.57
N ASN E 105 -42.99 -14.86 -1.78
CA ASN E 105 -41.75 -15.13 -2.49
C ASN E 105 -40.79 -15.85 -1.56
N LEU E 106 -40.41 -17.09 -1.92
CA LEU E 106 -39.56 -17.91 -1.06
C LEU E 106 -38.13 -17.41 -1.10
N THR E 107 -37.72 -16.72 -0.03
CA THR E 107 -36.32 -16.35 0.15
C THR E 107 -35.63 -17.46 0.90
N LEU E 108 -34.67 -18.12 0.26
CA LEU E 108 -34.02 -19.28 0.83
C LEU E 108 -32.64 -18.91 1.37
N ASP E 109 -31.99 -19.89 1.98
CA ASP E 109 -30.61 -19.73 2.43
C ASP E 109 -29.70 -19.63 1.22
N ASN E 110 -28.54 -18.98 1.41
CA ASN E 110 -27.61 -18.77 0.31
C ASN E 110 -26.95 -20.06 -0.17
N ARG E 111 -26.92 -21.10 0.66
CA ARG E 111 -26.25 -22.33 0.30
C ARG E 111 -27.09 -23.23 -0.61
N VAL E 112 -28.29 -22.80 -1.02
CA VAL E 112 -29.05 -23.55 -2.00
C VAL E 112 -28.64 -23.15 -3.41
N ALA E 113 -27.87 -22.08 -3.57
CA ALA E 113 -27.31 -21.71 -4.86
C ALA E 113 -26.23 -22.67 -5.33
N ASP E 114 -25.69 -23.50 -4.44
CA ASP E 114 -24.85 -24.63 -4.84
C ASP E 114 -25.67 -25.81 -5.33
N GLN E 115 -26.99 -25.73 -5.26
CA GLN E 115 -27.89 -26.79 -5.69
C GLN E 115 -28.78 -26.37 -6.84
N LEU E 116 -28.50 -25.23 -7.48
CA LEU E 116 -29.31 -24.74 -8.57
C LEU E 116 -28.42 -24.48 -9.79
N TRP E 117 -29.08 -24.24 -10.92
CA TRP E 117 -28.37 -23.77 -12.10
C TRP E 117 -28.21 -22.25 -11.99
N VAL E 118 -26.99 -21.77 -12.09
CA VAL E 118 -26.73 -20.33 -12.16
C VAL E 118 -25.95 -20.05 -13.44
N PRO E 119 -26.12 -18.91 -14.08
CA PRO E 119 -25.40 -18.65 -15.33
C PRO E 119 -23.91 -18.44 -15.12
N ASP E 120 -23.14 -18.79 -16.14
CA ASP E 120 -21.68 -18.70 -16.11
C ASP E 120 -21.18 -17.32 -16.54
N THR E 121 -21.69 -16.27 -15.90
CA THR E 121 -21.35 -14.92 -16.29
C THR E 121 -20.06 -14.48 -15.60
N TYR E 122 -19.15 -13.92 -16.38
CA TYR E 122 -17.87 -13.44 -15.87
C TYR E 122 -17.67 -12.00 -16.32
N PHE E 123 -16.50 -11.46 -16.00
CA PHE E 123 -16.14 -10.10 -16.39
C PHE E 123 -14.87 -10.15 -17.23
N LEU E 124 -14.91 -9.52 -18.40
CA LEU E 124 -13.73 -9.47 -19.25
C LEU E 124 -12.64 -8.60 -18.66
N ASN E 125 -13.03 -7.49 -18.02
CA ASN E 125 -12.09 -6.54 -17.45
C ASN E 125 -11.51 -6.99 -16.11
N ASP E 126 -11.93 -8.15 -15.61
CA ASP E 126 -11.69 -8.56 -14.24
C ASP E 126 -10.21 -8.87 -14.00
N LYS E 127 -9.55 -8.05 -13.19
CA LYS E 127 -8.21 -8.40 -12.71
C LYS E 127 -8.28 -9.24 -11.45
N LYS E 128 -9.13 -8.86 -10.51
CA LYS E 128 -9.22 -9.52 -9.22
C LYS E 128 -10.57 -9.20 -8.60
N SER E 129 -11.28 -10.23 -8.14
CA SER E 129 -12.58 -10.03 -7.51
C SER E 129 -12.85 -11.14 -6.53
N PHE E 130 -13.87 -10.92 -5.70
CA PHE E 130 -14.23 -11.85 -4.63
C PHE E 130 -15.65 -11.51 -4.15
N VAL E 131 -16.41 -12.55 -3.84
CA VAL E 131 -17.69 -12.39 -3.15
C VAL E 131 -17.40 -12.24 -1.66
N HIS E 132 -18.04 -11.25 -1.03
CA HIS E 132 -17.84 -11.02 0.39
C HIS E 132 -18.39 -12.18 1.21
N GLY E 133 -17.64 -12.59 2.21
CA GLY E 133 -17.98 -13.79 2.96
C GLY E 133 -18.11 -13.61 4.46
N VAL E 134 -18.29 -12.36 4.90
CA VAL E 134 -18.47 -12.03 6.30
C VAL E 134 -19.79 -11.30 6.44
N THR E 135 -20.69 -11.83 7.28
CA THR E 135 -20.46 -12.93 8.21
C THR E 135 -20.71 -14.31 7.59
N VAL E 136 -21.58 -14.35 6.59
CA VAL E 136 -21.69 -15.50 5.71
C VAL E 136 -21.42 -15.00 4.30
N LYS E 137 -21.39 -15.91 3.33
CA LYS E 137 -21.20 -15.50 1.93
C LYS E 137 -22.43 -14.76 1.45
N ASN E 138 -22.22 -13.59 0.84
CA ASN E 138 -23.33 -12.69 0.54
C ASN E 138 -23.98 -13.03 -0.80
N ARG E 139 -24.61 -14.20 -0.81
CA ARG E 139 -25.48 -14.63 -1.89
C ARG E 139 -26.93 -14.51 -1.43
N MET E 140 -27.83 -14.53 -2.40
CA MET E 140 -29.25 -14.64 -2.08
C MET E 140 -29.95 -15.44 -3.16
N ILE E 141 -30.90 -16.26 -2.74
CA ILE E 141 -31.79 -16.99 -3.63
C ILE E 141 -33.20 -16.68 -3.21
N ARG E 142 -33.95 -15.99 -4.05
CA ARG E 142 -35.32 -15.61 -3.76
C ARG E 142 -36.20 -16.15 -4.89
N LEU E 143 -36.84 -17.29 -4.64
CA LEU E 143 -37.74 -17.87 -5.62
C LEU E 143 -39.05 -17.12 -5.66
N HIS E 144 -39.61 -17.01 -6.85
CA HIS E 144 -40.91 -16.43 -7.12
C HIS E 144 -41.87 -17.54 -7.57
N PRO E 145 -43.19 -17.38 -7.37
CA PRO E 145 -44.10 -18.51 -7.67
C PRO E 145 -44.25 -18.84 -9.14
N ASP E 146 -43.87 -17.95 -10.05
CA ASP E 146 -43.88 -18.28 -11.47
C ASP E 146 -42.60 -18.95 -11.92
N GLY E 147 -41.62 -19.11 -11.03
CA GLY E 147 -40.36 -19.74 -11.36
C GLY E 147 -39.19 -18.79 -11.50
N THR E 148 -39.44 -17.48 -11.39
CA THR E 148 -38.36 -16.50 -11.45
C THR E 148 -37.48 -16.62 -10.21
N VAL E 149 -36.17 -16.58 -10.40
CA VAL E 149 -35.21 -16.74 -9.33
C VAL E 149 -34.20 -15.60 -9.37
N LEU E 150 -33.94 -15.01 -8.22
CA LEU E 150 -32.95 -13.95 -8.03
C LEU E 150 -31.68 -14.52 -7.42
N TYR E 151 -30.55 -14.21 -8.04
CA TYR E 151 -29.23 -14.60 -7.54
C TYR E 151 -28.40 -13.32 -7.39
N GLY E 152 -28.39 -12.77 -6.18
CA GLY E 152 -27.65 -11.56 -5.90
C GLY E 152 -26.29 -11.84 -5.32
N LEU E 153 -25.35 -10.94 -5.56
CA LEU E 153 -23.96 -11.07 -5.12
C LEU E 153 -23.42 -9.70 -4.76
N ARG E 154 -22.74 -9.60 -3.63
CA ARG E 154 -22.03 -8.36 -3.30
C ARG E 154 -20.56 -8.58 -3.69
N ILE E 155 -20.16 -7.98 -4.80
CA ILE E 155 -18.88 -8.26 -5.45
C ILE E 155 -18.03 -7.01 -5.37
N THR E 156 -16.78 -7.15 -4.92
CA THR E 156 -15.79 -6.09 -5.04
C THR E 156 -14.80 -6.51 -6.12
N THR E 157 -14.92 -5.89 -7.29
CA THR E 157 -14.13 -6.26 -8.46
C THR E 157 -13.14 -5.16 -8.81
N THR E 158 -12.04 -5.57 -9.43
CA THR E 158 -11.02 -4.64 -9.93
C THR E 158 -10.98 -4.78 -11.45
N ALA E 159 -11.57 -3.80 -12.14
CA ALA E 159 -11.73 -3.85 -13.59
C ALA E 159 -10.71 -2.96 -14.27
N ALA E 160 -10.18 -3.42 -15.39
CA ALA E 160 -9.07 -2.77 -16.07
C ALA E 160 -9.53 -1.58 -16.90
N CYS E 161 -8.59 -0.68 -17.18
CA CYS E 161 -8.82 0.48 -18.03
C CYS E 161 -7.65 0.67 -18.98
N MET E 162 -7.93 1.29 -20.12
CA MET E 162 -6.90 1.84 -21.00
C MET E 162 -7.01 3.35 -20.91
N MET E 163 -6.20 3.94 -20.03
CA MET E 163 -6.28 5.37 -19.75
C MET E 163 -5.36 6.15 -20.67
N ASP E 164 -5.91 7.17 -21.31
CA ASP E 164 -5.12 8.09 -22.13
C ASP E 164 -4.77 9.29 -21.24
N LEU E 165 -3.51 9.37 -20.84
CA LEU E 165 -3.05 10.40 -19.92
C LEU E 165 -2.12 11.38 -20.61
N ARG E 166 -2.29 11.55 -21.93
CA ARG E 166 -1.50 12.55 -22.64
C ARG E 166 -1.94 13.97 -22.30
N ARG E 167 -3.20 14.13 -21.92
CA ARG E 167 -3.73 15.43 -21.51
C ARG E 167 -3.88 15.55 -20.01
N TYR E 168 -3.18 14.71 -19.25
CA TYR E 168 -3.22 14.76 -17.80
C TYR E 168 -2.64 16.07 -17.28
N PRO E 169 -3.29 16.73 -16.31
CA PRO E 169 -4.53 16.39 -15.60
C PRO E 169 -5.77 17.12 -16.11
N LEU E 170 -5.90 17.28 -17.41
CA LEU E 170 -7.00 18.03 -18.02
C LEU E 170 -7.81 17.12 -18.94
N ASP E 171 -8.04 15.88 -18.51
CA ASP E 171 -8.54 14.84 -19.40
C ASP E 171 -9.84 14.21 -18.89
N GLU E 172 -10.57 13.59 -19.80
CA GLU E 172 -11.79 12.86 -19.47
C GLU E 172 -11.51 11.40 -19.77
N GLN E 173 -11.90 10.51 -18.87
CA GLN E 173 -11.66 9.07 -19.06
C GLN E 173 -12.91 8.31 -19.47
N ASN E 174 -12.77 7.00 -19.60
CA ASN E 174 -13.86 6.12 -19.98
C ASN E 174 -13.51 4.71 -19.55
N CYS E 175 -13.95 4.32 -18.36
CA CYS E 175 -13.68 2.98 -17.86
C CYS E 175 -14.96 2.16 -17.89
N THR E 176 -14.85 0.90 -18.33
CA THR E 176 -16.03 0.04 -18.44
C THR E 176 -15.99 -1.26 -17.65
N LEU E 177 -17.12 -1.95 -17.64
CA LEU E 177 -17.30 -3.23 -16.98
C LEU E 177 -18.05 -4.09 -17.98
N GLU E 178 -17.35 -5.05 -18.57
CA GLU E 178 -17.92 -5.91 -19.60
C GLU E 178 -18.39 -7.21 -18.97
N ILE E 179 -19.66 -7.55 -19.19
CA ILE E 179 -20.26 -8.77 -18.66
C ILE E 179 -20.54 -9.69 -19.83
N GLU E 180 -20.11 -10.96 -19.71
CA GLU E 180 -20.29 -11.89 -20.81
C GLU E 180 -20.50 -13.30 -20.25
N SER E 181 -21.34 -14.08 -20.93
CA SER E 181 -21.45 -15.49 -20.62
C SER E 181 -20.23 -16.24 -21.10
N TYR E 182 -19.85 -17.28 -20.36
CA TYR E 182 -18.59 -17.96 -20.63
C TYR E 182 -18.74 -19.11 -21.62
N GLY E 183 -19.73 -19.98 -21.41
CA GLY E 183 -19.83 -21.17 -22.22
C GLY E 183 -20.90 -21.13 -23.29
N TYR E 184 -22.06 -20.56 -22.96
CA TYR E 184 -23.20 -20.64 -23.84
C TYR E 184 -23.19 -19.49 -24.85
N THR E 185 -23.64 -19.77 -26.07
CA THR E 185 -23.78 -18.77 -27.10
C THR E 185 -25.16 -18.11 -26.97
N THR E 186 -25.55 -17.34 -27.99
CA THR E 186 -26.88 -16.73 -27.96
C THR E 186 -27.99 -17.71 -28.33
N ASP E 187 -27.64 -18.92 -28.76
CA ASP E 187 -28.66 -19.96 -28.96
C ASP E 187 -29.17 -20.49 -27.64
N ASP E 188 -28.40 -20.34 -26.57
CA ASP E 188 -28.74 -20.91 -25.27
C ASP E 188 -29.00 -19.88 -24.19
N ILE E 189 -28.37 -18.71 -24.24
CA ILE E 189 -28.55 -17.70 -23.21
C ILE E 189 -28.62 -16.33 -23.88
N GLU E 190 -29.42 -15.44 -23.28
CA GLU E 190 -29.53 -14.06 -23.73
C GLU E 190 -29.46 -13.14 -22.52
N PHE E 191 -28.91 -11.94 -22.73
CA PHE E 191 -28.76 -10.95 -21.69
C PHE E 191 -29.55 -9.71 -22.02
N TYR E 192 -30.03 -9.02 -20.99
CA TYR E 192 -30.60 -7.70 -21.15
C TYR E 192 -30.43 -6.94 -19.84
N TRP E 193 -30.44 -5.61 -19.94
CA TRP E 193 -30.45 -4.75 -18.78
C TRP E 193 -31.90 -4.59 -18.33
N ARG E 194 -32.20 -5.08 -17.13
CA ARG E 194 -33.55 -4.98 -16.61
C ARG E 194 -33.91 -3.53 -16.28
N GLY E 195 -34.98 -3.06 -16.89
CA GLY E 195 -35.40 -1.68 -16.69
C GLY E 195 -34.75 -0.70 -17.61
N GLY E 196 -34.09 -1.17 -18.67
CA GLY E 196 -33.47 -0.29 -19.66
C GLY E 196 -32.30 0.52 -19.16
N ASP E 197 -32.49 1.84 -19.05
CA ASP E 197 -31.44 2.73 -18.59
C ASP E 197 -31.41 2.88 -17.07
N LYS E 198 -32.44 2.41 -16.37
CA LYS E 198 -32.47 2.44 -14.92
C LYS E 198 -32.02 1.12 -14.30
N ALA E 199 -31.24 0.33 -15.03
CA ALA E 199 -30.69 -0.90 -14.48
C ALA E 199 -29.62 -0.60 -13.44
N VAL E 200 -28.57 0.11 -13.84
CA VAL E 200 -27.50 0.44 -12.90
C VAL E 200 -27.90 1.66 -12.10
N THR E 201 -28.06 1.49 -10.79
CA THR E 201 -28.40 2.58 -9.89
C THR E 201 -27.24 2.79 -8.92
N GLY E 202 -27.23 3.97 -8.30
CA GLY E 202 -26.19 4.32 -7.37
C GLY E 202 -24.99 5.00 -7.97
N VAL E 203 -25.13 5.53 -9.19
CA VAL E 203 -24.02 6.25 -9.82
C VAL E 203 -24.01 7.71 -9.38
N GLU E 204 -25.19 8.30 -9.19
CA GLU E 204 -25.28 9.68 -8.72
C GLU E 204 -24.87 9.82 -7.25
N ARG E 205 -24.85 8.71 -6.50
CA ARG E 205 -24.39 8.75 -5.12
C ARG E 205 -22.88 8.67 -5.00
N ILE E 206 -22.17 8.36 -6.08
CA ILE E 206 -20.72 8.20 -6.04
C ILE E 206 -20.06 9.57 -5.99
N GLU E 207 -19.23 9.79 -4.98
CA GLU E 207 -18.39 10.99 -4.88
C GLU E 207 -16.94 10.52 -4.89
N LEU E 208 -16.30 10.64 -6.05
CA LEU E 208 -14.90 10.27 -6.16
C LEU E 208 -14.02 11.43 -5.68
N PRO E 209 -12.90 11.13 -5.01
CA PRO E 209 -12.08 12.21 -4.45
C PRO E 209 -11.32 13.02 -5.48
N GLN E 210 -11.18 12.53 -6.72
CA GLN E 210 -10.47 13.29 -7.73
C GLN E 210 -11.07 13.20 -9.13
N PHE E 211 -12.24 12.59 -9.29
CA PHE E 211 -12.92 12.54 -10.58
C PHE E 211 -14.36 13.01 -10.42
N SER E 212 -15.08 13.06 -11.54
CA SER E 212 -16.49 13.44 -11.54
C SER E 212 -17.17 12.67 -12.67
N ILE E 213 -18.16 11.86 -12.32
CA ILE E 213 -18.85 11.01 -13.29
C ILE E 213 -19.77 11.90 -14.13
N VAL E 214 -19.45 12.01 -15.42
CA VAL E 214 -20.24 12.84 -16.31
C VAL E 214 -21.49 12.09 -16.79
N GLU E 215 -21.30 10.86 -17.27
CA GLU E 215 -22.39 10.09 -17.85
C GLU E 215 -22.02 8.61 -17.81
N HIS E 216 -22.99 7.77 -17.45
CA HIS E 216 -22.84 6.33 -17.58
C HIS E 216 -23.80 5.82 -18.64
N ARG E 217 -23.35 4.81 -19.40
CA ARG E 217 -24.11 4.25 -20.50
C ARG E 217 -24.27 2.75 -20.33
N LEU E 218 -25.35 2.21 -20.90
CA LEU E 218 -25.67 0.79 -20.82
C LEU E 218 -25.82 0.25 -22.23
N VAL E 219 -24.91 -0.64 -22.62
CA VAL E 219 -24.86 -1.18 -23.98
C VAL E 219 -25.14 -2.67 -23.92
N SER E 220 -26.09 -3.13 -24.72
CA SER E 220 -26.39 -4.54 -24.88
C SER E 220 -26.14 -4.93 -26.33
N ARG E 221 -25.28 -5.92 -26.55
CA ARG E 221 -24.93 -6.31 -27.91
C ARG E 221 -24.45 -7.75 -27.93
N ASN E 222 -24.71 -8.42 -29.06
CA ASN E 222 -24.19 -9.75 -29.31
C ASN E 222 -22.88 -9.65 -30.09
N VAL E 223 -21.86 -10.38 -29.65
CA VAL E 223 -20.54 -10.30 -30.23
C VAL E 223 -20.37 -11.50 -31.16
N VAL E 224 -20.40 -11.25 -32.46
CA VAL E 224 -20.40 -12.32 -33.46
C VAL E 224 -18.97 -12.80 -33.66
N PHE E 225 -18.76 -14.11 -33.52
CA PHE E 225 -17.51 -14.78 -33.87
C PHE E 225 -17.77 -15.79 -34.97
N ALA E 226 -16.74 -16.58 -35.28
CA ALA E 226 -16.89 -17.64 -36.28
C ALA E 226 -17.76 -18.77 -35.78
N THR E 227 -17.70 -19.07 -34.47
CA THR E 227 -18.54 -20.12 -33.91
C THR E 227 -19.99 -19.65 -33.79
N GLY E 228 -20.22 -18.59 -33.03
CA GLY E 228 -21.56 -18.06 -32.87
C GLY E 228 -21.51 -16.77 -32.10
N ALA E 229 -22.66 -16.10 -32.06
CA ALA E 229 -22.78 -14.83 -31.35
C ALA E 229 -22.86 -15.07 -29.84
N TYR E 230 -22.01 -14.37 -29.10
CA TYR E 230 -22.01 -14.41 -27.65
C TYR E 230 -22.64 -13.15 -27.07
N PRO E 231 -23.49 -13.28 -26.06
CA PRO E 231 -24.12 -12.09 -25.48
C PRO E 231 -23.14 -11.33 -24.61
N ARG E 232 -23.30 -10.00 -24.58
CA ARG E 232 -22.41 -9.17 -23.79
C ARG E 232 -23.17 -7.92 -23.36
N LEU E 233 -23.08 -7.58 -22.08
CA LEU E 233 -23.56 -6.31 -21.56
C LEU E 233 -22.37 -5.44 -21.21
N SER E 234 -22.56 -4.12 -21.29
CA SER E 234 -21.47 -3.18 -21.08
C SER E 234 -21.93 -2.04 -20.19
N LEU E 235 -21.22 -1.83 -19.09
CA LEU E 235 -21.52 -0.73 -18.19
C LEU E 235 -20.30 0.18 -18.22
N SER E 236 -20.48 1.45 -18.52
CA SER E 236 -19.34 2.38 -18.61
C SER E 236 -19.61 3.73 -17.96
N PHE E 237 -18.53 4.37 -17.51
CA PHE E 237 -18.62 5.68 -16.89
C PHE E 237 -17.63 6.63 -17.52
N ARG E 238 -17.93 7.92 -17.48
CA ARG E 238 -17.02 8.94 -18.00
C ARG E 238 -16.46 9.62 -16.77
N LEU E 239 -15.14 9.79 -16.71
CA LEU E 239 -14.51 10.36 -15.54
C LEU E 239 -13.76 11.62 -15.96
N LYS E 240 -14.34 12.79 -15.70
CA LYS E 240 -13.66 14.06 -15.91
C LYS E 240 -12.93 14.44 -14.63
N ARG E 241 -11.62 14.62 -14.72
CA ARG E 241 -10.82 14.91 -13.54
C ARG E 241 -11.04 16.35 -13.09
N ASN E 242 -11.26 16.53 -11.80
CA ASN E 242 -11.35 17.88 -11.25
C ASN E 242 -9.96 18.51 -11.17
N ILE E 243 -9.89 19.78 -11.57
CA ILE E 243 -8.61 20.44 -11.80
C ILE E 243 -8.31 21.51 -10.77
N GLY E 244 -9.14 21.69 -9.75
CA GLY E 244 -8.89 22.73 -8.76
C GLY E 244 -7.67 22.43 -7.90
N TYR E 245 -7.38 21.15 -7.69
CA TYR E 245 -6.19 20.75 -6.96
C TYR E 245 -4.91 21.10 -7.71
N PHE E 246 -4.89 20.82 -9.01
CA PHE E 246 -3.66 20.98 -9.77
C PHE E 246 -3.35 22.44 -10.03
N ILE E 247 -4.38 23.30 -10.06
CA ILE E 247 -4.18 24.74 -10.14
C ILE E 247 -3.35 25.24 -8.96
N LEU E 248 -3.72 24.82 -7.75
CA LEU E 248 -3.04 25.28 -6.54
C LEU E 248 -1.62 24.76 -6.41
N GLN E 249 -1.46 23.44 -6.41
CA GLN E 249 -0.17 22.85 -6.07
C GLN E 249 0.83 22.91 -7.23
N THR E 250 0.36 22.76 -8.47
CA THR E 250 1.28 22.59 -9.60
C THR E 250 1.38 23.83 -10.47
N TYR E 251 0.25 24.36 -10.96
CA TYR E 251 0.31 25.44 -11.95
C TYR E 251 0.67 26.78 -11.30
N MET E 252 0.04 27.10 -10.18
CA MET E 252 0.21 28.43 -9.58
C MET E 252 1.62 28.75 -9.08
N PRO E 253 2.35 27.88 -8.36
CA PRO E 253 3.72 28.29 -7.97
C PRO E 253 4.69 28.31 -9.13
N SER E 254 4.48 27.49 -10.17
CA SER E 254 5.34 27.53 -11.34
C SER E 254 5.17 28.82 -12.12
N ILE E 255 3.96 29.39 -12.09
CA ILE E 255 3.75 30.73 -12.65
C ILE E 255 4.48 31.78 -11.81
N LEU E 256 4.34 31.69 -10.49
CA LEU E 256 4.90 32.71 -9.60
C LEU E 256 6.42 32.65 -9.53
N ILE E 257 7.01 31.46 -9.73
CA ILE E 257 8.46 31.36 -9.82
C ILE E 257 8.97 32.00 -11.11
N THR E 258 8.20 31.86 -12.20
CA THR E 258 8.58 32.47 -13.47
C THR E 258 8.52 33.99 -13.40
N ILE E 259 7.57 34.54 -12.65
CA ILE E 259 7.46 35.98 -12.50
C ILE E 259 8.62 36.53 -11.66
N LEU E 260 9.05 35.77 -10.65
CA LEU E 260 10.21 36.17 -9.85
C LEU E 260 11.52 36.14 -10.63
N SER E 261 11.60 35.37 -11.71
CA SER E 261 12.78 35.41 -12.56
C SER E 261 12.89 36.70 -13.34
N TRP E 262 11.78 37.43 -13.51
CA TRP E 262 11.75 38.68 -14.25
C TRP E 262 12.14 39.87 -13.39
N VAL E 263 12.35 39.65 -12.08
CA VAL E 263 12.75 40.71 -11.17
C VAL E 263 14.16 41.20 -11.50
N SER E 264 14.99 40.34 -12.09
CA SER E 264 16.33 40.72 -12.53
C SER E 264 16.33 41.62 -13.76
N PHE E 265 15.21 42.14 -14.27
CA PHE E 265 15.21 43.06 -15.39
C PHE E 265 15.04 44.51 -14.95
N TRP E 266 14.53 44.72 -13.74
CA TRP E 266 14.45 46.04 -13.13
C TRP E 266 15.60 46.27 -12.15
N ILE E 267 16.67 45.48 -12.26
CA ILE E 267 17.88 45.63 -11.45
C ILE E 267 19.03 45.95 -12.40
N ASN E 268 19.86 46.91 -12.01
CA ASN E 268 20.99 47.36 -12.83
C ASN E 268 21.97 46.23 -13.10
N TYR E 269 22.65 46.33 -14.25
CA TYR E 269 23.65 45.35 -14.65
C TYR E 269 24.88 45.36 -13.74
N ASP E 270 25.12 46.46 -13.03
CA ASP E 270 26.22 46.52 -12.08
C ASP E 270 26.00 45.57 -10.91
N ALA E 271 24.75 45.38 -10.50
CA ALA E 271 24.42 44.46 -9.42
C ALA E 271 24.50 43.06 -9.98
N SER E 272 25.71 42.50 -9.97
CA SER E 272 25.94 41.18 -10.54
C SER E 272 25.51 40.08 -9.59
N ALA E 273 25.86 40.22 -8.31
CA ALA E 273 25.48 39.23 -7.31
C ALA E 273 23.98 39.19 -7.07
N ALA E 274 23.29 40.30 -7.32
CA ALA E 274 21.83 40.31 -7.18
C ALA E 274 21.17 39.58 -8.35
N ARG E 275 21.57 39.89 -9.58
CA ARG E 275 20.88 39.34 -10.74
C ARG E 275 21.22 37.87 -10.98
N VAL E 276 22.39 37.42 -10.53
CA VAL E 276 22.71 36.00 -10.62
C VAL E 276 21.93 35.21 -9.57
N ALA E 277 21.86 35.74 -8.34
CA ALA E 277 21.21 35.02 -7.24
C ALA E 277 19.70 34.92 -7.45
N LEU E 278 19.11 35.85 -8.20
CA LEU E 278 17.76 35.64 -8.69
C LEU E 278 17.69 34.43 -9.62
N GLY E 279 18.38 34.51 -10.75
CA GLY E 279 18.17 33.52 -11.81
C GLY E 279 18.68 32.13 -11.46
N ILE E 280 19.78 32.05 -10.71
CA ILE E 280 20.33 30.75 -10.33
C ILE E 280 19.46 30.06 -9.28
N THR E 281 18.95 30.80 -8.30
CA THR E 281 18.04 30.20 -7.34
C THR E 281 16.68 29.93 -7.96
N THR E 282 16.34 30.63 -9.04
CA THR E 282 15.05 30.42 -9.69
C THR E 282 15.06 29.15 -10.55
N VAL E 283 16.21 28.79 -11.16
CA VAL E 283 16.27 27.51 -11.85
C VAL E 283 16.32 26.36 -10.85
N LEU E 284 16.80 26.62 -9.62
CA LEU E 284 16.81 25.58 -8.59
C LEU E 284 15.42 25.36 -8.04
N THR E 285 14.64 26.44 -7.87
CA THR E 285 13.30 26.30 -7.34
C THR E 285 12.37 25.63 -8.35
N MET E 286 12.58 25.91 -9.64
CA MET E 286 11.89 25.14 -10.68
C MET E 286 12.32 23.69 -10.68
N THR E 287 13.59 23.41 -10.37
CA THR E 287 14.06 22.04 -10.29
C THR E 287 13.40 21.30 -9.14
N THR E 288 13.31 21.94 -7.96
CA THR E 288 12.70 21.29 -6.81
C THR E 288 11.19 21.11 -6.98
N ILE E 289 10.56 21.98 -7.76
CA ILE E 289 9.15 21.77 -8.09
C ILE E 289 8.99 20.60 -9.06
N ASN E 290 9.83 20.55 -10.10
CA ASN E 290 9.70 19.51 -11.11
C ASN E 290 10.08 18.14 -10.56
N THR E 291 11.10 18.08 -9.72
CA THR E 291 11.54 16.81 -9.18
C THR E 291 10.57 16.27 -8.13
N HIS E 292 10.04 17.13 -7.27
CA HIS E 292 9.14 16.66 -6.23
C HIS E 292 7.70 16.53 -6.68
N LEU E 293 7.31 17.11 -7.83
CA LEU E 293 6.05 16.72 -8.44
C LEU E 293 6.17 15.43 -9.22
N ARG E 294 7.39 15.05 -9.63
CA ARG E 294 7.59 13.73 -10.21
C ARG E 294 7.40 12.65 -9.16
N GLU E 295 7.76 12.94 -7.91
CA GLU E 295 7.60 11.98 -6.83
C GLU E 295 6.19 11.97 -6.26
N THR E 296 5.52 13.12 -6.24
CA THR E 296 4.19 13.21 -5.65
C THR E 296 3.11 12.69 -6.60
N LEU E 297 3.17 13.12 -7.85
CA LEU E 297 2.21 12.69 -8.87
C LEU E 297 2.43 11.24 -9.24
N PRO E 298 1.39 10.60 -9.82
CA PRO E 298 1.43 9.19 -10.21
C PRO E 298 2.50 8.96 -11.27
N LYS E 299 3.14 7.78 -11.21
CA LYS E 299 4.23 7.46 -12.11
C LYS E 299 3.84 6.92 -13.48
N ILE E 300 3.40 7.80 -14.38
CA ILE E 300 3.09 7.37 -15.73
C ILE E 300 4.31 7.82 -16.50
N PRO E 301 5.11 6.86 -16.98
CA PRO E 301 6.36 7.25 -17.67
C PRO E 301 6.19 7.51 -19.17
N TYR E 302 5.35 8.48 -19.51
CA TYR E 302 5.42 9.12 -20.81
C TYR E 302 5.02 10.58 -20.66
N VAL E 303 5.05 11.30 -21.78
CA VAL E 303 4.93 12.75 -21.77
C VAL E 303 3.47 13.14 -21.57
N LYS E 304 3.20 13.92 -20.53
CA LYS E 304 1.86 14.35 -20.16
C LYS E 304 1.73 15.85 -20.40
N ALA E 305 0.53 16.37 -20.18
CA ALA E 305 0.29 17.80 -20.38
C ALA E 305 0.83 18.65 -19.26
N ILE E 306 1.07 18.07 -18.09
CA ILE E 306 1.68 18.82 -16.99
C ILE E 306 3.21 18.82 -17.13
N ASP E 307 3.77 17.81 -17.79
CA ASP E 307 5.22 17.77 -17.99
C ASP E 307 5.66 18.75 -19.06
N MET E 308 4.80 18.97 -20.07
CA MET E 308 5.11 19.97 -21.10
C MET E 308 5.03 21.38 -20.55
N TYR E 309 4.13 21.62 -19.59
CA TYR E 309 4.01 22.95 -19.02
C TYR E 309 5.15 23.25 -18.07
N LEU E 310 5.53 22.26 -17.24
CA LEU E 310 6.62 22.45 -16.30
C LEU E 310 7.97 22.56 -17.00
N MET E 311 8.15 21.83 -18.10
CA MET E 311 9.36 21.98 -18.89
C MET E 311 9.36 23.32 -19.64
N GLY E 312 8.18 23.77 -20.05
CA GLY E 312 8.08 25.06 -20.71
C GLY E 312 8.39 26.22 -19.78
N CYS E 313 7.90 26.17 -18.55
CA CYS E 313 8.21 27.20 -17.57
C CYS E 313 9.67 27.16 -17.14
N PHE E 314 10.30 25.98 -17.20
CA PHE E 314 11.72 25.89 -16.90
C PHE E 314 12.56 26.58 -17.96
N VAL E 315 12.06 26.62 -19.21
CA VAL E 315 12.79 27.30 -20.29
C VAL E 315 12.79 28.81 -20.07
N PHE E 316 11.64 29.38 -19.70
CA PHE E 316 11.53 30.83 -19.47
C PHE E 316 12.41 31.27 -18.30
N VAL E 317 12.53 30.43 -17.28
CA VAL E 317 13.45 30.71 -16.19
C VAL E 317 14.89 30.57 -16.66
N PHE E 318 15.17 29.59 -17.54
CA PHE E 318 16.50 29.41 -18.11
C PHE E 318 16.84 30.53 -19.08
N LEU E 319 15.86 31.00 -19.86
CA LEU E 319 16.11 32.12 -20.77
C LEU E 319 16.27 33.43 -20.03
N ALA E 320 15.67 33.57 -18.84
CA ALA E 320 15.79 34.80 -18.08
C ALA E 320 17.17 34.99 -17.47
N LEU E 321 17.97 33.94 -17.39
CA LEU E 321 19.33 34.03 -16.91
C LEU E 321 20.34 34.03 -18.05
N LEU E 322 19.99 33.48 -19.21
CA LEU E 322 20.75 33.73 -20.43
C LEU E 322 20.70 35.18 -20.82
N GLU E 323 19.63 35.90 -20.46
CA GLU E 323 19.52 37.32 -20.75
C GLU E 323 20.59 38.11 -20.01
N TYR E 324 20.90 37.73 -18.77
CA TYR E 324 21.88 38.49 -18.01
C TYR E 324 23.29 38.28 -18.50
N ALA E 325 23.65 37.05 -18.90
CA ALA E 325 24.96 36.82 -19.48
C ALA E 325 25.10 37.51 -20.82
N PHE E 326 24.00 37.65 -21.56
CA PHE E 326 23.98 38.47 -22.76
C PHE E 326 24.22 39.94 -22.41
N VAL E 327 23.66 40.40 -21.29
CA VAL E 327 23.90 41.76 -20.82
C VAL E 327 25.34 41.89 -20.31
N ASN E 328 25.80 40.93 -19.52
CA ASN E 328 27.09 41.03 -18.84
C ASN E 328 28.25 40.93 -19.83
N TYR E 329 28.09 40.13 -20.89
CA TYR E 329 29.16 40.00 -21.88
C TYR E 329 29.25 41.22 -22.78
N ILE E 330 28.14 41.90 -23.05
CA ILE E 330 28.17 43.03 -23.96
C ILE E 330 28.80 44.26 -23.28
N PHE E 331 28.47 44.50 -22.02
CA PHE E 331 29.06 45.64 -21.33
C PHE E 331 30.51 45.39 -20.95
N PHE E 332 30.78 44.31 -20.21
CA PHE E 332 32.11 44.11 -19.67
C PHE E 332 33.08 43.43 -20.64
N GLY E 333 32.57 42.74 -21.67
CA GLY E 333 33.46 42.12 -22.62
C GLY E 333 33.58 42.88 -23.92
N ARG E 334 32.45 43.30 -24.47
CA ARG E 334 32.41 44.08 -25.71
C ARG E 334 32.36 45.58 -25.45
N GLY E 335 32.94 46.02 -24.34
CA GLY E 335 32.91 47.41 -23.93
C GLY E 335 34.07 48.27 -24.39
N PRO E 336 35.32 47.87 -24.07
CA PRO E 336 36.48 48.65 -24.56
C PRO E 336 36.68 48.61 -26.06
N GLN E 337 36.06 47.68 -26.78
CA GLN E 337 36.16 47.64 -28.24
C GLN E 337 35.29 48.74 -28.85
N ASP E 444 24.08 48.54 -27.11
CA ASP E 444 23.49 49.17 -25.94
C ASP E 444 23.20 48.09 -24.90
N VAL E 445 23.16 48.50 -23.63
CA VAL E 445 23.00 47.57 -22.51
C VAL E 445 21.65 47.74 -21.83
N ASN E 446 21.22 48.99 -21.62
CA ASN E 446 19.91 49.25 -21.04
C ASN E 446 18.79 48.95 -22.01
N ALA E 447 19.07 48.96 -23.31
CA ALA E 447 18.05 48.61 -24.31
C ALA E 447 17.73 47.13 -24.28
N ILE E 448 18.67 46.29 -23.84
CA ILE E 448 18.40 44.86 -23.72
C ILE E 448 17.45 44.59 -22.56
N ASP E 449 17.67 45.26 -21.43
CA ASP E 449 16.76 45.10 -20.30
C ASP E 449 15.40 45.69 -20.59
N ARG E 450 15.36 46.84 -21.27
CA ARG E 450 14.10 47.47 -21.63
C ARG E 450 13.32 46.63 -22.64
N TRP E 451 14.04 45.87 -23.48
CA TRP E 451 13.38 44.93 -24.38
C TRP E 451 12.80 43.75 -23.61
N SER E 452 13.57 43.21 -22.65
CA SER E 452 13.18 41.97 -21.98
C SER E 452 12.02 42.19 -21.00
N ARG E 453 11.85 43.42 -20.50
CA ARG E 453 10.73 43.72 -19.60
C ARG E 453 9.38 43.60 -20.28
N ILE E 454 9.33 43.73 -21.61
CA ILE E 454 8.07 43.67 -22.36
C ILE E 454 7.89 42.33 -23.03
N VAL E 455 8.98 41.74 -23.54
CA VAL E 455 8.88 40.56 -24.39
C VAL E 455 8.63 39.31 -23.57
N PHE E 456 9.39 39.10 -22.51
CA PHE E 456 9.22 37.89 -21.69
C PHE E 456 7.88 37.80 -20.94
N PRO E 457 7.28 38.89 -20.41
CA PRO E 457 5.87 38.77 -20.03
C PRO E 457 4.93 38.52 -21.20
N PHE E 458 5.23 39.07 -22.38
CA PHE E 458 4.39 38.82 -23.55
C PHE E 458 4.55 37.39 -24.06
N THR E 459 5.78 36.85 -24.01
CA THR E 459 6.02 35.52 -24.52
C THR E 459 5.45 34.46 -23.57
N PHE E 460 5.52 34.71 -22.26
CA PHE E 460 4.96 33.77 -21.30
C PHE E 460 3.44 33.82 -21.28
N SER E 461 2.85 34.99 -21.52
CA SER E 461 1.41 35.06 -21.68
C SER E 461 0.96 34.42 -22.98
N LEU E 462 1.79 34.51 -24.02
CA LEU E 462 1.50 33.81 -25.27
C LEU E 462 1.65 32.29 -25.10
N PHE E 463 2.60 31.88 -24.26
CA PHE E 463 2.76 30.45 -23.96
C PHE E 463 1.57 29.91 -23.20
N ASN E 464 1.03 30.68 -22.26
CA ASN E 464 -0.17 30.28 -21.56
C ASN E 464 -1.39 30.29 -22.47
N LEU E 465 -1.39 31.16 -23.47
CA LEU E 465 -2.51 31.20 -24.43
C LEU E 465 -2.53 29.95 -25.30
N VAL E 466 -1.36 29.55 -25.81
CA VAL E 466 -1.26 28.35 -26.65
C VAL E 466 -1.55 27.09 -25.82
N TYR E 467 -1.06 27.06 -24.58
CA TYR E 467 -1.22 25.89 -23.72
C TYR E 467 -2.67 25.68 -23.31
N TRP E 468 -3.31 26.72 -22.76
CA TRP E 468 -4.65 26.56 -22.22
C TRP E 468 -5.74 26.56 -23.29
N LEU E 469 -5.40 26.76 -24.56
CA LEU E 469 -6.35 26.53 -25.64
C LEU E 469 -6.15 25.18 -26.32
N TYR E 470 -4.97 24.58 -26.19
CA TYR E 470 -4.73 23.28 -26.80
C TYR E 470 -5.24 22.13 -25.95
N TYR E 471 -5.19 22.27 -24.62
CA TYR E 471 -5.61 21.20 -23.73
C TYR E 471 -6.96 21.45 -23.07
N VAL E 472 -7.51 22.65 -23.18
CA VAL E 472 -8.82 22.94 -22.64
C VAL E 472 -9.78 23.35 -23.76
N GLN F 1 -23.16 30.95 -2.90
CA GLN F 1 -23.71 30.86 -1.55
C GLN F 1 -24.78 29.78 -1.48
N VAL F 2 -24.70 28.94 -0.45
CA VAL F 2 -25.60 27.80 -0.30
C VAL F 2 -26.95 28.30 0.17
N GLN F 3 -27.99 28.06 -0.63
CA GLN F 3 -29.36 28.46 -0.31
C GLN F 3 -30.26 27.24 -0.42
N LEU F 4 -30.57 26.61 0.71
CA LEU F 4 -31.52 25.50 0.75
C LEU F 4 -32.92 26.06 0.58
N GLN F 5 -33.43 26.03 -0.65
CA GLN F 5 -34.73 26.61 -0.96
C GLN F 5 -35.81 25.54 -0.88
N GLU F 6 -36.78 25.75 0.00
CA GLU F 6 -37.87 24.81 0.20
C GLU F 6 -39.05 25.17 -0.70
N SER F 7 -39.95 24.21 -0.86
CA SER F 7 -41.22 24.44 -1.58
C SER F 7 -42.26 23.51 -0.97
N GLY F 8 -43.40 23.40 -1.64
CA GLY F 8 -44.50 22.60 -1.14
C GLY F 8 -45.59 23.44 -0.49
N GLY F 9 -46.68 22.75 -0.14
CA GLY F 9 -47.86 23.42 0.36
C GLY F 9 -47.72 23.89 1.79
N GLY F 10 -48.75 24.60 2.25
CA GLY F 10 -48.76 25.15 3.59
C GLY F 10 -50.13 25.16 4.25
N LEU F 11 -51.11 24.52 3.63
CA LEU F 11 -52.45 24.41 4.20
C LEU F 11 -53.12 23.18 3.63
N VAL F 12 -53.72 22.37 4.50
CA VAL F 12 -54.34 21.12 4.09
C VAL F 12 -55.40 20.75 5.12
N GLN F 13 -56.40 20.01 4.69
CA GLN F 13 -57.35 19.38 5.60
C GLN F 13 -56.66 18.24 6.34
N GLY F 422 -55.51 14.76 4.74
CA GLY F 422 -54.91 14.95 3.44
C GLY F 422 -53.41 14.78 3.48
N SER F 423 -52.83 14.63 2.29
CA SER F 423 -51.40 14.43 2.13
C SER F 423 -50.73 15.70 1.61
N LEU F 424 -49.40 15.68 1.62
CA LEU F 424 -48.60 16.82 1.21
C LEU F 424 -47.21 16.29 0.87
N ARG F 425 -46.44 17.10 0.14
CA ARG F 425 -45.06 16.72 -0.22
C ARG F 425 -44.22 17.99 -0.18
N VAL F 426 -43.57 18.23 0.95
CA VAL F 426 -42.74 19.42 1.12
C VAL F 426 -41.35 19.11 0.58
N SER F 427 -40.93 19.89 -0.41
CA SER F 427 -39.67 19.66 -1.10
C SER F 427 -38.60 20.64 -0.63
N CYS F 428 -37.38 20.44 -1.12
CA CYS F 428 -36.23 21.25 -0.74
C CYS F 428 -35.21 21.20 -1.86
N ALA F 429 -35.16 22.25 -2.67
CA ALA F 429 -34.20 22.34 -3.76
C ALA F 429 -32.93 23.04 -3.28
N ALA F 430 -31.81 22.32 -3.29
CA ALA F 430 -30.54 22.87 -2.85
C ALA F 430 -29.81 23.51 -4.03
N SER F 431 -28.94 24.46 -3.70
CA SER F 431 -28.13 25.13 -4.70
C SER F 431 -26.84 25.63 -4.06
N GLY F 432 -25.79 25.70 -4.86
CA GLY F 432 -24.52 26.21 -4.42
C GLY F 432 -23.53 25.17 -3.96
N ARG F 433 -24.00 23.96 -3.63
CA ARG F 433 -23.12 22.90 -3.14
C ARG F 433 -23.78 21.56 -3.39
N THR F 434 -23.01 20.61 -3.92
CA THR F 434 -23.51 19.26 -4.10
C THR F 434 -23.54 18.55 -2.75
N PHE F 435 -24.73 18.21 -2.29
CA PHE F 435 -24.90 17.58 -0.98
C PHE F 435 -25.02 16.07 -1.02
N THR F 436 -24.57 15.42 -2.09
CA THR F 436 -24.72 13.97 -2.16
C THR F 436 -23.99 13.29 -1.02
N THR F 437 -22.77 13.74 -0.72
CA THR F 437 -22.00 13.20 0.39
C THR F 437 -22.66 13.51 1.74
N TYR F 438 -23.24 14.70 1.85
CA TYR F 438 -23.91 15.18 3.07
C TYR F 438 -25.24 14.50 3.39
N ILE F 439 -25.62 14.56 4.67
CA ILE F 439 -26.87 14.01 5.17
C ILE F 439 -27.91 15.12 5.21
N MET F 440 -28.93 15.02 4.37
CA MET F 440 -30.01 16.00 4.30
C MET F 440 -31.20 15.51 5.12
N ALA F 441 -31.67 16.34 6.03
CA ALA F 441 -32.68 15.96 6.99
C ALA F 441 -33.84 16.95 6.98
N TRP F 442 -34.89 16.59 7.73
CA TRP F 442 -36.07 17.42 7.92
C TRP F 442 -36.37 17.54 9.40
N PHE F 443 -36.64 18.77 9.86
CA PHE F 443 -36.97 19.04 11.25
C PHE F 443 -38.36 19.67 11.34
N ARG F 444 -38.78 19.91 12.57
CA ARG F 444 -40.11 20.46 12.85
C ARG F 444 -40.04 21.32 14.10
N GLN F 445 -40.48 22.56 13.99
CA GLN F 445 -40.50 23.49 15.12
C GLN F 445 -41.93 23.98 15.33
N ALA F 446 -42.59 23.41 16.33
CA ALA F 446 -43.90 23.87 16.77
C ALA F 446 -43.73 25.14 17.62
N PRO F 447 -44.82 25.87 17.92
CA PRO F 447 -44.74 26.89 18.97
C PRO F 447 -44.39 26.27 20.32
N GLY F 448 -43.20 26.58 20.81
CA GLY F 448 -42.62 25.90 21.95
C GLY F 448 -41.12 25.79 21.82
N LYS F 449 -40.60 26.20 20.65
CA LYS F 449 -39.17 26.42 20.39
C LYS F 449 -38.35 25.15 20.54
N GLU F 450 -38.86 24.03 20.02
CA GLU F 450 -38.17 22.75 20.07
C GLU F 450 -38.13 22.15 18.67
N ARG F 451 -36.96 22.23 18.03
CA ARG F 451 -36.76 21.60 16.72
C ARG F 451 -36.74 20.09 16.89
N GLU F 452 -37.82 19.44 16.49
CA GLU F 452 -37.96 18.00 16.60
C GLU F 452 -37.48 17.32 15.32
N PHE F 453 -36.74 16.22 15.49
CA PHE F 453 -36.32 15.42 14.35
C PHE F 453 -37.52 14.75 13.70
N LEU F 454 -37.57 14.81 12.36
CA LEU F 454 -38.60 14.11 11.60
C LEU F 454 -38.02 12.99 10.76
N ALA F 455 -37.08 13.31 9.87
CA ALA F 455 -36.57 12.33 8.93
C ALA F 455 -35.20 12.78 8.46
N ALA F 456 -34.34 11.79 8.16
CA ALA F 456 -33.03 12.04 7.60
C ALA F 456 -32.73 10.95 6.58
N MET F 457 -31.70 11.17 5.77
CA MET F 457 -31.23 10.15 4.86
C MET F 457 -29.73 10.30 4.64
N ASP F 458 -29.01 9.19 4.78
CA ASP F 458 -27.57 9.15 4.66
C ASP F 458 -27.20 9.14 3.17
N GLN F 459 -25.93 9.01 2.79
CA GLN F 459 -25.56 8.87 1.40
C GLN F 459 -25.97 7.46 0.92
N GLY F 460 -25.98 6.47 1.82
CA GLY F 460 -26.37 5.15 1.40
C GLY F 460 -27.87 4.88 1.39
N ARG F 461 -28.66 5.96 1.26
CA ARG F 461 -30.13 5.90 1.12
C ARG F 461 -30.79 5.22 2.31
N ILE F 462 -30.38 5.57 3.52
CA ILE F 462 -30.86 4.94 4.74
C ILE F 462 -31.76 5.91 5.46
N GLN F 463 -33.01 5.52 5.66
CA GLN F 463 -34.04 6.40 6.19
C GLN F 463 -34.06 6.32 7.70
N TYR F 464 -33.78 7.43 8.36
CA TYR F 464 -33.83 7.54 9.82
C TYR F 464 -35.05 8.37 10.19
N TYR F 465 -35.89 7.84 11.06
CA TYR F 465 -37.16 8.46 11.40
C TYR F 465 -37.25 8.70 12.90
N GLY F 466 -37.94 9.78 13.27
CA GLY F 466 -38.30 9.97 14.67
C GLY F 466 -39.39 9.00 15.08
N ASP F 467 -39.44 8.72 16.39
CA ASP F 467 -40.35 7.70 16.88
C ASP F 467 -41.81 8.16 16.84
N SER F 468 -42.04 9.47 16.94
CA SER F 468 -43.40 9.99 16.83
C SER F 468 -43.89 10.04 15.40
N VAL F 469 -42.99 9.95 14.42
CA VAL F 469 -43.32 10.18 13.02
C VAL F 469 -42.90 9.00 12.16
N ARG F 470 -42.53 7.89 12.79
CA ARG F 470 -42.12 6.71 12.04
C ARG F 470 -43.33 6.04 11.41
N GLY F 471 -43.22 5.70 10.12
CA GLY F 471 -44.28 5.05 9.40
C GLY F 471 -45.25 5.98 8.71
N ARG F 472 -45.30 7.25 9.11
CA ARG F 472 -46.18 8.23 8.49
C ARG F 472 -45.47 9.02 7.39
N PHE F 473 -44.40 9.70 7.74
CA PHE F 473 -43.68 10.55 6.80
C PHE F 473 -42.59 9.76 6.11
N THR F 474 -42.48 9.92 4.80
CA THR F 474 -41.51 9.19 3.98
C THR F 474 -40.54 10.19 3.37
N ILE F 475 -39.24 9.94 3.57
CA ILE F 475 -38.20 10.82 3.04
C ILE F 475 -37.61 10.18 1.78
N SER F 476 -37.25 11.02 0.82
CA SER F 476 -36.59 10.58 -0.39
C SER F 476 -35.64 11.68 -0.86
N ARG F 477 -34.45 11.29 -1.29
CA ARG F 477 -33.47 12.23 -1.85
C ARG F 477 -33.32 11.98 -3.33
N ASP F 478 -33.17 13.06 -4.08
CA ASP F 478 -32.82 13.00 -5.49
C ASP F 478 -31.36 13.43 -5.61
N TYR F 479 -30.47 12.46 -5.82
CA TYR F 479 -29.05 12.73 -5.81
C TYR F 479 -28.56 13.39 -7.09
N ALA F 480 -29.33 13.31 -8.17
CA ALA F 480 -28.95 13.98 -9.41
C ALA F 480 -29.34 15.44 -9.39
N LYS F 481 -30.57 15.74 -8.98
CA LYS F 481 -31.08 17.10 -8.95
C LYS F 481 -30.78 17.82 -7.64
N ASN F 482 -30.08 17.15 -6.72
CA ASN F 482 -29.60 17.72 -5.45
C ASN F 482 -30.76 18.25 -4.60
N SER F 483 -31.65 17.33 -4.22
CA SER F 483 -32.84 17.71 -3.47
C SER F 483 -33.24 16.59 -2.52
N VAL F 484 -34.01 16.96 -1.50
CA VAL F 484 -34.60 16.03 -0.56
C VAL F 484 -36.10 16.32 -0.51
N ASP F 485 -36.91 15.27 -0.39
CA ASP F 485 -38.35 15.39 -0.37
C ASP F 485 -38.90 14.67 0.86
N LEU F 486 -39.96 15.22 1.43
CA LEU F 486 -40.65 14.63 2.57
C LEU F 486 -42.10 14.42 2.19
N GLN F 487 -42.53 13.17 2.10
CA GLN F 487 -43.90 12.83 1.72
C GLN F 487 -44.77 12.80 2.98
N LEU F 488 -45.59 13.82 3.15
CA LEU F 488 -46.47 13.92 4.31
C LEU F 488 -47.69 13.04 4.09
N ASP F 489 -48.07 12.28 5.11
CA ASP F 489 -49.11 11.27 4.96
C ASP F 489 -49.78 11.05 6.30
N GLY F 490 -51.11 11.16 6.33
CA GLY F 490 -51.86 11.00 7.56
C GLY F 490 -51.65 12.16 8.50
N LEU F 491 -52.01 13.37 8.08
CA LEU F 491 -51.68 14.59 8.81
C LEU F 491 -52.69 14.83 9.92
N ARG F 492 -52.27 14.55 11.16
CA ARG F 492 -53.02 14.93 12.33
C ARG F 492 -52.99 16.45 12.50
N PRO F 493 -53.96 17.04 13.22
CA PRO F 493 -53.92 18.49 13.47
C PRO F 493 -52.76 18.95 14.35
N GLU F 494 -52.04 18.06 15.00
CA GLU F 494 -50.87 18.42 15.80
C GLU F 494 -49.63 18.67 14.96
N ASP F 495 -49.71 18.53 13.63
CA ASP F 495 -48.57 18.74 12.75
C ASP F 495 -48.47 20.17 12.25
N THR F 496 -49.22 21.11 12.84
CA THR F 496 -49.18 22.51 12.43
C THR F 496 -47.92 23.13 13.00
N ALA F 497 -46.89 23.27 12.17
CA ALA F 497 -45.59 23.76 12.60
C ALA F 497 -44.81 24.23 11.38
N VAL F 498 -43.52 24.49 11.58
CA VAL F 498 -42.61 24.94 10.53
C VAL F 498 -41.64 23.81 10.25
N TYR F 499 -41.46 23.48 8.97
CA TYR F 499 -40.60 22.37 8.56
C TYR F 499 -39.31 22.91 7.97
N TYR F 500 -38.19 22.55 8.58
CA TYR F 500 -36.88 23.06 8.18
C TYR F 500 -36.12 21.97 7.44
N CYS F 501 -35.67 22.29 6.23
CA CYS F 501 -34.77 21.44 5.47
C CYS F 501 -33.34 21.65 5.95
N ALA F 502 -32.78 20.66 6.60
CA ALA F 502 -31.40 20.71 7.06
C ALA F 502 -30.51 19.92 6.12
N ALA F 503 -29.21 20.22 6.16
CA ALA F 503 -28.23 19.54 5.33
C ALA F 503 -26.88 19.64 6.02
N GLY F 504 -26.41 18.52 6.56
CA GLY F 504 -25.13 18.51 7.26
C GLY F 504 -24.41 17.19 7.10
N ALA F 505 -23.41 16.95 7.94
CA ALA F 505 -22.62 15.73 7.92
C ALA F 505 -22.55 15.16 9.33
N GLY F 506 -23.73 15.00 9.94
CA GLY F 506 -23.99 15.02 11.37
C GLY F 506 -22.86 14.51 12.25
N PHE F 507 -22.46 15.36 13.18
CA PHE F 507 -21.37 15.11 14.11
C PHE F 507 -22.01 15.25 15.49
N TRP F 508 -21.93 14.19 16.30
CA TRP F 508 -22.84 13.92 17.42
C TRP F 508 -24.29 14.03 16.97
N GLY F 509 -24.59 13.49 15.78
CA GLY F 509 -25.73 13.95 15.04
C GLY F 509 -26.67 12.83 14.62
N LEU F 510 -27.41 13.13 13.53
CA LEU F 510 -28.60 12.48 12.97
C LEU F 510 -29.84 12.64 13.83
N ARG F 511 -29.71 13.19 15.04
CA ARG F 511 -30.84 13.53 15.88
C ARG F 511 -30.66 14.89 16.52
N THR F 512 -29.45 15.45 16.53
CA THR F 512 -29.17 16.72 17.17
C THR F 512 -29.28 17.84 16.14
N ALA F 513 -29.98 18.91 16.51
CA ALA F 513 -30.15 20.03 15.60
C ALA F 513 -28.86 20.81 15.39
N SER F 514 -27.90 20.73 16.32
CA SER F 514 -26.67 21.51 16.23
C SER F 514 -25.56 20.76 15.49
N SER F 515 -25.91 19.78 14.67
CA SER F 515 -24.94 19.10 13.82
C SER F 515 -25.11 19.43 12.35
N TYR F 516 -26.26 19.97 11.95
CA TYR F 516 -26.51 20.35 10.57
C TYR F 516 -26.15 21.82 10.39
N HIS F 517 -25.21 22.09 9.48
CA HIS F 517 -24.66 23.42 9.31
C HIS F 517 -25.25 24.16 8.12
N TYR F 518 -26.32 23.66 7.53
CA TYR F 518 -27.06 24.38 6.50
C TYR F 518 -28.55 24.22 6.77
N TRP F 519 -29.32 25.26 6.46
CA TRP F 519 -30.71 25.31 6.90
C TRP F 519 -31.60 25.90 5.81
N GLY F 520 -32.82 25.40 5.75
CA GLY F 520 -33.82 25.96 4.88
C GLY F 520 -34.51 27.16 5.50
N GLN F 521 -35.36 27.80 4.69
CA GLN F 521 -36.03 29.01 5.15
C GLN F 521 -37.20 28.69 6.09
N GLY F 522 -37.96 27.64 5.79
CA GLY F 522 -39.09 27.25 6.61
C GLY F 522 -40.35 27.17 5.77
N THR F 523 -41.30 26.36 6.23
CA THR F 523 -42.57 26.17 5.54
C THR F 523 -43.67 26.04 6.59
N GLN F 524 -44.48 27.09 6.73
CA GLN F 524 -45.58 27.06 7.68
C GLN F 524 -46.70 26.15 7.16
N VAL F 525 -46.72 24.91 7.64
CA VAL F 525 -47.77 23.97 7.29
C VAL F 525 -48.88 24.09 8.32
N THR F 526 -50.11 24.31 7.86
CA THR F 526 -51.26 24.47 8.71
C THR F 526 -52.23 23.32 8.47
N VAL F 527 -52.50 22.55 9.51
CA VAL F 527 -53.41 21.40 9.43
C VAL F 527 -54.58 21.70 10.36
N SER F 528 -55.69 22.16 9.80
CA SER F 528 -56.88 22.46 10.57
C SER F 528 -57.79 21.24 10.66
N SER F 529 -58.86 21.37 11.44
CA SER F 529 -59.83 20.30 11.60
C SER F 529 -61.22 20.86 11.89
C1 NAG G . -9.35 -20.38 8.58
C2 NAG G . -8.58 -21.70 8.57
C3 NAG G . -7.80 -21.84 7.26
C4 NAG G . -8.73 -21.67 6.06
C5 NAG G . -9.45 -20.33 6.17
C6 NAG G . -10.46 -20.08 5.08
C7 NAG G . -7.83 -22.65 10.70
C8 NAG G . -6.77 -22.63 11.76
N2 NAG G . -7.67 -21.78 9.70
O3 NAG G . -7.19 -23.13 7.24
O4 NAG G . -8.00 -21.73 4.84
O5 NAG G . -10.17 -20.29 7.41
O6 NAG G . -11.50 -21.05 5.11
O7 NAG G . -8.78 -23.42 10.75
C1 NAG G . -8.33 -22.91 4.22
C2 NAG G . -8.19 -22.80 2.69
C3 NAG G . -8.60 -24.12 2.05
C4 NAG G . -7.82 -25.29 2.65
C5 NAG G . -7.96 -25.29 4.17
C6 NAG G . -7.14 -26.33 4.87
C7 NAG G . -8.54 -20.47 2.02
C8 NAG G . -9.50 -19.47 1.46
N2 NAG G . -9.00 -21.71 2.18
O3 NAG G . -8.38 -24.05 0.64
O4 NAG G . -8.34 -26.51 2.15
O5 NAG G . -7.54 -24.01 4.69
O6 NAG G . -5.75 -26.13 4.66
O7 NAG G . -7.38 -20.16 2.33
C1 BMA G . -7.45 -27.17 1.34
C2 BMA G . -8.23 -28.26 0.61
C3 BMA G . -7.32 -29.01 -0.35
C4 BMA G . -6.65 -28.05 -1.32
C5 BMA G . -5.90 -26.98 -0.52
C6 BMA G . -5.27 -25.91 -1.38
O2 BMA G . -9.31 -27.66 -0.10
O3 BMA G . -8.08 -30.00 -1.03
O4 BMA G . -5.72 -28.75 -2.13
O5 BMA G . -6.81 -26.32 0.38
O6 BMA G . -6.07 -25.55 -2.49
C1 MAN G . -7.71 -31.18 -0.89
C2 MAN G . -8.39 -32.30 -1.66
C3 MAN G . -9.68 -32.71 -0.96
C4 MAN G . -9.41 -33.01 0.52
C5 MAN G . -8.67 -31.85 1.16
C6 MAN G . -8.34 -32.15 2.63
O2 MAN G . -7.52 -33.42 -1.73
O3 MAN G . -10.22 -33.87 -1.59
O4 MAN G . -10.65 -33.21 1.20
O5 MAN G . -7.46 -31.59 0.45
O6 MAN G . -7.67 -31.04 3.21
C1 MAN G . -7.48 -33.89 -3.10
C2 MAN G . -7.03 -35.36 -3.12
C3 MAN G . -5.55 -35.47 -2.75
C4 MAN G . -4.70 -34.56 -3.61
C5 MAN G . -5.22 -33.13 -3.52
C6 MAN G . -4.49 -32.17 -4.43
O2 MAN G . -7.27 -35.89 -4.41
O3 MAN G . -5.12 -36.81 -2.89
O4 MAN G . -3.35 -34.59 -3.16
O5 MAN G . -6.61 -33.09 -3.91
O6 MAN G . -4.67 -32.50 -5.80
C1 MAN G . -8.16 -37.02 -4.28
C2 MAN G . -7.98 -37.90 -5.52
C3 MAN G . -8.45 -37.13 -6.76
C4 MAN G . -9.89 -36.65 -6.58
C5 MAN G . -10.02 -35.85 -5.28
C6 MAN G . -11.45 -35.48 -4.95
O2 MAN G . -8.73 -39.10 -5.37
O3 MAN G . -8.36 -37.98 -7.90
O4 MAN G . -10.26 -35.82 -7.67
O5 MAN G . -9.54 -36.63 -4.18
O6 MAN G . -11.54 -34.78 -3.72
C1 MAN G . -6.77 -24.38 -2.23
C2 MAN G . -7.95 -24.27 -3.20
C3 MAN G . -7.40 -23.99 -4.59
C4 MAN G . -6.52 -22.76 -4.61
C5 MAN G . -5.42 -22.88 -3.54
C6 MAN G . -4.64 -21.61 -3.36
O2 MAN G . -8.79 -23.20 -2.78
O3 MAN G . -8.49 -23.84 -5.50
O4 MAN G . -5.92 -22.61 -5.88
O5 MAN G . -5.99 -23.18 -2.26
O6 MAN G . -4.50 -21.31 -1.97
C1 MAN G . -8.57 -24.97 -6.29
C2 MAN G . -9.27 -24.60 -7.60
C3 MAN G . -10.74 -24.29 -7.33
C4 MAN G . -11.41 -25.44 -6.60
C5 MAN G . -10.63 -25.78 -5.33
C6 MAN G . -11.16 -27.00 -4.62
O2 MAN G . -9.17 -25.70 -8.51
O3 MAN G . -11.41 -24.01 -8.55
O4 MAN G . -12.74 -25.09 -6.25
O5 MAN G . -9.25 -26.07 -5.67
O6 MAN G . -10.48 -27.23 -3.39
C1 MAN G . -3.33 -20.58 -1.77
C2 MAN G . -2.48 -21.31 -0.73
C3 MAN G . -3.19 -21.31 0.62
C4 MAN G . -3.58 -19.90 1.04
C5 MAN G . -4.38 -19.23 -0.08
C6 MAN G . -4.69 -17.78 0.21
O2 MAN G . -1.22 -20.66 -0.61
O3 MAN G . -2.37 -21.91 1.61
O4 MAN G . -4.36 -19.95 2.22
O5 MAN G . -3.62 -19.26 -1.30
O6 MAN G . -5.46 -17.20 -0.83
C1 NAG H . 7.90 -40.14 25.55
C2 NAG H . 9.31 -40.63 25.83
C3 NAG H . 9.62 -40.56 27.32
C4 NAG H . 9.35 -39.15 27.85
C5 NAG H . 7.93 -38.72 27.50
C6 NAG H . 7.61 -37.29 27.88
C7 NAG H . 10.03 -42.28 24.16
C8 NAG H . 10.16 -43.74 23.84
N2 NAG H . 9.49 -41.99 25.35
O3 NAG H . 10.97 -40.92 27.55
O4 NAG H . 9.51 -39.14 29.27
O5 NAG H . 7.74 -38.82 26.08
O6 NAG H . 6.28 -36.95 27.54
O7 NAG H . 10.39 -41.41 23.37
C1 NAG H . 10.61 -38.41 29.66
C2 NAG H . 10.33 -37.76 31.01
C3 NAG H . 11.54 -36.93 31.45
C4 NAG H . 12.80 -37.79 31.45
C5 NAG H . 12.99 -38.46 30.08
C6 NAG H . 14.13 -39.44 30.06
C7 NAG H . 7.97 -37.36 31.49
C8 NAG H . 6.84 -36.38 31.46
N2 NAG H . 9.14 -36.96 30.98
O3 NAG H . 11.31 -36.41 32.75
O4 NAG H . 13.93 -36.99 31.74
O5 NAG H . 11.81 -39.20 29.72
O6 NAG H . 14.27 -40.06 28.79
O7 NAG H . 7.83 -38.49 31.96
C1 NAG I . 3.19 -4.70 30.11
C2 NAG I . 3.89 -5.50 31.20
C3 NAG I . 2.88 -6.40 31.91
C4 NAG I . 1.69 -5.59 32.42
C5 NAG I . 1.11 -4.71 31.31
C6 NAG I . 0.06 -3.74 31.81
C7 NAG I . 6.24 -6.17 31.08
C8 NAG I . 7.23 -7.10 30.45
N2 NAG I . 4.98 -6.29 30.66
O3 NAG I . 3.53 -7.07 32.97
O4 NAG I . 0.66 -6.51 32.83
O5 NAG I . 2.15 -3.91 30.69
O6 NAG I . 0.60 -2.80 32.72
O7 NAG I . 6.57 -5.35 31.93
C1 NAG I . 0.52 -6.67 34.20
C2 NAG I . -0.70 -7.54 34.43
C3 NAG I . -0.88 -7.82 35.93
C4 NAG I . 0.40 -8.40 36.53
C5 NAG I . 1.58 -7.47 36.22
C6 NAG I . 2.92 -8.01 36.66
C7 NAG I . -2.81 -7.55 33.17
C8 NAG I . -3.99 -6.73 32.72
N2 NAG I . -1.90 -6.91 33.90
O3 NAG I . -1.95 -8.73 36.13
O4 NAG I . 0.23 -8.51 37.95
O5 NAG I . 1.67 -7.28 34.80
O6 NAG I . 3.96 -7.07 36.42
O7 NAG I . -2.68 -8.73 32.88
C1 BMA I . 0.31 -9.80 38.43
C2 BMA I . 0.71 -9.68 39.90
C3 BMA I . 0.84 -11.05 40.55
C4 BMA I . -0.41 -11.90 40.30
C5 BMA I . -0.76 -11.92 38.82
C6 BMA I . -2.09 -12.60 38.57
O2 BMA I . -0.28 -8.90 40.59
O3 BMA I . 1.01 -10.88 41.96
O4 BMA I . -0.17 -13.23 40.74
O5 BMA I . -0.90 -10.57 38.33
O6 BMA I . -3.02 -12.25 39.58
C1 MAN I . -4.20 -12.94 39.44
C2 MAN I . -5.34 -11.96 39.71
C3 MAN I . -5.24 -11.48 41.16
C4 MAN I . -5.27 -12.67 42.12
C5 MAN I . -4.15 -13.65 41.73
C6 MAN I . -4.19 -14.92 42.55
O2 MAN I . -6.58 -12.60 39.48
O3 MAN I . -6.31 -10.59 41.45
O4 MAN I . -5.05 -12.22 43.45
O5 MAN I . -4.29 -14.04 40.36
O6 MAN I . -3.13 -15.79 42.20
C1 MAN I . -5.78 -9.32 41.62
C2 MAN I . -6.68 -8.50 42.54
C3 MAN I . -8.01 -8.24 41.86
C4 MAN I . -7.80 -7.60 40.49
C5 MAN I . -6.84 -8.44 39.65
C6 MAN I . -6.48 -7.79 38.34
O2 MAN I . -6.03 -7.28 42.85
O3 MAN I . -8.82 -7.40 42.67
O4 MAN I . -9.04 -7.48 39.80
O5 MAN I . -5.61 -8.63 40.38
O6 MAN I . -5.58 -8.61 37.59
C1 MAN I . 2.19 -11.45 42.38
C2 MAN I . 1.96 -12.04 43.77
C3 MAN I . 1.61 -10.92 44.74
C4 MAN I . 2.66 -9.81 44.71
C5 MAN I . 2.89 -9.35 43.27
C6 MAN I . 4.03 -8.36 43.15
O2 MAN I . 3.14 -12.70 44.21
O3 MAN I . 1.47 -11.43 46.06
O4 MAN I . 2.24 -8.72 45.50
O5 MAN I . 3.23 -10.48 42.44
O6 MAN I . 4.19 -7.92 41.80
C1 NAG J . 26.45 -31.28 0.04
C2 NAG J . 27.82 -30.86 -0.52
C3 NAG J . 28.51 -32.07 -1.17
C4 NAG J . 28.58 -33.24 -0.20
C5 NAG J . 27.17 -33.55 0.32
C6 NAG J . 27.14 -34.65 1.36
C7 NAG J . 28.16 -28.54 -1.20
C8 NAG J . 27.99 -27.53 -2.30
N2 NAG J . 27.70 -29.77 -1.46
O3 NAG J . 29.82 -31.69 -1.57
O4 NAG J . 29.10 -34.39 -0.86
O5 NAG J . 26.61 -32.38 0.94
O6 NAG J . 25.80 -34.96 1.75
O7 NAG J . 28.68 -28.26 -0.13
C1 NAG J . 30.36 -34.71 -0.39
C2 NAG J . 30.59 -36.20 -0.61
C3 NAG J . 31.99 -36.59 -0.11
C4 NAG J . 33.05 -35.71 -0.76
C5 NAG J . 32.72 -34.24 -0.54
C6 NAG J . 33.65 -33.31 -1.28
C7 NAG J . 28.55 -37.55 -0.59
C8 NAG J . 27.60 -38.35 0.25
N2 NAG J . 29.58 -37.00 0.06
O3 NAG J . 32.23 -37.96 -0.41
O4 NAG J . 34.33 -36.00 -0.20
O5 NAG J . 31.40 -33.96 -1.04
O6 NAG J . 33.37 -31.95 -1.01
O7 NAG J . 28.38 -37.40 -1.79
C1 NAG K . -14.58 -21.19 -6.31
C2 NAG K . -14.12 -21.69 -4.96
C3 NAG K . -14.87 -22.98 -4.67
C4 NAG K . -16.39 -22.88 -4.94
C5 NAG K . -16.69 -22.21 -6.27
C6 NAG K . -18.17 -21.94 -6.40
C7 NAG K . -11.81 -20.94 -4.87
C8 NAG K . -10.74 -20.92 -5.92
N2 NAG K . -12.69 -21.93 -4.98
O3 NAG K . -14.66 -23.33 -3.30
O4 NAG K . -17.01 -24.17 -5.02
O5 NAG K . -15.99 -20.98 -6.31
O6 NAG K . -18.42 -21.23 -7.63
O7 NAG K . -11.87 -20.10 -3.98
C1 NAG K . -17.63 -24.49 -3.77
C2 NAG K . -18.80 -25.45 -3.94
C3 NAG K . -19.33 -25.93 -2.59
C4 NAG K . -18.18 -26.46 -1.75
C5 NAG K . -17.10 -25.40 -1.63
C6 NAG K . -15.94 -25.90 -0.77
C7 NAG K . -20.05 -25.05 -5.99
C8 NAG K . -21.14 -24.25 -6.64
N2 NAG K . -19.88 -24.84 -4.68
O3 NAG K . -20.29 -26.96 -2.79
O4 NAG K . -18.66 -26.81 -0.45
O5 NAG K . -16.63 -25.03 -2.92
O6 NAG K . -15.00 -24.83 -0.55
O7 NAG K . -19.36 -25.84 -6.61
C1 BMA K . -18.24 -28.15 -0.15
C2 BMA K . -18.12 -28.34 1.36
C3 BMA K . -17.63 -29.75 1.67
C4 BMA K . -18.53 -30.79 1.00
C5 BMA K . -18.68 -30.49 -0.48
C6 BMA K . -19.69 -31.39 -1.16
O2 BMA K . -19.37 -28.11 1.97
O3 BMA K . -17.59 -29.98 3.08
O4 BMA K . -17.98 -32.09 1.17
O5 BMA K . -19.14 -29.14 -0.67
O6 BMA K . -20.93 -31.36 -0.49
C1 MAN K . -16.69 -29.16 3.74
C2 MAN K . -15.70 -29.99 4.54
C3 MAN K . -16.43 -30.74 5.66
C4 MAN K . -17.29 -29.79 6.49
C5 MAN K . -18.19 -28.95 5.58
C6 MAN K . -18.97 -27.90 6.33
O2 MAN K . -14.71 -29.15 5.10
O3 MAN K . -15.49 -31.40 6.50
O4 MAN K . -18.09 -30.53 7.40
O5 MAN K . -17.38 -28.27 4.61
O6 MAN K . -19.75 -27.12 5.43
C1 MAN K . -21.94 -31.79 -1.34
C2 MAN K . -23.27 -31.20 -0.87
C3 MAN K . -23.64 -31.78 0.48
C4 MAN K . -23.64 -33.30 0.44
C5 MAN K . -22.30 -33.82 -0.09
C6 MAN K . -22.26 -35.30 -0.28
O2 MAN K . -24.27 -31.48 -1.83
O3 MAN K . -24.92 -31.31 0.89
O4 MAN K . -23.85 -33.83 1.75
O5 MAN K . -22.04 -33.22 -1.37
O6 MAN K . -23.22 -35.73 -1.25
C1 NAG L . -42.83 -11.13 -5.01
C2 NAG L . -43.86 -10.20 -4.37
C3 NAG L . -44.61 -9.42 -5.45
C4 NAG L . -43.63 -8.68 -6.36
C5 NAG L . -42.62 -9.68 -6.93
C6 NAG L . -41.53 -9.04 -7.75
C7 NAG L . -44.84 -10.83 -2.21
C8 NAG L . -45.87 -11.66 -1.51
N2 NAG L . -44.79 -10.95 -3.54
O3 NAG L . -45.49 -8.49 -4.83
O4 NAG L . -44.35 -8.05 -7.41
O5 NAG L . -41.96 -10.37 -5.85
O6 NAG L . -40.64 -10.01 -8.29
O7 NAG L . -44.09 -10.08 -1.59
C1 NAG L . -44.27 -6.67 -7.34
C2 NAG L . -44.46 -6.10 -8.73
C3 NAG L . -44.36 -4.57 -8.69
C4 NAG L . -45.32 -3.99 -7.66
C5 NAG L . -45.11 -4.67 -6.31
C6 NAG L . -46.13 -4.24 -5.27
C7 NAG L . -43.75 -7.68 -10.47
C8 NAG L . -42.63 -8.13 -11.36
N2 NAG L . -43.49 -6.65 -9.67
O3 NAG L . -44.64 -4.04 -9.98
O4 NAG L . -45.12 -2.60 -7.53
O5 NAG L . -45.22 -6.09 -6.44
O6 NAG L . -45.91 -4.89 -4.02
O7 NAG L . -44.86 -8.23 -10.49
C1 NAG M . -17.12 5.02 -23.72
C2 NAG M . -18.39 5.66 -24.26
C3 NAG M . -19.31 4.49 -24.60
C4 NAG M . -18.63 3.43 -25.48
C5 NAG M . -17.36 2.96 -24.83
C6 NAG M . -16.63 1.95 -25.71
C7 NAG M . -19.16 6.33 -22.04
C8 NAG M . -20.15 7.19 -21.32
N2 NAG M . -19.00 6.59 -23.33
O3 NAG M . -20.38 5.03 -25.33
O4 NAG M . -19.45 2.28 -25.72
O5 NAG M . -16.54 4.10 -24.63
O6 NAG M . -16.22 2.58 -26.93
O7 NAG M . -18.56 5.45 -21.47
C1 NAG M . -20.05 2.33 -27.03
C2 NAG M . -20.36 0.94 -27.59
C3 NAG M . -21.19 1.02 -28.86
C4 NAG M . -22.37 1.95 -28.71
C5 NAG M . -21.91 3.29 -28.18
C6 NAG M . -23.06 4.27 -27.98
C7 NAG M . -18.73 -0.84 -27.29
C8 NAG M . -17.54 -1.53 -27.88
N2 NAG M . -19.13 0.26 -27.92
O3 NAG M . -21.65 -0.29 -29.20
O4 NAG M . -22.94 2.16 -30.01
O5 NAG M . -21.23 3.12 -26.95
O6 NAG M . -22.56 5.60 -27.97
O7 NAG M . -19.28 -1.25 -26.29
C1 BMA M . -24.34 1.81 -29.94
C2 BMA M . -25.12 2.53 -31.04
C3 BMA M . -26.59 2.17 -30.96
C4 BMA M . -26.76 0.66 -30.97
C5 BMA M . -25.93 0.03 -29.85
C6 BMA M . -26.04 -1.49 -29.88
O2 BMA M . -24.60 2.16 -32.31
O3 BMA M . -27.28 2.73 -32.09
O4 BMA M . -28.14 0.33 -30.76
O5 BMA M . -24.55 0.40 -30.00
O6 BMA M . -25.88 -1.93 -31.24
C1 MAN M . -25.32 -3.26 -31.24
C2 MAN M . -24.47 -3.41 -32.49
C3 MAN M . -25.35 -3.24 -33.71
C4 MAN M . -26.51 -4.24 -33.69
C5 MAN M . -27.26 -4.11 -32.36
C6 MAN M . -28.33 -5.17 -32.19
O2 MAN M . -23.85 -4.69 -32.50
O3 MAN M . -24.59 -3.37 -34.91
O4 MAN M . -27.40 -3.98 -34.77
O5 MAN M . -26.36 -4.26 -31.26
O6 MAN M . -29.01 -5.02 -30.96
C1 MAN M . -24.36 -2.09 -35.37
C2 MAN M . -24.42 -2.07 -36.90
C3 MAN M . -23.25 -2.88 -37.46
C4 MAN M . -21.92 -2.39 -36.89
C5 MAN M . -21.98 -2.38 -35.37
C6 MAN M . -20.75 -1.77 -34.72
O2 MAN M . -24.35 -0.74 -37.36
O3 MAN M . -23.23 -2.80 -38.88
O4 MAN M . -20.87 -3.25 -37.31
O5 MAN M . -23.10 -1.58 -34.94
O6 MAN M . -19.58 -2.50 -35.08
C1 MAN M . -28.06 3.63 -32.05
C2 MAN M . -28.95 3.91 -33.27
C3 MAN M . -28.17 4.73 -34.29
C4 MAN M . -27.61 6.00 -33.65
C5 MAN M . -26.77 5.64 -32.43
C6 MAN M . -26.30 6.86 -31.67
O2 MAN M . -30.10 4.62 -32.85
O3 MAN M . -29.02 5.08 -35.38
O4 MAN M . -26.78 6.69 -34.60
O5 MAN M . -27.56 4.86 -31.52
O6 MAN M . -25.51 6.48 -30.54
C1 PIO N . 12.74 58.08 -3.19
O1 PIO N . 12.41 56.69 -3.43
P1 PIO N . 11.13 55.99 -2.77
C2 PIO N . 11.96 58.95 -4.16
O2 PIO N . 12.22 58.55 -5.50
C3 PIO N . 12.33 60.42 -3.98
O3 PIO N . 11.62 61.21 -4.91
C4 PIO N . 13.83 60.60 -4.16
O4 PIO N . 14.17 61.98 -3.94
P4 PIO N . 14.37 63.18 -4.96
C5 PIO N . 14.59 59.73 -3.18
O5 PIO N . 16.01 59.91 -3.41
P5 PIO N . 17.18 59.95 -2.32
C6 PIO N . 14.24 58.27 -3.37
O6 PIO N . 14.96 57.46 -2.43
O11 PIO N . 11.33 54.49 -2.94
O12 PIO N . 10.87 56.45 -1.40
O13 PIO N . 9.92 56.36 -3.74
C1A PIO N . 5.81 56.59 -2.74
O1A PIO N . 5.95 57.78 -2.87
C1B PIO N . 5.82 54.37 -6.82
O1B PIO N . 5.34 55.23 -7.50
C1C PIO N . 8.86 55.41 -3.97
C2A PIO N . 4.83 55.93 -1.82
C2B PIO N . 5.47 52.91 -6.91
C2C PIO N . 7.60 56.17 -4.28
O2C PIO N . 6.54 55.68 -3.39
C3A PIO N . 4.01 54.83 -2.49
C3B PIO N . 5.23 52.25 -5.56
C3C PIO N . 7.16 55.96 -5.70
O3C PIO N . 6.74 54.59 -5.87
O41 PIO N . 13.08 63.26 -5.77
O42 PIO N . 15.57 62.95 -5.80
O43 PIO N . 14.47 64.44 -4.11
C4A PIO N . 3.43 53.85 -1.50
C4B PIO N . 4.64 50.85 -5.69
O51 PIO N . 16.65 60.81 -1.18
O52 PIO N . 18.35 60.68 -2.97
O53 PIO N . 17.53 58.58 -1.89
C5A PIO N . 2.94 52.55 -2.12
C5B PIO N . 4.76 50.01 -4.42
C6A PIO N . 2.81 51.42 -1.12
C6B PIO N . 4.32 48.57 -4.60
C7A PIO N . 2.26 50.14 -1.68
C7B PIO N . 4.57 47.68 -3.39
C8A PIO N . 2.25 49.00 -0.67
C8B PIO N . 4.18 46.23 -3.62
C01 RI5 O . 20.66 27.33 -1.97
C02 RI5 O . 20.50 28.55 -2.80
C03 RI5 O . 20.34 28.46 -4.12
C04 RI5 O . 20.48 29.82 -1.98
C05 RI5 O . 20.52 31.23 -2.61
C06 RI5 O . 21.79 31.56 -3.39
C07 RI5 O . 23.09 31.03 -2.64
C08 RI5 O . 22.95 30.20 -1.32
C09 RI5 O . 21.48 30.07 -0.84
C10 RI5 O . 21.00 31.42 -0.38
O11 RI5 O . 21.00 31.91 0.72
O12 RI5 O . 20.47 32.10 -1.44
C13 RI5 O . 23.92 30.88 -0.32
C14 RI5 O . 24.30 32.23 -0.92
C15 RI5 O . 23.80 32.31 -2.29
O16 RI5 O . 25.20 32.15 -2.04
C17 RI5 O . 23.23 33.34 -3.22
O18 RI5 O . 23.74 34.32 -3.68
O19 RI5 O . 21.96 33.01 -3.48
O20 RI5 O . 23.49 28.90 -1.53
C21 RI5 O . 23.86 30.25 -3.70
C1 PIO P . 46.75 36.86 -16.75
O1 PIO P . 45.84 35.87 -16.24
P1 PIO P . 45.36 34.62 -17.13
C2 PIO P . 48.18 36.40 -16.52
O2 PIO P . 48.41 36.16 -15.14
C3 PIO P . 49.16 37.43 -17.05
O3 PIO P . 50.50 37.00 -16.83
C4 PIO P . 48.92 38.77 -16.35
O4 PIO P . 49.82 39.76 -16.91
P4 PIO P . 51.32 40.18 -16.55
C5 PIO P . 47.48 39.23 -16.54
O5 PIO P . 47.29 40.45 -15.80
P5 PIO P . 46.26 41.64 -16.14
C6 PIO P . 46.48 38.19 -16.04
O6 PIO P . 45.15 38.61 -16.29
O11 PIO P . 44.16 33.99 -16.43
O12 PIO P . 45.12 35.02 -18.53
O13 PIO P . 46.57 33.58 -17.01
C1A PIO P . 47.38 30.67 -19.92
O1A PIO P . 48.05 31.58 -20.32
C1B PIO P . 48.40 28.78 -15.40
O1B PIO P . 49.56 28.95 -15.14
C1C PIO P . 46.34 32.16 -17.06
C2A PIO P . 46.77 29.61 -20.78
C2B PIO P . 47.59 27.61 -14.97
C2C PIO P . 47.54 31.50 -17.67
O2C PIO P . 47.08 30.49 -18.63
C3A PIO P . 46.58 28.28 -20.06
C3B PIO P . 46.35 27.36 -15.83
C3C PIO P . 48.39 30.81 -16.63
O3C PIO P . 47.69 29.65 -16.13
O41 PIO P . 52.10 38.88 -16.36
O42 PIO P . 51.34 41.03 -15.34
O43 PIO P . 51.87 40.88 -17.79
C4A PIO P . 45.44 27.47 -20.65
C4B PIO P . 45.62 26.08 -15.46
O51 PIO P . 46.63 42.16 -17.52
O52 PIO P . 46.53 42.76 -15.13
O53 PIO P . 44.87 41.14 -16.07
C5A PIO P . 45.00 26.30 -19.79
C5B PIO P . 44.24 25.95 -16.10
C6A PIO P . 43.74 25.62 -20.31
C6B PIO P . 43.42 24.78 -15.56
C7A PIO P . 43.30 24.42 -19.49
C7B PIO P . 41.98 24.76 -16.02
C8A PIO P . 42.04 23.78 -20.04
C8B PIO P . 41.16 23.66 -15.38
#